data_5YTS
# 
_entry.id   5YTS 
# 
_audit_conform.dict_name       mmcif_pdbx.dic 
_audit_conform.dict_version    5.380 
_audit_conform.dict_location   http://mmcif.pdb.org/dictionaries/ascii/mmcif_pdbx.dic 
# 
loop_
_database_2.database_id 
_database_2.database_code 
_database_2.pdbx_database_accession 
_database_2.pdbx_DOI 
PDB   5YTS         pdb_00005yts 10.2210/pdb5yts/pdb 
WWPDB D_1300005399 ?            ?                   
# 
loop_
_pdbx_database_related.db_name 
_pdbx_database_related.details 
_pdbx_database_related.db_id 
_pdbx_database_related.content_type 
PDB . 5YTT unspecified 
PDB . 5YTV unspecified 
PDB . 5YTX unspecified 
# 
_pdbx_database_status.status_code                     REL 
_pdbx_database_status.status_code_sf                  REL 
_pdbx_database_status.status_code_mr                  ? 
_pdbx_database_status.entry_id                        5YTS 
_pdbx_database_status.recvd_initial_deposition_date   2017-11-20 
_pdbx_database_status.SG_entry                        N 
_pdbx_database_status.deposit_site                    PDBJ 
_pdbx_database_status.process_site                    PDBJ 
_pdbx_database_status.status_code_cs                  ? 
_pdbx_database_status.methods_development_category    ? 
_pdbx_database_status.pdb_format_compatible           Y 
_pdbx_database_status.status_code_nmr_data            ? 
# 
loop_
_audit_author.name 
_audit_author.pdbx_ordinal 
_audit_author.identifier_ORCID 
'Yang, X.'  1 ? 
'Huang, Y.' 2 ? 
# 
_citation.abstract                  ? 
_citation.abstract_id_CAS           ? 
_citation.book_id_ISBN              ? 
_citation.book_publisher            ? 
_citation.book_publisher_city       ? 
_citation.book_title                ? 
_citation.coordinate_linkage        ? 
_citation.country                   US 
_citation.database_id_Medline       ? 
_citation.details                   ? 
_citation.id                        primary 
_citation.journal_abbrev            J.Biol.Chem. 
_citation.journal_id_ASTM           JBCHA3 
_citation.journal_id_CSD            0071 
_citation.journal_id_ISSN           1083-351X 
_citation.journal_full              ? 
_citation.journal_issue             ? 
_citation.journal_volume            294 
_citation.language                  ? 
_citation.page_first                10998 
_citation.page_last                 11010 
_citation.title                     
'Crystal structure of a Y-box binding protein 1 (YB-1)-RNA complex reveals key features and residues interacting with RNA.' 
_citation.year                      2019 
_citation.database_id_CSD           ? 
_citation.pdbx_database_id_DOI      10.1074/jbc.RA119.007545 
_citation.pdbx_database_id_PubMed   31160337 
_citation.unpublished_flag          ? 
# 
loop_
_citation_author.citation_id 
_citation_author.name 
_citation_author.ordinal 
_citation_author.identifier_ORCID 
primary 'Yang, X.J.' 1 ?                   
primary 'Zhu, H.'    2 ?                   
primary 'Mu, S.R.'   3 ?                   
primary 'Wei, W.J.'  4 ?                   
primary 'Yuan, X.'   5 ?                   
primary 'Wang, M.'   6 ?                   
primary 'Liu, Y.'    7 0000-0002-6647-8491 
primary 'Hui, J.'    8 0000-0002-1999-4776 
primary 'Huang, Y.'  9 0000-0002-2806-2874 
# 
_cell.angle_alpha                  90.00 
_cell.angle_alpha_esd              ? 
_cell.angle_beta                   90.00 
_cell.angle_beta_esd               ? 
_cell.angle_gamma                  120.00 
_cell.angle_gamma_esd              ? 
_cell.entry_id                     5YTS 
_cell.details                      ? 
_cell.formula_units_Z              ? 
_cell.length_a                     65.711 
_cell.length_a_esd                 ? 
_cell.length_b                     65.711 
_cell.length_b_esd                 ? 
_cell.length_c                     36.967 
_cell.length_c_esd                 ? 
_cell.volume                       ? 
_cell.volume_esd                   ? 
_cell.Z_PDB                        6 
_cell.reciprocal_angle_alpha       ? 
_cell.reciprocal_angle_beta        ? 
_cell.reciprocal_angle_gamma       ? 
_cell.reciprocal_angle_alpha_esd   ? 
_cell.reciprocal_angle_beta_esd    ? 
_cell.reciprocal_angle_gamma_esd   ? 
_cell.reciprocal_length_a          ? 
_cell.reciprocal_length_b          ? 
_cell.reciprocal_length_c          ? 
_cell.reciprocal_length_a_esd      ? 
_cell.reciprocal_length_b_esd      ? 
_cell.reciprocal_length_c_esd      ? 
_cell.pdbx_unique_axis             ? 
# 
_symmetry.entry_id                         5YTS 
_symmetry.cell_setting                     ? 
_symmetry.Int_Tables_number                171 
_symmetry.space_group_name_Hall            ? 
_symmetry.space_group_name_H-M             'P 62' 
_symmetry.pdbx_full_space_group_name_H-M   ? 
# 
loop_
_entity.id 
_entity.type 
_entity.src_method 
_entity.pdbx_description 
_entity.formula_weight 
_entity.pdbx_number_of_molecules 
_entity.pdbx_ec 
_entity.pdbx_mutation 
_entity.pdbx_fragment 
_entity.details 
1 polymer     man 'Nuclease-sensitive element-binding protein 1' 8997.026 1  ? ? ? ? 
2 polymer     syn 
;RNA (5'-R(P*CP*UP*UP*C)-3')
;
1790.069 1  ? ? ? ? 
3 non-polymer syn 'SULFATE ION'                                  96.063   1  ? ? ? ? 
4 water       nat water                                          18.015   57 ? ? ? ? 
# 
_entity_name_com.entity_id   1 
_entity_name_com.name        
;CCAAT-binding transcription factor I subunit A,CBF-A,DNA-binding protein B,DBPB,Enhancer factor I subunit A,EFI-A,Y-box transcription factor,Y-box-binding protein 1,YB-1
;
# 
loop_
_entity_poly.entity_id 
_entity_poly.type 
_entity_poly.nstd_linkage 
_entity_poly.nstd_monomer 
_entity_poly.pdbx_seq_one_letter_code 
_entity_poly.pdbx_seq_one_letter_code_can 
_entity_poly.pdbx_strand_id 
_entity_poly.pdbx_target_identifier 
1 'polypeptide(L)'   no no 
;GSGDKKVIATKVLGTVKWFNVRNGYGFINRNDTKEDVFVHQTAIKKNNPRKYLRSVGDGETVEFDVVEGEKGAEAANVTG
PGG
;
;GSGDKKVIATKVLGTVKWFNVRNGYGFINRNDTKEDVFVHQTAIKKNNPRKYLRSVGDGETVEFDVVEGEKGAEAANVTG
PGG
;
A ? 
2 polyribonucleotide no no UCUUCU                                                                                 UCUUCU B ? 
# 
loop_
_entity_poly_seq.entity_id 
_entity_poly_seq.num 
_entity_poly_seq.mon_id 
_entity_poly_seq.hetero 
1 1  GLY n 
1 2  SER n 
1 3  GLY n 
1 4  ASP n 
1 5  LYS n 
1 6  LYS n 
1 7  VAL n 
1 8  ILE n 
1 9  ALA n 
1 10 THR n 
1 11 LYS n 
1 12 VAL n 
1 13 LEU n 
1 14 GLY n 
1 15 THR n 
1 16 VAL n 
1 17 LYS n 
1 18 TRP n 
1 19 PHE n 
1 20 ASN n 
1 21 VAL n 
1 22 ARG n 
1 23 ASN n 
1 24 GLY n 
1 25 TYR n 
1 26 GLY n 
1 27 PHE n 
1 28 ILE n 
1 29 ASN n 
1 30 ARG n 
1 31 ASN n 
1 32 ASP n 
1 33 THR n 
1 34 LYS n 
1 35 GLU n 
1 36 ASP n 
1 37 VAL n 
1 38 PHE n 
1 39 VAL n 
1 40 HIS n 
1 41 GLN n 
1 42 THR n 
1 43 ALA n 
1 44 ILE n 
1 45 LYS n 
1 46 LYS n 
1 47 ASN n 
1 48 ASN n 
1 49 PRO n 
1 50 ARG n 
1 51 LYS n 
1 52 TYR n 
1 53 LEU n 
1 54 ARG n 
1 55 SER n 
1 56 VAL n 
1 57 GLY n 
1 58 ASP n 
1 59 GLY n 
1 60 GLU n 
1 61 THR n 
1 62 VAL n 
1 63 GLU n 
1 64 PHE n 
1 65 ASP n 
1 66 VAL n 
1 67 VAL n 
1 68 GLU n 
1 69 GLY n 
1 70 GLU n 
1 71 LYS n 
1 72 GLY n 
1 73 ALA n 
1 74 GLU n 
1 75 ALA n 
1 76 ALA n 
1 77 ASN n 
1 78 VAL n 
1 79 THR n 
1 80 GLY n 
1 81 PRO n 
1 82 GLY n 
1 83 GLY n 
2 1  U   n 
2 2  C   n 
2 3  U   n 
2 4  U   n 
2 5  C   n 
2 6  U   n 
# 
_entity_src_gen.entity_id                          1 
_entity_src_gen.pdbx_src_id                        1 
_entity_src_gen.pdbx_alt_source_flag               sample 
_entity_src_gen.pdbx_seq_type                      'Biological sequence' 
_entity_src_gen.pdbx_beg_seq_num                   1 
_entity_src_gen.pdbx_end_seq_num                   83 
_entity_src_gen.gene_src_common_name               Human 
_entity_src_gen.gene_src_genus                     ? 
_entity_src_gen.pdbx_gene_src_gene                 'YBX1, NSEP1, YB1' 
_entity_src_gen.gene_src_species                   ? 
_entity_src_gen.gene_src_strain                    ? 
_entity_src_gen.gene_src_tissue                    ? 
_entity_src_gen.gene_src_tissue_fraction           ? 
_entity_src_gen.gene_src_details                   ? 
_entity_src_gen.pdbx_gene_src_fragment             ? 
_entity_src_gen.pdbx_gene_src_scientific_name      'Homo sapiens' 
_entity_src_gen.pdbx_gene_src_ncbi_taxonomy_id     9606 
_entity_src_gen.pdbx_gene_src_variant              ? 
_entity_src_gen.pdbx_gene_src_cell_line            ? 
_entity_src_gen.pdbx_gene_src_atcc                 ? 
_entity_src_gen.pdbx_gene_src_organ                ? 
_entity_src_gen.pdbx_gene_src_organelle            ? 
_entity_src_gen.pdbx_gene_src_cell                 ? 
_entity_src_gen.pdbx_gene_src_cellular_location    ? 
_entity_src_gen.host_org_common_name               ? 
_entity_src_gen.pdbx_host_org_scientific_name      'Escherichia coli' 
_entity_src_gen.pdbx_host_org_ncbi_taxonomy_id     562 
_entity_src_gen.host_org_genus                     ? 
_entity_src_gen.pdbx_host_org_gene                 ? 
_entity_src_gen.pdbx_host_org_organ                ? 
_entity_src_gen.host_org_species                   ? 
_entity_src_gen.pdbx_host_org_tissue               ? 
_entity_src_gen.pdbx_host_org_tissue_fraction      ? 
_entity_src_gen.pdbx_host_org_strain               ? 
_entity_src_gen.pdbx_host_org_variant              ? 
_entity_src_gen.pdbx_host_org_cell_line            ? 
_entity_src_gen.pdbx_host_org_atcc                 ? 
_entity_src_gen.pdbx_host_org_culture_collection   ? 
_entity_src_gen.pdbx_host_org_cell                 ? 
_entity_src_gen.pdbx_host_org_organelle            ? 
_entity_src_gen.pdbx_host_org_cellular_location    ? 
_entity_src_gen.pdbx_host_org_vector_type          ? 
_entity_src_gen.pdbx_host_org_vector               ? 
_entity_src_gen.host_org_details                   ? 
_entity_src_gen.expression_system_id               ? 
_entity_src_gen.plasmid_name                       ? 
_entity_src_gen.plasmid_details                    ? 
_entity_src_gen.pdbx_description                   ? 
# 
_pdbx_entity_src_syn.entity_id              2 
_pdbx_entity_src_syn.pdbx_src_id            1 
_pdbx_entity_src_syn.pdbx_alt_source_flag   sample 
_pdbx_entity_src_syn.pdbx_beg_seq_num       ? 
_pdbx_entity_src_syn.pdbx_end_seq_num       ? 
_pdbx_entity_src_syn.organism_scientific    'synthetic construct' 
_pdbx_entity_src_syn.organism_common_name   ? 
_pdbx_entity_src_syn.ncbi_taxonomy_id       32630 
_pdbx_entity_src_syn.details                ? 
# 
loop_
_struct_ref.id 
_struct_ref.db_name 
_struct_ref.db_code 
_struct_ref.pdbx_db_accession 
_struct_ref.pdbx_db_isoform 
_struct_ref.entity_id 
_struct_ref.pdbx_seq_one_letter_code 
_struct_ref.pdbx_align_begin 
1 UNP YBOX1_HUMAN P67809 ? 1 
;GDKKVIATKVLGTVKWFNVRNGYGFINRNDTKEDVFVHQTAIKKNNPRKYLRSVGDGETVEFDVVEGEKGAEAANVTGPG
G
;
50 
2 PDB 5YTS        5YTS   ? 2 ?                                                                                    1  
# 
loop_
_struct_ref_seq.align_id 
_struct_ref_seq.ref_id 
_struct_ref_seq.pdbx_PDB_id_code 
_struct_ref_seq.pdbx_strand_id 
_struct_ref_seq.seq_align_beg 
_struct_ref_seq.pdbx_seq_align_beg_ins_code 
_struct_ref_seq.seq_align_end 
_struct_ref_seq.pdbx_seq_align_end_ins_code 
_struct_ref_seq.pdbx_db_accession 
_struct_ref_seq.db_align_beg 
_struct_ref_seq.pdbx_db_align_beg_ins_code 
_struct_ref_seq.db_align_end 
_struct_ref_seq.pdbx_db_align_end_ins_code 
_struct_ref_seq.pdbx_auth_seq_align_beg 
_struct_ref_seq.pdbx_auth_seq_align_end 
1 1 5YTS A 3 ? 83 ? P67809 50 ? 130 ? 50 130 
2 2 5YTS B 1 ? 6  ? 5YTS   1  ? 6   ? 1  6   
# 
loop_
_struct_ref_seq_dif.align_id 
_struct_ref_seq_dif.pdbx_pdb_id_code 
_struct_ref_seq_dif.mon_id 
_struct_ref_seq_dif.pdbx_pdb_strand_id 
_struct_ref_seq_dif.seq_num 
_struct_ref_seq_dif.pdbx_pdb_ins_code 
_struct_ref_seq_dif.pdbx_seq_db_name 
_struct_ref_seq_dif.pdbx_seq_db_accession_code 
_struct_ref_seq_dif.db_mon_id 
_struct_ref_seq_dif.pdbx_seq_db_seq_num 
_struct_ref_seq_dif.details 
_struct_ref_seq_dif.pdbx_auth_seq_num 
_struct_ref_seq_dif.pdbx_ordinal 
1 5YTS GLY A 1 ? UNP P67809 ? ? 'expression tag' 48 1 
1 5YTS SER A 2 ? UNP P67809 ? ? 'expression tag' 49 2 
# 
loop_
_chem_comp.id 
_chem_comp.type 
_chem_comp.mon_nstd_flag 
_chem_comp.name 
_chem_comp.pdbx_synonyms 
_chem_comp.formula 
_chem_comp.formula_weight 
ALA 'L-peptide linking' y ALANINE                     ? 'C3 H7 N O2'     89.093  
ARG 'L-peptide linking' y ARGININE                    ? 'C6 H15 N4 O2 1' 175.209 
ASN 'L-peptide linking' y ASPARAGINE                  ? 'C4 H8 N2 O3'    132.118 
ASP 'L-peptide linking' y 'ASPARTIC ACID'             ? 'C4 H7 N O4'     133.103 
C   'RNA linking'       y "CYTIDINE-5'-MONOPHOSPHATE" ? 'C9 H14 N3 O8 P' 323.197 
GLN 'L-peptide linking' y GLUTAMINE                   ? 'C5 H10 N2 O3'   146.144 
GLU 'L-peptide linking' y 'GLUTAMIC ACID'             ? 'C5 H9 N O4'     147.129 
GLY 'peptide linking'   y GLYCINE                     ? 'C2 H5 N O2'     75.067  
HIS 'L-peptide linking' y HISTIDINE                   ? 'C6 H10 N3 O2 1' 156.162 
HOH non-polymer         . WATER                       ? 'H2 O'           18.015  
ILE 'L-peptide linking' y ISOLEUCINE                  ? 'C6 H13 N O2'    131.173 
LEU 'L-peptide linking' y LEUCINE                     ? 'C6 H13 N O2'    131.173 
LYS 'L-peptide linking' y LYSINE                      ? 'C6 H15 N2 O2 1' 147.195 
PHE 'L-peptide linking' y PHENYLALANINE               ? 'C9 H11 N O2'    165.189 
PRO 'L-peptide linking' y PROLINE                     ? 'C5 H9 N O2'     115.130 
SER 'L-peptide linking' y SERINE                      ? 'C3 H7 N O3'     105.093 
SO4 non-polymer         . 'SULFATE ION'               ? 'O4 S -2'        96.063  
THR 'L-peptide linking' y THREONINE                   ? 'C4 H9 N O3'     119.119 
TRP 'L-peptide linking' y TRYPTOPHAN                  ? 'C11 H12 N2 O2'  204.225 
TYR 'L-peptide linking' y TYROSINE                    ? 'C9 H11 N O3'    181.189 
U   'RNA linking'       y "URIDINE-5'-MONOPHOSPHATE"  ? 'C9 H13 N2 O9 P' 324.181 
VAL 'L-peptide linking' y VALINE                      ? 'C5 H11 N O2'    117.146 
# 
_exptl.absorpt_coefficient_mu     ? 
_exptl.absorpt_correction_T_max   ? 
_exptl.absorpt_correction_T_min   ? 
_exptl.absorpt_correction_type    ? 
_exptl.absorpt_process_details    ? 
_exptl.entry_id                   5YTS 
_exptl.crystals_number            1 
_exptl.details                    ? 
_exptl.method                     'X-RAY DIFFRACTION' 
_exptl.method_details             ? 
# 
_exptl_crystal.colour                      ? 
_exptl_crystal.density_diffrn              ? 
_exptl_crystal.density_Matthews            2.14 
_exptl_crystal.density_method              ? 
_exptl_crystal.density_percent_sol         42.41 
_exptl_crystal.description                 ? 
_exptl_crystal.F_000                       ? 
_exptl_crystal.id                          1 
_exptl_crystal.preparation                 ? 
_exptl_crystal.size_max                    ? 
_exptl_crystal.size_mid                    ? 
_exptl_crystal.size_min                    ? 
_exptl_crystal.size_rad                    ? 
_exptl_crystal.colour_lustre               ? 
_exptl_crystal.colour_modifier             ? 
_exptl_crystal.colour_primary              ? 
_exptl_crystal.density_meas                ? 
_exptl_crystal.density_meas_esd            ? 
_exptl_crystal.density_meas_gt             ? 
_exptl_crystal.density_meas_lt             ? 
_exptl_crystal.density_meas_temp           ? 
_exptl_crystal.density_meas_temp_esd       ? 
_exptl_crystal.density_meas_temp_gt        ? 
_exptl_crystal.density_meas_temp_lt        ? 
_exptl_crystal.pdbx_crystal_image_url      ? 
_exptl_crystal.pdbx_crystal_image_format   ? 
_exptl_crystal.pdbx_mosaicity              ? 
_exptl_crystal.pdbx_mosaicity_esd          ? 
# 
_exptl_crystal_grow.apparatus       ? 
_exptl_crystal_grow.atmosphere      ? 
_exptl_crystal_grow.crystal_id      1 
_exptl_crystal_grow.details         ? 
_exptl_crystal_grow.method          'VAPOR DIFFUSION, HANGING DROP' 
_exptl_crystal_grow.method_ref      ? 
_exptl_crystal_grow.pH              4.5 
_exptl_crystal_grow.pressure        ? 
_exptl_crystal_grow.pressure_esd    ? 
_exptl_crystal_grow.seeding         ? 
_exptl_crystal_grow.seeding_ref     ? 
_exptl_crystal_grow.temp            290 
_exptl_crystal_grow.temp_details    ? 
_exptl_crystal_grow.temp_esd        ? 
_exptl_crystal_grow.time            ? 
_exptl_crystal_grow.pdbx_details    '30 % (v/v) 2-methyl-2,4-pentanediol, 0.1 M sodium acetate, pH 4.5, 25 % (w/v) PEG 1500' 
_exptl_crystal_grow.pdbx_pH_range   ? 
# 
_diffrn.ambient_environment    ? 
_diffrn.ambient_temp           100 
_diffrn.ambient_temp_details   ? 
_diffrn.ambient_temp_esd       ? 
_diffrn.crystal_id             1 
_diffrn.crystal_support        ? 
_diffrn.crystal_treatment      ? 
_diffrn.details                ? 
_diffrn.id                     1 
_diffrn.ambient_pressure       ? 
_diffrn.ambient_pressure_esd   ? 
_diffrn.ambient_pressure_gt    ? 
_diffrn.ambient_pressure_lt    ? 
_diffrn.ambient_temp_gt        ? 
_diffrn.ambient_temp_lt        ? 
# 
_diffrn_detector.details                      ? 
_diffrn_detector.detector                     CCD 
_diffrn_detector.diffrn_id                    1 
_diffrn_detector.type                         'ADSC QUANTUM 315' 
_diffrn_detector.area_resol_mean              ? 
_diffrn_detector.dtime                        ? 
_diffrn_detector.pdbx_frames_total            ? 
_diffrn_detector.pdbx_collection_time_total   ? 
_diffrn_detector.pdbx_collection_date         2014-12-12 
# 
_diffrn_radiation.collimation                      ? 
_diffrn_radiation.diffrn_id                        1 
_diffrn_radiation.filter_edge                      ? 
_diffrn_radiation.inhomogeneity                    ? 
_diffrn_radiation.monochromator                    ? 
_diffrn_radiation.polarisn_norm                    ? 
_diffrn_radiation.polarisn_ratio                   ? 
_diffrn_radiation.probe                            ? 
_diffrn_radiation.type                             ? 
_diffrn_radiation.xray_symbol                      ? 
_diffrn_radiation.wavelength_id                    1 
_diffrn_radiation.pdbx_monochromatic_or_laue_m_l   M 
_diffrn_radiation.pdbx_wavelength_list             ? 
_diffrn_radiation.pdbx_wavelength                  ? 
_diffrn_radiation.pdbx_diffrn_protocol             'SINGLE WAVELENGTH' 
_diffrn_radiation.pdbx_analyzer                    ? 
_diffrn_radiation.pdbx_scattering_type             x-ray 
# 
_diffrn_radiation_wavelength.id           1 
_diffrn_radiation_wavelength.wavelength   0.9790 
_diffrn_radiation_wavelength.wt           1.0 
# 
_diffrn_source.current                     ? 
_diffrn_source.details                     ? 
_diffrn_source.diffrn_id                   1 
_diffrn_source.power                       ? 
_diffrn_source.size                        ? 
_diffrn_source.source                      SYNCHROTRON 
_diffrn_source.target                      ? 
_diffrn_source.type                        'SSRF BEAMLINE BL17U1' 
_diffrn_source.voltage                     ? 
_diffrn_source.take-off_angle              ? 
_diffrn_source.pdbx_wavelength_list        0.9790 
_diffrn_source.pdbx_wavelength             ? 
_diffrn_source.pdbx_synchrotron_beamline   BL17U1 
_diffrn_source.pdbx_synchrotron_site       SSRF 
# 
_reflns.B_iso_Wilson_estimate            ? 
_reflns.entry_id                         5YTS 
_reflns.data_reduction_details           ? 
_reflns.data_reduction_method            ? 
_reflns.d_resolution_high                1.77 
_reflns.d_resolution_low                 50 
_reflns.details                          ? 
_reflns.limit_h_max                      ? 
_reflns.limit_h_min                      ? 
_reflns.limit_k_max                      ? 
_reflns.limit_k_min                      ? 
_reflns.limit_l_max                      ? 
_reflns.limit_l_min                      ? 
_reflns.number_all                       ? 
_reflns.number_obs                       16820 
_reflns.observed_criterion               ? 
_reflns.observed_criterion_F_max         ? 
_reflns.observed_criterion_F_min         ? 
_reflns.observed_criterion_I_max         ? 
_reflns.observed_criterion_I_min         ? 
_reflns.observed_criterion_sigma_F       ? 
_reflns.observed_criterion_sigma_I       ? 
_reflns.percent_possible_obs             99.0 
_reflns.R_free_details                   ? 
_reflns.Rmerge_F_all                     ? 
_reflns.Rmerge_F_obs                     ? 
_reflns.Friedel_coverage                 ? 
_reflns.number_gt                        ? 
_reflns.threshold_expression             ? 
_reflns.pdbx_redundancy                  7.3 
_reflns.pdbx_Rmerge_I_obs                ? 
_reflns.pdbx_Rmerge_I_all                ? 
_reflns.pdbx_Rsym_value                  ? 
_reflns.pdbx_netI_over_av_sigmaI         ? 
_reflns.pdbx_netI_over_sigmaI            30.7 
_reflns.pdbx_res_netI_over_av_sigmaI_2   ? 
_reflns.pdbx_res_netI_over_sigmaI_2      ? 
_reflns.pdbx_chi_squared                 ? 
_reflns.pdbx_scaling_rejects             ? 
_reflns.pdbx_d_res_high_opt              ? 
_reflns.pdbx_d_res_low_opt               ? 
_reflns.pdbx_d_res_opt_method            ? 
_reflns.phase_calculation_details        ? 
_reflns.pdbx_Rrim_I_all                  ? 
_reflns.pdbx_Rpim_I_all                  ? 
_reflns.pdbx_d_opt                       ? 
_reflns.pdbx_number_measured_all         ? 
_reflns.pdbx_diffrn_id                   1 
_reflns.pdbx_ordinal                     1 
_reflns.pdbx_CC_half                     ? 
_reflns.pdbx_R_split                     ? 
# 
_reflns_shell.d_res_high                  . 
_reflns_shell.d_res_low                   ? 
_reflns_shell.meanI_over_sigI_all         ? 
_reflns_shell.meanI_over_sigI_obs         ? 
_reflns_shell.number_measured_all         ? 
_reflns_shell.number_measured_obs         ? 
_reflns_shell.number_possible             ? 
_reflns_shell.number_unique_all           ? 
_reflns_shell.number_unique_obs           ? 
_reflns_shell.percent_possible_all        ? 
_reflns_shell.percent_possible_obs        ? 
_reflns_shell.Rmerge_F_all                ? 
_reflns_shell.Rmerge_F_obs                ? 
_reflns_shell.Rmerge_I_all                ? 
_reflns_shell.Rmerge_I_obs                ? 
_reflns_shell.meanI_over_sigI_gt          ? 
_reflns_shell.meanI_over_uI_all           ? 
_reflns_shell.meanI_over_uI_gt            ? 
_reflns_shell.number_measured_gt          ? 
_reflns_shell.number_unique_gt            ? 
_reflns_shell.percent_possible_gt         ? 
_reflns_shell.Rmerge_F_gt                 ? 
_reflns_shell.Rmerge_I_gt                 ? 
_reflns_shell.pdbx_redundancy             ? 
_reflns_shell.pdbx_Rsym_value             ? 
_reflns_shell.pdbx_chi_squared            ? 
_reflns_shell.pdbx_netI_over_sigmaI_all   ? 
_reflns_shell.pdbx_netI_over_sigmaI_obs   ? 
_reflns_shell.pdbx_Rrim_I_all             ? 
_reflns_shell.pdbx_Rpim_I_all             ? 
_reflns_shell.pdbx_rejects                ? 
_reflns_shell.pdbx_ordinal                1 
_reflns_shell.pdbx_diffrn_id              1 
_reflns_shell.pdbx_CC_half                ? 
_reflns_shell.pdbx_R_split                ? 
# 
_refine.aniso_B[1][1]                            ? 
_refine.aniso_B[1][2]                            ? 
_refine.aniso_B[1][3]                            ? 
_refine.aniso_B[2][2]                            ? 
_refine.aniso_B[2][3]                            ? 
_refine.aniso_B[3][3]                            ? 
_refine.B_iso_max                                ? 
_refine.B_iso_mean                               ? 
_refine.B_iso_min                                ? 
_refine.correlation_coeff_Fo_to_Fc               ? 
_refine.correlation_coeff_Fo_to_Fc_free          ? 
_refine.details                                  ? 
_refine.diff_density_max                         ? 
_refine.diff_density_max_esd                     ? 
_refine.diff_density_min                         ? 
_refine.diff_density_min_esd                     ? 
_refine.diff_density_rms                         ? 
_refine.diff_density_rms_esd                     ? 
_refine.entry_id                                 5YTS 
_refine.pdbx_refine_id                           'X-RAY DIFFRACTION' 
_refine.ls_abs_structure_details                 ? 
_refine.ls_abs_structure_Flack                   ? 
_refine.ls_abs_structure_Flack_esd               ? 
_refine.ls_abs_structure_Rogers                  ? 
_refine.ls_abs_structure_Rogers_esd              ? 
_refine.ls_d_res_high                            1.77 
_refine.ls_d_res_low                             30 
_refine.ls_extinction_coef                       ? 
_refine.ls_extinction_coef_esd                   ? 
_refine.ls_extinction_expression                 ? 
_refine.ls_extinction_method                     ? 
_refine.ls_goodness_of_fit_all                   ? 
_refine.ls_goodness_of_fit_all_esd               ? 
_refine.ls_goodness_of_fit_obs                   ? 
_refine.ls_goodness_of_fit_obs_esd               ? 
_refine.ls_hydrogen_treatment                    ? 
_refine.ls_matrix_type                           ? 
_refine.ls_number_constraints                    ? 
_refine.ls_number_parameters                     ? 
_refine.ls_number_reflns_all                     ? 
_refine.ls_number_reflns_obs                     8943 
_refine.ls_number_reflns_R_free                  886 
_refine.ls_number_reflns_R_work                  ? 
_refine.ls_number_restraints                     ? 
_refine.ls_percent_reflns_obs                    98.97 
_refine.ls_percent_reflns_R_free                 9.92 
_refine.ls_R_factor_all                          ? 
_refine.ls_R_factor_obs                          0.1912 
_refine.ls_R_factor_R_free                       0.227 
_refine.ls_R_factor_R_free_error                 ? 
_refine.ls_R_factor_R_free_error_details         ? 
_refine.ls_R_factor_R_work                       0.187 
_refine.ls_R_Fsqd_factor_obs                     ? 
_refine.ls_R_I_factor_obs                        ? 
_refine.ls_redundancy_reflns_all                 ? 
_refine.ls_redundancy_reflns_obs                 ? 
_refine.ls_restrained_S_all                      ? 
_refine.ls_restrained_S_obs                      ? 
_refine.ls_shift_over_esd_max                    ? 
_refine.ls_shift_over_esd_mean                   ? 
_refine.ls_structure_factor_coef                 ? 
_refine.ls_weighting_details                     ? 
_refine.ls_weighting_scheme                      ? 
_refine.ls_wR_factor_all                         ? 
_refine.ls_wR_factor_obs                         ? 
_refine.ls_wR_factor_R_free                      ? 
_refine.ls_wR_factor_R_work                      ? 
_refine.occupancy_max                            ? 
_refine.occupancy_min                            ? 
_refine.solvent_model_details                    ? 
_refine.solvent_model_param_bsol                 ? 
_refine.solvent_model_param_ksol                 ? 
_refine.ls_R_factor_gt                           ? 
_refine.ls_goodness_of_fit_gt                    ? 
_refine.ls_goodness_of_fit_ref                   ? 
_refine.ls_shift_over_su_max                     ? 
_refine.ls_shift_over_su_max_lt                  ? 
_refine.ls_shift_over_su_mean                    ? 
_refine.ls_shift_over_su_mean_lt                 ? 
_refine.pdbx_ls_sigma_I                          ? 
_refine.pdbx_ls_sigma_F                          1.35 
_refine.pdbx_ls_sigma_Fsqd                       ? 
_refine.pdbx_data_cutoff_high_absF               ? 
_refine.pdbx_data_cutoff_high_rms_absF           ? 
_refine.pdbx_data_cutoff_low_absF                ? 
_refine.pdbx_isotropic_thermal_model             ? 
_refine.pdbx_ls_cross_valid_method               'FREE R-VALUE' 
_refine.pdbx_method_to_determine_struct          'MOLECULAR REPLACEMENT' 
_refine.pdbx_starting_model                      3PF5 
_refine.pdbx_stereochemistry_target_values       ? 
_refine.pdbx_R_Free_selection_details            ? 
_refine.pdbx_stereochem_target_val_spec_case     ? 
_refine.pdbx_overall_ESU_R                       ? 
_refine.pdbx_overall_ESU_R_Free                  ? 
_refine.pdbx_solvent_vdw_probe_radii             1.11 
_refine.pdbx_solvent_ion_probe_radii             ? 
_refine.pdbx_solvent_shrinkage_radii             0.90 
_refine.pdbx_real_space_R                        ? 
_refine.pdbx_density_correlation                 ? 
_refine.pdbx_pd_number_of_powder_patterns        ? 
_refine.pdbx_pd_number_of_points                 ? 
_refine.pdbx_pd_meas_number_of_points            ? 
_refine.pdbx_pd_proc_ls_prof_R_factor            ? 
_refine.pdbx_pd_proc_ls_prof_wR_factor           ? 
_refine.pdbx_pd_Marquardt_correlation_coeff      ? 
_refine.pdbx_pd_Fsqrd_R_factor                   ? 
_refine.pdbx_pd_ls_matrix_band_width             ? 
_refine.pdbx_overall_phase_error                 24.99 
_refine.pdbx_overall_SU_R_free_Cruickshank_DPI   ? 
_refine.pdbx_overall_SU_R_free_Blow_DPI          ? 
_refine.pdbx_overall_SU_R_Blow_DPI               ? 
_refine.pdbx_TLS_residual_ADP_flag               ? 
_refine.pdbx_diffrn_id                           1 
_refine.overall_SU_B                             ? 
_refine.overall_SU_ML                            0.20 
_refine.overall_SU_R_Cruickshank_DPI             ? 
_refine.overall_SU_R_free                        ? 
_refine.overall_FOM_free_R_set                   ? 
_refine.overall_FOM_work_R_set                   ? 
_refine.pdbx_average_fsc_overall                 ? 
_refine.pdbx_average_fsc_work                    ? 
_refine.pdbx_average_fsc_free                    ? 
# 
_refine_hist.pdbx_refine_id                   'X-RAY DIFFRACTION' 
_refine_hist.cycle_id                         LAST 
_refine_hist.pdbx_number_atoms_protein        574 
_refine_hist.pdbx_number_atoms_nucleic_acid   80 
_refine_hist.pdbx_number_atoms_ligand         5 
_refine_hist.number_atoms_solvent             57 
_refine_hist.number_atoms_total               716 
_refine_hist.d_res_high                       1.77 
_refine_hist.d_res_low                        30 
# 
loop_
_refine_ls_restr.pdbx_refine_id 
_refine_ls_restr.criterion 
_refine_ls_restr.dev_ideal 
_refine_ls_restr.dev_ideal_target 
_refine_ls_restr.number 
_refine_ls_restr.rejects 
_refine_ls_restr.type 
_refine_ls_restr.weight 
_refine_ls_restr.pdbx_restraint_function 
'X-RAY DIFFRACTION' ? 0.006  ? 706 ? f_bond_d           ? ? 
'X-RAY DIFFRACTION' ? 0.901  ? 976 ? f_angle_d          ? ? 
'X-RAY DIFFRACTION' ? 13.751 ? 277 ? f_dihedral_angle_d ? ? 
'X-RAY DIFFRACTION' ? 0.036  ? 118 ? f_chiral_restr     ? ? 
'X-RAY DIFFRACTION' ? 0.004  ? 111 ? f_plane_restr      ? ? 
# 
loop_
_refine_ls_shell.pdbx_refine_id 
_refine_ls_shell.d_res_high 
_refine_ls_shell.d_res_low 
_refine_ls_shell.number_reflns_all 
_refine_ls_shell.number_reflns_obs 
_refine_ls_shell.number_reflns_R_free 
_refine_ls_shell.number_reflns_R_work 
_refine_ls_shell.percent_reflns_obs 
_refine_ls_shell.percent_reflns_R_free 
_refine_ls_shell.R_factor_all 
_refine_ls_shell.R_factor_obs 
_refine_ls_shell.R_factor_R_free 
_refine_ls_shell.R_factor_R_free_error 
_refine_ls_shell.R_factor_R_work 
_refine_ls_shell.redundancy_reflns_all 
_refine_ls_shell.redundancy_reflns_obs 
_refine_ls_shell.wR_factor_all 
_refine_ls_shell.wR_factor_obs 
_refine_ls_shell.wR_factor_R_free 
_refine_ls_shell.wR_factor_R_work 
_refine_ls_shell.pdbx_total_number_of_bins_used 
_refine_ls_shell.pdbx_phase_error 
_refine_ls_shell.pdbx_fsc_work 
_refine_ls_shell.pdbx_fsc_free 
'X-RAY DIFFRACTION' 1.7695 1.8803  . . 140 1279 96.00  . . . 0.3227 . 0.2687 . . . . . . . . . . 
'X-RAY DIFFRACTION' 1.8803 2.0255  . . 147 1320 99.00  . . . 0.2628 . 0.2083 . . . . . . . . . . 
'X-RAY DIFFRACTION' 2.0255 2.2293  . . 145 1345 100.00 . . . 0.2314 . 0.1780 . . . . . . . . . . 
'X-RAY DIFFRACTION' 2.2293 2.5517  . . 150 1345 100.00 . . . 0.2409 . 0.1782 . . . . . . . . . . 
'X-RAY DIFFRACTION' 2.5517 3.2145  . . 150 1358 100.00 . . . 0.2321 . 0.1921 . . . . . . . . . . 
'X-RAY DIFFRACTION' 3.2145 32.8611 . . 154 1400 100.00 . . . 0.1985 . 0.1760 . . . . . . . . . . 
# 
_struct.entry_id                     5YTS 
_struct.title                        'Crystal structure of YB1 cold-shock domain in complex with UCUUCU' 
_struct.pdbx_model_details           ? 
_struct.pdbx_formula_weight          ? 
_struct.pdbx_formula_weight_method   ? 
_struct.pdbx_model_type_details      ? 
_struct.pdbx_CASP_flag               N 
# 
_struct_keywords.entry_id        5YTS 
_struct_keywords.text            'YB1, cold-shock domain, CUUC, RNA BINDING PROTEIN, RNA BINDING PROTEIN-RNA complex' 
_struct_keywords.pdbx_keywords   'RNA BINDING PROTEIN/RNA' 
# 
loop_
_struct_asym.id 
_struct_asym.pdbx_blank_PDB_chainid_flag 
_struct_asym.pdbx_modified 
_struct_asym.entity_id 
_struct_asym.details 
A N N 1 ? 
B N N 2 ? 
C N N 3 ? 
D N N 4 ? 
E N N 4 ? 
# 
_struct_conf.conf_type_id            HELX_P 
_struct_conf.id                      HELX_P1 
_struct_conf.pdbx_PDB_helix_id       AA1 
_struct_conf.beg_label_comp_id       THR 
_struct_conf.beg_label_asym_id       A 
_struct_conf.beg_label_seq_id        42 
_struct_conf.pdbx_beg_PDB_ins_code   ? 
_struct_conf.end_label_comp_id       ILE 
_struct_conf.end_label_asym_id       A 
_struct_conf.end_label_seq_id        44 
_struct_conf.pdbx_end_PDB_ins_code   ? 
_struct_conf.beg_auth_comp_id        THR 
_struct_conf.beg_auth_asym_id        A 
_struct_conf.beg_auth_seq_id         89 
_struct_conf.end_auth_comp_id        ILE 
_struct_conf.end_auth_asym_id        A 
_struct_conf.end_auth_seq_id         91 
_struct_conf.pdbx_PDB_helix_class    5 
_struct_conf.details                 ? 
_struct_conf.pdbx_PDB_helix_length   3 
# 
_struct_conf_type.id          HELX_P 
_struct_conf_type.criteria    ? 
_struct_conf_type.reference   ? 
# 
_struct_sheet.id               AA1 
_struct_sheet.type             ? 
_struct_sheet.number_strands   6 
_struct_sheet.details          ? 
# 
loop_
_struct_sheet_order.sheet_id 
_struct_sheet_order.range_id_1 
_struct_sheet_order.range_id_2 
_struct_sheet_order.offset 
_struct_sheet_order.sense 
AA1 1 2 ? anti-parallel 
AA1 2 3 ? anti-parallel 
AA1 3 4 ? parallel      
AA1 4 5 ? anti-parallel 
AA1 5 6 ? anti-parallel 
# 
loop_
_struct_sheet_range.sheet_id 
_struct_sheet_range.id 
_struct_sheet_range.beg_label_comp_id 
_struct_sheet_range.beg_label_asym_id 
_struct_sheet_range.beg_label_seq_id 
_struct_sheet_range.pdbx_beg_PDB_ins_code 
_struct_sheet_range.end_label_comp_id 
_struct_sheet_range.end_label_asym_id 
_struct_sheet_range.end_label_seq_id 
_struct_sheet_range.pdbx_end_PDB_ins_code 
_struct_sheet_range.beg_auth_comp_id 
_struct_sheet_range.beg_auth_asym_id 
_struct_sheet_range.beg_auth_seq_id 
_struct_sheet_range.end_auth_comp_id 
_struct_sheet_range.end_auth_asym_id 
_struct_sheet_range.end_auth_seq_id 
AA1 1 LYS A 6  ? ASN A 20 ? LYS A 53  ASN A 67  
AA1 2 TYR A 25 ? ARG A 30 ? TYR A 72  ARG A 77  
AA1 3 ASP A 36 ? HIS A 40 ? ASP A 83  HIS A 87  
AA1 4 GLY A 72 ? THR A 79 ? GLY A 119 THR A 126 
AA1 5 THR A 61 ? GLY A 69 ? THR A 108 GLY A 116 
AA1 6 LYS A 6  ? ASN A 20 ? LYS A 53  ASN A 67  
# 
loop_
_pdbx_struct_sheet_hbond.sheet_id 
_pdbx_struct_sheet_hbond.range_id_1 
_pdbx_struct_sheet_hbond.range_id_2 
_pdbx_struct_sheet_hbond.range_1_label_atom_id 
_pdbx_struct_sheet_hbond.range_1_label_comp_id 
_pdbx_struct_sheet_hbond.range_1_label_asym_id 
_pdbx_struct_sheet_hbond.range_1_label_seq_id 
_pdbx_struct_sheet_hbond.range_1_PDB_ins_code 
_pdbx_struct_sheet_hbond.range_1_auth_atom_id 
_pdbx_struct_sheet_hbond.range_1_auth_comp_id 
_pdbx_struct_sheet_hbond.range_1_auth_asym_id 
_pdbx_struct_sheet_hbond.range_1_auth_seq_id 
_pdbx_struct_sheet_hbond.range_2_label_atom_id 
_pdbx_struct_sheet_hbond.range_2_label_comp_id 
_pdbx_struct_sheet_hbond.range_2_label_asym_id 
_pdbx_struct_sheet_hbond.range_2_label_seq_id 
_pdbx_struct_sheet_hbond.range_2_PDB_ins_code 
_pdbx_struct_sheet_hbond.range_2_auth_atom_id 
_pdbx_struct_sheet_hbond.range_2_auth_comp_id 
_pdbx_struct_sheet_hbond.range_2_auth_asym_id 
_pdbx_struct_sheet_hbond.range_2_auth_seq_id 
AA1 1 2 N THR A 15 ? N THR A 62  O ASN A 29 ? O ASN A 76  
AA1 2 3 N ILE A 28 ? N ILE A 75  O VAL A 37 ? O VAL A 84  
AA1 3 4 N PHE A 38 ? N PHE A 85  O ALA A 75 ? O ALA A 122 
AA1 4 5 O GLY A 72 ? O GLY A 119 N GLY A 69 ? N GLY A 116 
AA1 5 6 O VAL A 66 ? O VAL A 113 N ILE A 8  ? N ILE A 55  
# 
_atom_sites.entry_id                    5YTS 
_atom_sites.fract_transf_matrix[1][1]   -0.01375547 
_atom_sites.fract_transf_matrix[1][2]   0.01093405 
_atom_sites.fract_transf_matrix[1][3]   -0.00012280 
_atom_sites.fract_transf_matrix[2][1]   -0.01216396 
_atom_sites.fract_transf_matrix[2][2]   -0.00104091 
_atom_sites.fract_transf_matrix[2][3]   0.01263842 
_atom_sites.fract_transf_matrix[3][1]   0.01396614 
_atom_sites.fract_transf_matrix[3][2]   0.01773734 
_atom_sites.fract_transf_matrix[3][3]   0.01490269 
_atom_sites.fract_transf_vector[1]      -0.426506 
_atom_sites.fract_transf_vector[2]      -0.149984 
_atom_sites.fract_transf_vector[3]      -0.989663 
# 
loop_
_atom_type.symbol 
C 
N 
O 
P 
S 
# 
loop_
_atom_site.group_PDB 
_atom_site.id 
_atom_site.type_symbol 
_atom_site.label_atom_id 
_atom_site.label_alt_id 
_atom_site.label_comp_id 
_atom_site.label_asym_id 
_atom_site.label_entity_id 
_atom_site.label_seq_id 
_atom_site.pdbx_PDB_ins_code 
_atom_site.Cartn_x 
_atom_site.Cartn_y 
_atom_site.Cartn_z 
_atom_site.occupancy 
_atom_site.B_iso_or_equiv 
_atom_site.pdbx_formal_charge 
_atom_site.auth_seq_id 
_atom_site.auth_comp_id 
_atom_site.auth_asym_id 
_atom_site.auth_atom_id 
_atom_site.pdbx_PDB_model_num 
ATOM   1   N N     . LYS A 1 5  ? -6.224  11.160  -6.983  1.00 53.79  ? 52  LYS A N     1 
ATOM   2   C CA    . LYS A 1 5  ? -6.614  10.350  -8.132  1.00 47.41  ? 52  LYS A CA    1 
ATOM   3   C C     . LYS A 1 5  ? -5.489  10.301  -9.158  1.00 40.74  ? 52  LYS A C     1 
ATOM   4   O O     . LYS A 1 5  ? -5.429  9.387   -9.986  1.00 45.91  ? 52  LYS A O     1 
ATOM   5   C CB    . LYS A 1 5  ? -7.905  10.895  -8.761  1.00 63.43  ? 52  LYS A CB    1 
ATOM   6   C CG    . LYS A 1 5  ? -8.333  10.188  -10.050 1.00 59.84  ? 52  LYS A CG    1 
ATOM   7   C CD    . LYS A 1 5  ? -9.547  9.303   -9.819  1.00 73.15  ? 52  LYS A CD    1 
ATOM   8   C CE    . LYS A 1 5  ? -10.687 9.663   -10.749 1.00 69.97  ? 52  LYS A CE    1 
ATOM   9   N NZ    . LYS A 1 5  ? -10.417 9.180   -12.127 1.00 72.41  ? 52  LYS A NZ    1 
ATOM   10  N N     . LYS A 1 6  ? -4.581  11.272  -9.105  1.00 43.81  ? 53  LYS A N     1 
ATOM   11  C CA    . LYS A 1 6  ? -3.442  11.253  -10.025 1.00 32.81  ? 53  LYS A CA    1 
ATOM   12  C C     . LYS A 1 6  ? -2.354  10.271  -9.607  1.00 24.44  ? 53  LYS A C     1 
ATOM   13  O O     . LYS A 1 6  ? -1.913  10.246  -8.456  1.00 30.06  ? 53  LYS A O     1 
ATOM   14  C CB    . LYS A 1 6  ? -2.845  12.654  -10.199 1.00 34.67  ? 53  LYS A CB    1 
ATOM   15  C CG    . LYS A 1 6  ? -3.466  13.384  -11.383 1.00 60.04  ? 53  LYS A CG    1 
ATOM   16  C CD    . LYS A 1 6  ? -3.000  14.819  -11.520 1.00 50.07  ? 53  LYS A CD    1 
ATOM   17  C CE    . LYS A 1 6  ? -2.739  15.458  -10.170 1.00 62.06  ? 53  LYS A CE    1 
ATOM   18  N NZ    . LYS A 1 6  ? -3.330  16.831  -10.115 1.00 64.83  ? 53  LYS A NZ    1 
ATOM   19  N N     . VAL A 1 7  ? -1.938  9.466   -10.575 1.00 26.60  ? 54  VAL A N     1 
ATOM   20  C CA    . VAL A 1 7  ? -0.888  8.476   -10.387 1.00 25.08  ? 54  VAL A CA    1 
ATOM   21  C C     . VAL A 1 7  ? 0.473   9.159   -10.351 1.00 30.60  ? 54  VAL A C     1 
ATOM   22  O O     . VAL A 1 7  ? 0.868   9.850   -11.299 1.00 27.30  ? 54  VAL A O     1 
ATOM   23  C CB    . VAL A 1 7  ? -0.932  7.427   -11.506 1.00 27.27  ? 54  VAL A CB    1 
ATOM   24  C CG1   . VAL A 1 7  ? 0.165   6.397   -11.339 1.00 24.56  ? 54  VAL A CG1   1 
ATOM   25  C CG2   . VAL A 1 7  ? -2.303  6.754   -11.542 1.00 28.18  ? 54  VAL A CG2   1 
ATOM   26  N N     . ILE A 1 8  ? 1.180   8.961   -9.248  1.00 24.65  ? 55  ILE A N     1 
ATOM   27  C CA    A ILE A 1 8  ? 2.486   9.562   -9.024  0.58 25.34  ? 55  ILE A CA    1 
ATOM   28  C CA    B ILE A 1 8  ? 2.484   9.569   -9.056  0.42 25.41  ? 55  ILE A CA    1 
ATOM   29  C C     . ILE A 1 8  ? 3.604   8.595   -9.410  1.00 33.20  ? 55  ILE A C     1 
ATOM   30  O O     . ILE A 1 8  ? 4.628   8.992   -9.944  1.00 32.33  ? 55  ILE A O     1 
ATOM   31  C CB    A ILE A 1 8  ? 2.642   9.989   -7.551  0.58 31.13  ? 55  ILE A CB    1 
ATOM   32  C CB    B ILE A 1 8  ? 2.672   10.046  -7.614  0.42 31.02  ? 55  ILE A CB    1 
ATOM   33  C CG1   A ILE A 1 8  ? 1.758   11.199  -7.269  0.58 33.99  ? 55  ILE A CG1   1 
ATOM   34  C CG1   B ILE A 1 8  ? 1.404   10.739  -7.113  0.42 35.35  ? 55  ILE A CG1   1 
ATOM   35  C CG2   A ILE A 1 8  ? 4.082   10.328  -7.224  0.58 32.39  ? 55  ILE A CG2   1 
ATOM   36  C CG2   B ILE A 1 8  ? 3.852   10.982  -7.526  0.42 30.25  ? 55  ILE A CG2   1 
ATOM   37  C CD1   A ILE A 1 8  ? 2.009   12.332  -8.208  0.58 25.98  ? 55  ILE A CD1   1 
ATOM   38  C CD1   B ILE A 1 8  ? 1.456   11.091  -5.650  0.42 25.63  ? 55  ILE A CD1   1 
ATOM   39  N N     . ALA A 1 9  ? 3.404   7.317   -9.127  1.00 23.09  ? 56  ALA A N     1 
ATOM   40  C CA    . ALA A 1 9  ? 4.407   6.308   -9.476  1.00 22.57  ? 56  ALA A CA    1 
ATOM   41  C C     . ALA A 1 9  ? 3.744   4.950   -9.661  1.00 23.67  ? 56  ALA A C     1 
ATOM   42  O O     . ALA A 1 9  ? 2.686   4.695   -9.086  1.00 23.55  ? 56  ALA A O     1 
ATOM   43  C CB    . ALA A 1 9  ? 5.490   6.241   -8.408  1.00 23.11  ? 56  ALA A CB    1 
ATOM   44  N N     . THR A 1 10 ? 4.346   4.076   -10.463 1.00 20.60  ? 57  THR A N     1 
ATOM   45  C CA    . THR A 1 10 ? 3.777   2.742   -10.655 1.00 22.65  ? 57  THR A CA    1 
ATOM   46  C C     . THR A 1 10 ? 4.794   1.647   -10.380 1.00 21.80  ? 57  THR A C     1 
ATOM   47  O O     . THR A 1 10 ? 5.997   1.858   -10.524 1.00 24.44  ? 57  THR A O     1 
ATOM   48  C CB    . THR A 1 10 ? 3.230   2.532   -12.084 1.00 32.99  ? 57  THR A CB    1 
ATOM   49  O OG1   . THR A 1 10 ? 4.294   2.679   -13.028 1.00 29.46  ? 57  THR A OG1   1 
ATOM   50  C CG2   . THR A 1 10 ? 2.128   3.526   -12.401 1.00 31.43  ? 57  THR A CG2   1 
ATOM   51  N N     . LYS A 1 11 ? 4.292   0.480   -9.974  1.00 21.81  ? 58  LYS A N     1 
ATOM   52  C CA    . LYS A 1 11 ? 5.132   -0.694  -9.769  1.00 18.80  ? 58  LYS A CA    1 
ATOM   53  C C     . LYS A 1 11 ? 6.230   -0.437  -8.745  1.00 22.98  ? 58  LYS A C     1 
ATOM   54  O O     . LYS A 1 11 ? 7.385   -0.838  -8.926  1.00 25.86  ? 58  LYS A O     1 
ATOM   55  C CB    . LYS A 1 11 ? 5.750   -1.148  -11.094 1.00 27.43  ? 58  LYS A CB    1 
ATOM   56  C CG    . LYS A 1 11 ? 4.726   -1.431  -12.176 1.00 37.83  ? 58  LYS A CG    1 
ATOM   57  C CD    . LYS A 1 11 ? 5.399   -1.808  -13.488 1.00 45.59  ? 58  LYS A CD    1 
ATOM   58  C CE    . LYS A 1 11 ? 4.486   -2.685  -14.336 1.00 64.71  ? 58  LYS A CE    1 
ATOM   59  N NZ    . LYS A 1 11 ? 3.650   -3.591  -13.494 1.00 68.88  ? 58  LYS A NZ    1 
ATOM   60  N N     . VAL A 1 12 ? 5.855   0.241   -7.673  1.00 17.60  ? 59  VAL A N     1 
ATOM   61  C CA    . VAL A 1 12 ? 6.735   0.513   -6.555  1.00 16.52  ? 59  VAL A CA    1 
ATOM   62  C C     . VAL A 1 12 ? 6.772   -0.709  -5.642  1.00 22.02  ? 59  VAL A C     1 
ATOM   63  O O     . VAL A 1 12 ? 5.731   -1.301  -5.385  1.00 17.59  ? 59  VAL A O     1 
ATOM   64  C CB    . VAL A 1 12 ? 6.231   1.744   -5.753  1.00 18.86  ? 59  VAL A CB    1 
ATOM   65  C CG1   . VAL A 1 12 ? 7.142   2.076   -4.582  1.00 20.39  ? 59  VAL A CG1   1 
ATOM   66  C CG2   . VAL A 1 12 ? 6.074   2.962   -6.678  1.00 22.81  ? 59  VAL A CG2   1 
ATOM   67  N N     . LEU A 1 13 ? 7.950   -1.080  -5.155  1.00 18.22  ? 60  LEU A N     1 
ATOM   68  C CA    . LEU A 1 13 ? 8.044   -2.163  -4.184  1.00 18.19  ? 60  LEU A CA    1 
ATOM   69  C C     . LEU A 1 13 ? 8.156   -1.584  -2.786  1.00 17.51  ? 60  LEU A C     1 
ATOM   70  O O     . LEU A 1 13 ? 8.813   -0.561  -2.576  1.00 19.06  ? 60  LEU A O     1 
ATOM   71  C CB    . LEU A 1 13 ? 9.254   -3.060  -4.481  1.00 23.11  ? 60  LEU A CB    1 
ATOM   72  C CG    . LEU A 1 13 ? 9.188   -3.916  -5.743  1.00 29.93  ? 60  LEU A CG    1 
ATOM   73  C CD1   . LEU A 1 13 ? 10.530  -4.613  -5.962  1.00 31.85  ? 60  LEU A CD1   1 
ATOM   74  C CD2   . LEU A 1 13 ? 8.056   -4.935  -5.662  1.00 25.69  ? 60  LEU A CD2   1 
ATOM   75  N N     . GLY A 1 14 ? 7.534   -2.241  -1.812  1.00 17.39  ? 61  GLY A N     1 
ATOM   76  C CA    . GLY A 1 14 ? 7.641   -1.760  -0.457  1.00 15.69  ? 61  GLY A CA    1 
ATOM   77  C C     . GLY A 1 14 ? 7.405   -2.859  0.551   1.00 15.66  ? 61  GLY A C     1 
ATOM   78  O O     . GLY A 1 14 ? 6.994   -3.957  0.190   1.00 16.92  ? 61  GLY A O     1 
ATOM   79  N N     . THR A 1 15 ? 7.647   -2.531  1.811   1.00 16.56  ? 62  THR A N     1 
ATOM   80  C CA    A THR A 1 15 ? 7.456   -3.452  2.925   0.69 16.96  ? 62  THR A CA    1 
ATOM   81  C CA    B THR A 1 15 ? 7.429   -3.474  2.900   0.31 17.07  ? 62  THR A CA    1 
ATOM   82  C C     . THR A 1 15 ? 6.334   -2.966  3.824   1.00 17.93  ? 62  THR A C     1 
ATOM   83  O O     . THR A 1 15 ? 6.340   -1.805  4.228   1.00 18.28  ? 62  THR A O     1 
ATOM   84  C CB    A THR A 1 15 ? 8.742   -3.587  3.743   0.69 20.28  ? 62  THR A CB    1 
ATOM   85  C CB    B THR A 1 15 ? 8.712   -3.722  3.712   0.31 20.21  ? 62  THR A CB    1 
ATOM   86  O OG1   A THR A 1 15 ? 9.820   -3.923  2.859   0.69 24.12  ? 62  THR A OG1   1 
ATOM   87  O OG1   B THR A 1 15 ? 9.108   -2.515  4.376   0.31 14.76  ? 62  THR A OG1   1 
ATOM   88  C CG2   A THR A 1 15 ? 8.594   -4.646  4.824   0.69 18.53  ? 62  THR A CG2   1 
ATOM   89  C CG2   B THR A 1 15 ? 9.831   -4.176  2.791   0.31 23.41  ? 62  THR A CG2   1 
ATOM   90  N N     . VAL A 1 16 ? 5.385   -3.845  4.143   1.00 17.31  ? 63  VAL A N     1 
ATOM   91  C CA    . VAL A 1 16 ? 4.280   -3.445  4.997   1.00 17.62  ? 63  VAL A CA    1 
ATOM   92  C C     . VAL A 1 16 ? 4.822   -3.161  6.389   1.00 16.41  ? 63  VAL A C     1 
ATOM   93  O O     . VAL A 1 16 ? 5.369   -4.049  7.048   1.00 17.45  ? 63  VAL A O     1 
ATOM   94  C CB    . VAL A 1 16 ? 3.166   -4.530  5.060   1.00 16.25  ? 63  VAL A CB    1 
ATOM   95  C CG1   . VAL A 1 16 ? 2.048   -4.102  6.055   1.00 15.81  ? 63  VAL A CG1   1 
ATOM   96  C CG2   . VAL A 1 16 ? 2.587   -4.776  3.674   1.00 17.75  ? 63  VAL A CG2   1 
ATOM   97  N N     . LYS A 1 17 ? 4.668   -1.916  6.836   1.00 18.08  ? 64  LYS A N     1 
ATOM   98  C CA    . LYS A 1 17 ? 5.083   -1.516  8.183   1.00 15.51  ? 64  LYS A CA    1 
ATOM   99  C C     . LYS A 1 17 ? 4.146   -2.108  9.217   1.00 19.58  ? 64  LYS A C     1 
ATOM   100 O O     . LYS A 1 17 ? 4.547   -2.901  10.092  1.00 20.00  ? 64  LYS A O     1 
ATOM   101 C CB    . LYS A 1 17 ? 5.096   0.010   8.287   1.00 21.45  ? 64  LYS A CB    1 
ATOM   102 C CG    . LYS A 1 17 ? 5.684   0.575   9.552   1.00 26.00  ? 64  LYS A CG    1 
ATOM   103 C CD    . LYS A 1 17 ? 5.624   2.096   9.512   1.00 31.43  ? 64  LYS A CD    1 
ATOM   104 C CE    . LYS A 1 17 ? 6.153   2.716   10.786  1.00 38.94  ? 64  LYS A CE    1 
ATOM   105 N NZ    . LYS A 1 17 ? 5.972   4.191   10.774  1.00 40.51  ? 64  LYS A NZ    1 
ATOM   106 N N     . TRP A 1 18 ? 2.889   -1.704  9.124   1.00 20.56  ? 65  TRP A N     1 
ATOM   107 C CA    . TRP A 1 18 ? 1.832   -2.372  9.864   1.00 22.97  ? 65  TRP A CA    1 
ATOM   108 C C     . TRP A 1 18 ? 0.526   -2.199  9.124   1.00 19.32  ? 65  TRP A C     1 
ATOM   109 O O     . TRP A 1 18 ? 0.370   -1.292  8.314   1.00 18.23  ? 65  TRP A O     1 
ATOM   110 C CB    . TRP A 1 18 ? 1.710   -1.846  11.299  1.00 22.10  ? 65  TRP A CB    1 
ATOM   111 C CG    . TRP A 1 18 ? 1.565   -0.362  11.465  1.00 24.45  ? 65  TRP A CG    1 
ATOM   112 C CD1   . TRP A 1 18 ? 2.563   0.535   11.690  1.00 29.03  ? 65  TRP A CD1   1 
ATOM   113 C CD2   . TRP A 1 18 ? 0.339   0.394   11.457  1.00 20.53  ? 65  TRP A CD2   1 
ATOM   114 N NE1   . TRP A 1 18 ? 2.044   1.802   11.806  1.00 34.69  ? 65  TRP A NE1   1 
ATOM   115 C CE2   . TRP A 1 18 ? 0.685   1.741   11.677  1.00 30.62  ? 65  TRP A CE2   1 
ATOM   116 C CE3   . TRP A 1 18 ? -1.005  0.060   11.290  1.00 22.83  ? 65  TRP A CE3   1 
ATOM   117 C CZ2   . TRP A 1 18 ? -0.276  2.760   11.722  1.00 30.29  ? 65  TRP A CZ2   1 
ATOM   118 C CZ3   . TRP A 1 18 ? -1.959  1.071   11.344  1.00 22.42  ? 65  TRP A CZ3   1 
ATOM   119 C CH2   . TRP A 1 18 ? -1.587  2.405   11.556  1.00 29.70  ? 65  TRP A CH2   1 
ATOM   120 N N     . PHE A 1 19 ? -0.408  -3.100  9.382   1.00 18.83  ? 66  PHE A N     1 
ATOM   121 C CA    . PHE A 1 19 ? -1.732  -2.968  8.811   1.00 12.75  ? 66  PHE A CA    1 
ATOM   122 C C     . PHE A 1 19 ? -2.744  -3.393  9.852   1.00 15.29  ? 66  PHE A C     1 
ATOM   123 O O     . PHE A 1 19 ? -2.684  -4.510  10.347  1.00 17.21  ? 66  PHE A O     1 
ATOM   124 C CB    . PHE A 1 19 ? -1.891  -3.809  7.551   1.00 18.32  ? 66  PHE A CB    1 
ATOM   125 C CG    . PHE A 1 19 ? -3.200  -3.591  6.876   1.00 18.44  ? 66  PHE A CG    1 
ATOM   126 C CD1   . PHE A 1 19 ? -3.361  -2.514  6.029   1.00 16.30  ? 66  PHE A CD1   1 
ATOM   127 C CD2   . PHE A 1 19 ? -4.281  -4.424  7.124   1.00 19.75  ? 66  PHE A CD2   1 
ATOM   128 C CE1   . PHE A 1 19 ? -4.558  -2.268  5.411   1.00 16.81  ? 66  PHE A CE1   1 
ATOM   129 C CE2   . PHE A 1 19 ? -5.498  -4.182  6.512   1.00 25.35  ? 66  PHE A CE2   1 
ATOM   130 C CZ    . PHE A 1 19 ? -5.623  -3.098  5.651   1.00 23.02  ? 66  PHE A CZ    1 
ATOM   131 N N     . ASN A 1 20 ? -3.669  -2.499  10.177  1.00 16.56  ? 67  ASN A N     1 
ATOM   132 C CA    . ASN A 1 20 ? -4.607  -2.763  11.260  1.00 20.23  ? 67  ASN A CA    1 
ATOM   133 C C     . ASN A 1 20 ? -5.971  -3.145  10.694  1.00 15.93  ? 67  ASN A C     1 
ATOM   134 O O     . ASN A 1 20 ? -6.602  -2.334  10.008  1.00 19.99  ? 67  ASN A O     1 
ATOM   135 C CB    . ASN A 1 20 ? -4.708  -1.539  12.177  1.00 19.77  ? 67  ASN A CB    1 
ATOM   136 C CG    . ASN A 1 20 ? -5.583  -1.789  13.389  1.00 22.43  ? 67  ASN A CG    1 
ATOM   137 O OD1   . ASN A 1 20 ? -6.785  -1.980  13.249  1.00 22.06  ? 67  ASN A OD1   1 
ATOM   138 N ND2   . ASN A 1 20 ? -4.987  -1.773  14.581  1.00 23.11  ? 67  ASN A ND2   1 
ATOM   139 N N     . VAL A 1 21 ? -6.431  -4.370  10.987  1.00 16.09  ? 68  VAL A N     1 
ATOM   140 C CA    . VAL A 1 21 ? -7.659  -4.876  10.366  1.00 15.57  ? 68  VAL A CA    1 
ATOM   141 C C     . VAL A 1 21 ? -8.892  -4.332  11.071  1.00 17.59  ? 68  VAL A C     1 
ATOM   142 O O     . VAL A 1 21 ? -9.994  -4.380  10.533  1.00 19.63  ? 68  VAL A O     1 
ATOM   143 C CB    . VAL A 1 21 ? -7.713  -6.424  10.351  1.00 21.00  ? 68  VAL A CB    1 
ATOM   144 C CG1   . VAL A 1 21 ? -6.612  -6.991  9.433   1.00 20.74  ? 68  VAL A CG1   1 
ATOM   145 C CG2   . VAL A 1 21 ? -7.573  -6.998  11.757  1.00 18.84  ? 68  VAL A CG2   1 
ATOM   146 N N     . ARG A 1 22 ? -8.708  -3.812  12.273  1.00 17.18  ? 69  ARG A N     1 
ATOM   147 C CA    . ARG A 1 22 ? -9.832  -3.191  12.969  1.00 18.25  ? 69  ARG A CA    1 
ATOM   148 C C     . ARG A 1 22 ? -10.170 -1.849  12.331  1.00 26.50  ? 69  ARG A C     1 
ATOM   149 O O     . ARG A 1 22 ? -11.338 -1.546  12.057  1.00 24.00  ? 69  ARG A O     1 
ATOM   150 C CB    . ARG A 1 22 ? -9.523  -3.023  14.453  1.00 20.61  ? 69  ARG A CB    1 
ATOM   151 C CG    . ARG A 1 22 ? -10.498 -2.118  15.154  1.00 28.23  ? 69  ARG A CG    1 
ATOM   152 C CD    . ARG A 1 22 ? -10.338 -2.195  16.662  1.00 29.59  ? 69  ARG A CD    1 
ATOM   153 N NE    . ARG A 1 22 ? -11.510 -1.602  17.302  1.00 35.42  ? 69  ARG A NE    1 
ATOM   154 C CZ    . ARG A 1 22 ? -11.791 -1.712  18.594  1.00 38.86  ? 69  ARG A CZ    1 
ATOM   155 N NH1   . ARG A 1 22 ? -10.979 -2.391  19.397  1.00 45.40  ? 69  ARG A NH1   1 
ATOM   156 N NH2   . ARG A 1 22 ? -12.891 -1.151  19.080  1.00 43.50  ? 69  ARG A NH2   1 
ATOM   157 N N     . ASN A 1 23 ? -9.145  -1.052  12.052  1.00 18.87  ? 70  ASN A N     1 
ATOM   158 C CA    . ASN A 1 23 ? -9.370  0.277   11.499  1.00 26.04  ? 70  ASN A CA    1 
ATOM   159 C C     . ASN A 1 23 ? -9.344  0.312   9.973   1.00 25.19  ? 70  ASN A C     1 
ATOM   160 O O     . ASN A 1 23 ? -9.797  1.281   9.362   1.00 21.58  ? 70  ASN A O     1 
ATOM   161 C CB    . ASN A 1 23 ? -8.352  1.255   12.082  1.00 28.45  ? 70  ASN A CB    1 
ATOM   162 C CG    . ASN A 1 23 ? -8.533  1.444   13.571  1.00 41.51  ? 70  ASN A CG    1 
ATOM   163 O OD1   . ASN A 1 23 ? -9.659  1.455   14.069  1.00 55.43  ? 70  ASN A OD1   1 
ATOM   164 N ND2   . ASN A 1 23 ? -7.431  1.592   14.293  1.00 44.52  ? 70  ASN A ND2   1 
ATOM   165 N N     . GLY A 1 24 ? -8.818  -0.748  9.366   1.00 20.71  ? 71  GLY A N     1 
ATOM   166 C CA    . GLY A 1 24 ? -8.878  -0.914  7.926   1.00 18.81  ? 71  GLY A CA    1 
ATOM   167 C C     . GLY A 1 24 ? -7.817  -0.151  7.140   1.00 21.31  ? 71  GLY A C     1 
ATOM   168 O O     . GLY A 1 24 ? -8.030  0.166   5.966   1.00 18.19  ? 71  GLY A O     1 
ATOM   169 N N     . TYR A 1 25 ? -6.705  0.180   7.783   1.00 16.53  ? 72  TYR A N     1 
ATOM   170 C CA    . TYR A 1 25 ? -5.592  0.815   7.077   1.00 17.91  ? 72  TYR A CA    1 
ATOM   171 C C     . TYR A 1 25 ? -4.237  0.494   7.695   1.00 18.44  ? 72  TYR A C     1 
ATOM   172 O O     . TYR A 1 25 ? -4.137  -0.104  8.762   1.00 18.16  ? 72  TYR A O     1 
ATOM   173 C CB    . TYR A 1 25 ? -5.803  2.340   7.019   1.00 20.90  ? 72  TYR A CB    1 
ATOM   174 C CG    . TYR A 1 25 ? -5.469  3.075   8.296   1.00 20.99  ? 72  TYR A CG    1 
ATOM   175 C CD1   . TYR A 1 25 ? -4.235  3.685   8.473   1.00 24.57  ? 72  TYR A CD1   1 
ATOM   176 C CD2   . TYR A 1 25 ? -6.395  3.159   9.326   1.00 27.10  ? 72  TYR A CD2   1 
ATOM   177 C CE1   . TYR A 1 25 ? -3.931  4.360   9.639   1.00 29.26  ? 72  TYR A CE1   1 
ATOM   178 C CE2   . TYR A 1 25 ? -6.100  3.826   10.494  1.00 26.24  ? 72  TYR A CE2   1 
ATOM   179 C CZ    . TYR A 1 25 ? -4.867  4.420   10.649  1.00 36.64  ? 72  TYR A CZ    1 
ATOM   180 O OH    . TYR A 1 25 ? -4.569  5.087   11.814  1.00 41.32  ? 72  TYR A OH    1 
ATOM   181 N N     . GLY A 1 26 ? -3.176  0.875   6.996   1.00 16.70  ? 73  GLY A N     1 
ATOM   182 C CA    . GLY A 1 26 ? -1.852  0.805   7.569   1.00 17.48  ? 73  GLY A CA    1 
ATOM   183 C C     . GLY A 1 26 ? -0.896  1.633   6.728   1.00 16.53  ? 73  GLY A C     1 
ATOM   184 O O     . GLY A 1 26 ? -1.310  2.575   6.052   1.00 17.63  ? 73  GLY A O     1 
ATOM   185 N N     . PHE A 1 27 ? 0.383   1.288   6.790   1.00 14.87  ? 74  PHE A N     1 
ATOM   186 C CA    . PHE A 1 27 ? 1.397   1.974   5.986   1.00 13.58  ? 74  PHE A CA    1 
ATOM   187 C C     . PHE A 1 27 ? 2.350   0.984   5.372   1.00 18.66  ? 74  PHE A C     1 
ATOM   188 O O     . PHE A 1 27 ? 2.691   -0.029  5.976   1.00 17.81  ? 74  PHE A O     1 
ATOM   189 C CB    . PHE A 1 27 ? 2.194   2.968   6.818   1.00 16.63  ? 74  PHE A CB    1 
ATOM   190 C CG    . PHE A 1 27 ? 1.385   4.138   7.280   1.00 19.08  ? 74  PHE A CG    1 
ATOM   191 C CD1   . PHE A 1 27 ? 1.324   5.290   6.523   1.00 22.76  ? 74  PHE A CD1   1 
ATOM   192 C CD2   . PHE A 1 27 ? 0.665   4.069   8.463   1.00 27.86  ? 74  PHE A CD2   1 
ATOM   193 C CE1   . PHE A 1 27 ? 0.564   6.367   6.945   1.00 29.12  ? 74  PHE A CE1   1 
ATOM   194 C CE2   . PHE A 1 27 ? -0.098  5.135   8.887   1.00 25.54  ? 74  PHE A CE2   1 
ATOM   195 C CZ    . PHE A 1 27 ? -0.146  6.282   8.129   1.00 27.00  ? 74  PHE A CZ    1 
ATOM   196 N N     . ILE A 1 28 ? 2.775   1.310   4.160   1.00 17.81  ? 75  ILE A N     1 
ATOM   197 C CA    . ILE A 1 28 ? 3.793   0.555   3.451   1.00 13.00  ? 75  ILE A CA    1 
ATOM   198 C C     . ILE A 1 28 ? 5.007   1.459   3.364   1.00 19.54  ? 75  ILE A C     1 
ATOM   199 O O     . ILE A 1 28 ? 4.880   2.635   2.998   1.00 20.85  ? 75  ILE A O     1 
ATOM   200 C CB    . ILE A 1 28 ? 3.322   0.154   2.039   1.00 18.26  ? 75  ILE A CB    1 
ATOM   201 C CG1   . ILE A 1 28 ? 2.029   -0.663  2.111   1.00 18.94  ? 75  ILE A CG1   1 
ATOM   202 C CG2   . ILE A 1 28 ? 4.441   -0.598  1.306   1.00 17.92  ? 75  ILE A CG2   1 
ATOM   203 C CD1   . ILE A 1 28 ? 1.326   -0.805  0.779   1.00 18.09  ? 75  ILE A CD1   1 
ATOM   204 N N     . ASN A 1 29 ? 6.176   0.946   3.724   1.00 15.99  ? 76  ASN A N     1 
ATOM   205 C CA    . ASN A 1 29 ? 7.393   1.718   3.540   1.00 19.04  ? 76  ASN A CA    1 
ATOM   206 C C     . ASN A 1 29 ? 7.992   1.451   2.158   1.00 18.34  ? 76  ASN A C     1 
ATOM   207 O O     . ASN A 1 29 ? 8.320   0.308   1.855   1.00 17.81  ? 76  ASN A O     1 
ATOM   208 C CB    . ASN A 1 29 ? 8.408   1.384   4.630   1.00 22.40  ? 76  ASN A CB    1 
ATOM   209 C CG    . ASN A 1 29 ? 9.584   2.339   4.624   1.00 24.17  ? 76  ASN A CG    1 
ATOM   210 O OD1   . ASN A 1 29 ? 10.645  2.018   4.090   1.00 20.86  ? 76  ASN A OD1   1 
ATOM   211 N ND2   . ASN A 1 29 ? 9.384   3.537   5.182   1.00 24.35  ? 76  ASN A ND2   1 
ATOM   212 N N     . ARG A 1 30 ? 8.118   2.485   1.319   1.00 16.24  ? 77  ARG A N     1 
ATOM   213 C CA    . ARG A 1 30 ? 8.649   2.320   -0.028  1.00 16.06  ? 77  ARG A CA    1 
ATOM   214 C C     . ARG A 1 30 ? 10.105  1.923   0.015   1.00 19.20  ? 77  ARG A C     1 
ATOM   215 O O     . ARG A 1 30 ? 10.894  2.521   0.736   1.00 17.92  ? 77  ARG A O     1 
ATOM   216 C CB    . ARG A 1 30 ? 8.528   3.621   -0.851  1.00 15.90  ? 77  ARG A CB    1 
ATOM   217 C CG    . ARG A 1 30 ? 7.108   4.037   -1.157  1.00 18.19  ? 77  ARG A CG    1 
ATOM   218 C CD    . ARG A 1 30 ? 7.083   5.432   -1.839  1.00 16.96  ? 77  ARG A CD    1 
ATOM   219 N NE    . ARG A 1 30 ? 7.818   5.398   -3.089  1.00 23.46  ? 77  ARG A NE    1 
ATOM   220 C CZ    . ARG A 1 30 ? 7.664   6.295   -4.052  1.00 26.85  ? 77  ARG A CZ    1 
ATOM   221 N NH1   . ARG A 1 30 ? 6.796   7.285   -3.888  1.00 30.39  ? 77  ARG A NH1   1 
ATOM   222 N NH2   . ARG A 1 30 ? 8.367   6.196   -5.168  1.00 23.20  ? 77  ARG A NH2   1 
ATOM   223 N N     . ASN A 1 31 ? 10.472  0.929   -0.779  1.00 18.37  ? 78  ASN A N     1 
ATOM   224 C CA    . ASN A 1 31 ? 11.854  0.492   -0.774  1.00 20.27  ? 78  ASN A CA    1 
ATOM   225 C C     . ASN A 1 31 ? 12.776  1.471   -1.501  1.00 22.92  ? 78  ASN A C     1 
ATOM   226 O O     . ASN A 1 31 ? 13.973  1.485   -1.241  1.00 25.82  ? 78  ASN A O     1 
ATOM   227 C CB    . ASN A 1 31 ? 11.966  -0.905  -1.380  1.00 24.32  ? 78  ASN A CB    1 
ATOM   228 C CG    . ASN A 1 31 ? 11.339  -1.977  -0.489  1.00 27.92  ? 78  ASN A CG    1 
ATOM   229 O OD1   . ASN A 1 31 ? 10.992  -1.721  0.678   1.00 24.90  ? 78  ASN A OD1   1 
ATOM   230 N ND2   . ASN A 1 31 ? 11.216  -3.190  -1.023  1.00 25.69  ? 78  ASN A ND2   1 
ATOM   231 N N     . ASP A 1 32 ? 12.224  2.306   -2.382  1.00 18.79  ? 79  ASP A N     1 
ATOM   232 C CA    . ASP A 1 32 ? 13.056  3.207   -3.181  1.00 18.99  ? 79  ASP A CA    1 
ATOM   233 C C     . ASP A 1 32 ? 13.365  4.546   -2.489  1.00 23.05  ? 79  ASP A C     1 
ATOM   234 O O     . ASP A 1 32 ? 14.448  5.111   -2.677  1.00 25.12  ? 79  ASP A O     1 
ATOM   235 C CB    . ASP A 1 32 ? 12.414  3.441   -4.569  1.00 18.88  ? 79  ASP A CB    1 
ATOM   236 C CG    . ASP A 1 32 ? 10.975  3.954   -4.503  1.00 21.55  ? 79  ASP A CG    1 
ATOM   237 O OD1   . ASP A 1 32 ? 10.363  3.993   -3.413  1.00 22.31  ? 79  ASP A OD1   1 
ATOM   238 O OD2   . ASP A 1 32 ? 10.433  4.293   -5.575  1.00 28.14  ? 79  ASP A OD2   1 
ATOM   239 N N     . THR A 1 33 ? 12.440  5.037   -1.667  1.00 16.74  ? 80  THR A N     1 
ATOM   240 C CA    . THR A 1 33 ? 12.606  6.335   -1.010  1.00 21.40  ? 80  THR A CA    1 
ATOM   241 C C     . THR A 1 33 ? 12.591  6.242   0.516   1.00 20.91  ? 80  THR A C     1 
ATOM   242 O O     . THR A 1 33 ? 12.917  7.212   1.202   1.00 19.57  ? 80  THR A O     1 
ATOM   243 C CB    . THR A 1 33 ? 11.496  7.326   -1.421  1.00 22.41  ? 80  THR A CB    1 
ATOM   244 O OG1   . THR A 1 33 ? 10.235  6.833   -0.943  1.00 21.09  ? 80  THR A OG1   1 
ATOM   245 C CG2   . THR A 1 33 ? 11.443  7.511   -2.942  1.00 18.30  ? 80  THR A CG2   1 
ATOM   246 N N     . LYS A 1 34 ? 12.170  5.085   1.026   1.00 19.76  ? 81  LYS A N     1 
ATOM   247 C CA    . LYS A 1 34 ? 12.102  4.803   2.463   1.00 23.58  ? 81  LYS A CA    1 
ATOM   248 C C     . LYS A 1 34 ? 11.049  5.662   3.173   1.00 22.64  ? 81  LYS A C     1 
ATOM   249 O O     . LYS A 1 34 ? 11.089  5.833   4.386   1.00 22.43  ? 81  LYS A O     1 
ATOM   250 C CB    . LYS A 1 34 ? 13.475  4.978   3.127   1.00 27.12  ? 81  LYS A CB    1 
ATOM   251 C CG    . LYS A 1 34 ? 14.602  4.183   2.471   1.00 23.12  ? 81  LYS A CG    1 
ATOM   252 C CD    . LYS A 1 34 ? 14.240  2.718   2.230   1.00 26.64  ? 81  LYS A CD    1 
ATOM   253 C CE    . LYS A 1 34 ? 15.415  1.926   1.664   1.00 35.20  ? 81  LYS A CE    1 
ATOM   254 N NZ    . LYS A 1 34 ? 15.034  0.538   1.233   1.00 23.30  ? 81  LYS A NZ    1 
ATOM   255 N N     . GLU A 1 35 ? 10.100  6.185   2.407   1.00 21.61  ? 82  GLU A N     1 
ATOM   256 C CA    . GLU A 1 35 ? 8.976   6.927   2.982   1.00 21.75  ? 82  GLU A CA    1 
ATOM   257 C C     . GLU A 1 35 ? 7.777   6.015   3.173   1.00 21.27  ? 82  GLU A C     1 
ATOM   258 O O     . GLU A 1 35 ? 7.529   5.133   2.347   1.00 18.91  ? 82  GLU A O     1 
ATOM   259 C CB    . GLU A 1 35 ? 8.581   8.103   2.082   1.00 19.21  ? 82  GLU A CB    1 
ATOM   260 C CG    . GLU A 1 35 ? 9.614   9.210   1.996   1.00 26.15  ? 82  GLU A CG    1 
ATOM   261 C CD    . GLU A 1 35 ? 9.787   9.950   3.300   1.00 36.42  ? 82  GLU A CD    1 
ATOM   262 O OE1   . GLU A 1 35 ? 8.761   10.314  3.915   1.00 37.82  ? 82  GLU A OE1   1 
ATOM   263 O OE2   . GLU A 1 35 ? 10.947  10.182  3.699   1.00 43.38  ? 82  GLU A OE2   1 
ATOM   264 N N     . ASP A 1 36 ? 7.042   6.221   4.267   1.00 22.67  ? 83  ASP A N     1 
ATOM   265 C CA    . ASP A 1 36 ? 5.773   5.533   4.483   1.00 23.11  ? 83  ASP A CA    1 
ATOM   266 C C     . ASP A 1 36 ? 4.705   6.042   3.535   1.00 22.27  ? 83  ASP A C     1 
ATOM   267 O O     . ASP A 1 36 ? 4.587   7.249   3.280   1.00 20.94  ? 83  ASP A O     1 
ATOM   268 C CB    . ASP A 1 36 ? 5.259   5.714   5.915   1.00 23.03  ? 83  ASP A CB    1 
ATOM   269 C CG    . ASP A 1 36 ? 6.103   5.002   6.948   1.00 29.10  ? 83  ASP A CG    1 
ATOM   270 O OD1   . ASP A 1 36 ? 6.909   4.122   6.585   1.00 21.32  ? 83  ASP A OD1   1 
ATOM   271 O OD2   . ASP A 1 36 ? 5.925   5.313   8.145   1.00 32.79  ? 83  ASP A OD2   1 
ATOM   272 N N     . VAL A 1 37 ? 3.927   5.120   2.999   1.00 17.07  ? 84  VAL A N     1 
ATOM   273 C CA    A VAL A 1 37 ? 2.764   5.463   2.193   0.69 19.58  ? 84  VAL A CA    1 
ATOM   274 C CA    B VAL A 1 37 ? 2.753   5.502   2.224   0.31 19.62  ? 84  VAL A CA    1 
ATOM   275 C C     . VAL A 1 37 ? 1.505   4.880   2.832   1.00 23.63  ? 84  VAL A C     1 
ATOM   276 O O     . VAL A 1 37 ? 1.468   3.706   3.162   1.00 18.00  ? 84  VAL A O     1 
ATOM   277 C CB    A VAL A 1 37 ? 2.910   4.938   0.754   0.69 22.61  ? 84  VAL A CB    1 
ATOM   278 C CB    B VAL A 1 37 ? 2.863   5.096   0.733   0.31 22.56  ? 84  VAL A CB    1 
ATOM   279 C CG1   A VAL A 1 37 ? 1.679   5.253   -0.067  0.69 19.50  ? 84  VAL A CG1   1 
ATOM   280 C CG1   B VAL A 1 37 ? 3.877   5.979   0.006   0.31 21.35  ? 84  VAL A CG1   1 
ATOM   281 C CG2   A VAL A 1 37 ? 4.136   5.551   0.096   0.69 23.15  ? 84  VAL A CG2   1 
ATOM   282 C CG2   B VAL A 1 37 ? 3.207   3.623   0.584   0.31 18.12  ? 84  VAL A CG2   1 
ATOM   283 N N     . PHE A 1 38 ? 0.483   5.701   3.007   1.00 18.76  ? 85  PHE A N     1 
ATOM   284 C CA    . PHE A 1 38 ? -0.790  5.235   3.563   1.00 18.10  ? 85  PHE A CA    1 
ATOM   285 C C     . PHE A 1 38 ? -1.439  4.179   2.679   1.00 16.76  ? 85  PHE A C     1 
ATOM   286 O O     . PHE A 1 38 ? -1.474  4.319   1.465   1.00 21.04  ? 85  PHE A O     1 
ATOM   287 C CB    . PHE A 1 38 ? -1.712  6.448   3.735   1.00 16.91  ? 85  PHE A CB    1 
ATOM   288 C CG    . PHE A 1 38 ? -3.121  6.116   4.139   1.00 21.24  ? 85  PHE A CG    1 
ATOM   289 C CD1   . PHE A 1 38 ? -3.465  5.990   5.476   1.00 23.02  ? 85  PHE A CD1   1 
ATOM   290 C CD2   . PHE A 1 38 ? -4.114  6.001   3.182   1.00 22.00  ? 85  PHE A CD2   1 
ATOM   291 C CE1   . PHE A 1 38 ? -4.764  5.729   5.837   1.00 25.65  ? 85  PHE A CE1   1 
ATOM   292 C CE2   . PHE A 1 38 ? -5.417  5.728   3.542   1.00 29.64  ? 85  PHE A CE2   1 
ATOM   293 C CZ    . PHE A 1 38 ? -5.742  5.595   4.866   1.00 19.56  ? 85  PHE A CZ    1 
ATOM   294 N N     . VAL A 1 39 ? -1.985  3.128   3.285   1.00 16.60  ? 86  VAL A N     1 
ATOM   295 C CA    . VAL A 1 39 ? -2.710  2.144   2.495   1.00 11.85  ? 86  VAL A CA    1 
ATOM   296 C C     . VAL A 1 39 ? -4.045  1.802   3.164   1.00 19.62  ? 86  VAL A C     1 
ATOM   297 O O     . VAL A 1 39 ? -4.086  1.394   4.316   1.00 20.48  ? 86  VAL A O     1 
ATOM   298 C CB    . VAL A 1 39 ? -1.878  0.849   2.273   1.00 20.23  ? 86  VAL A CB    1 
ATOM   299 C CG1   . VAL A 1 39 ? -1.325  0.304   3.579   1.00 16.29  ? 86  VAL A CG1   1 
ATOM   300 C CG2   . VAL A 1 39 ? -2.705  -0.206  1.552   1.00 20.03  ? 86  VAL A CG2   1 
ATOM   301 N N     . HIS A 1 40 ? -5.128  2.002   2.426   1.00 17.83  ? 87  HIS A N     1 
ATOM   302 C CA    . HIS A 1 40 ? -6.461  1.657   2.912   1.00 19.96  ? 87  HIS A CA    1 
ATOM   303 C C     . HIS A 1 40 ? -6.818  0.269   2.409   1.00 18.99  ? 87  HIS A C     1 
ATOM   304 O O     . HIS A 1 40 ? -6.296  -0.182  1.388   1.00 20.98  ? 87  HIS A O     1 
ATOM   305 C CB    . HIS A 1 40 ? -7.506  2.672   2.441   1.00 22.13  ? 87  HIS A CB    1 
ATOM   306 C CG    . HIS A 1 40 ? -8.851  2.484   3.084   1.00 29.28  ? 87  HIS A CG    1 
ATOM   307 N ND1   . HIS A 1 40 ? -9.907  1.878   2.437   1.00 27.26  ? 87  HIS A ND1   1 
ATOM   308 C CD2   . HIS A 1 40 ? -9.295  2.813   4.314   1.00 30.91  ? 87  HIS A CD2   1 
ATOM   309 C CE1   . HIS A 1 40 ? -10.949 1.840   3.251   1.00 27.49  ? 87  HIS A CE1   1 
ATOM   310 N NE2   . HIS A 1 40 ? -10.609 2.409   4.394   1.00 30.94  ? 87  HIS A NE2   1 
ATOM   311 N N     . GLN A 1 41 ? -7.721  -0.409  3.109   1.00 18.21  ? 88  GLN A N     1 
ATOM   312 C CA    A GLN A 1 41 ? -8.057  -1.780  2.745   0.63 17.55  ? 88  GLN A CA    1 
ATOM   313 C CA    B GLN A 1 41 ? -8.123  -1.773  2.752   0.37 17.68  ? 88  GLN A CA    1 
ATOM   314 C C     . GLN A 1 41 ? -8.640  -1.871  1.333   1.00 17.89  ? 88  GLN A C     1 
ATOM   315 O O     . GLN A 1 41 ? -8.449  -2.871  0.654   1.00 21.08  ? 88  GLN A O     1 
ATOM   316 C CB    A GLN A 1 41 ? -9.041  -2.368  3.762   0.63 20.75  ? 88  GLN A CB    1 
ATOM   317 C CB    B GLN A 1 41 ? -9.207  -2.291  3.708   0.37 20.62  ? 88  GLN A CB    1 
ATOM   318 C CG    A GLN A 1 41 ? -10.259 -1.499  3.990   0.63 14.29  ? 88  GLN A CG    1 
ATOM   319 C CG    B GLN A 1 41 ? -8.638  -3.085  4.843   0.37 20.92  ? 88  GLN A CG    1 
ATOM   320 C CD    A GLN A 1 41 ? -11.048 -1.915  5.221   0.63 16.96  ? 88  GLN A CD    1 
ATOM   321 C CD    B GLN A 1 41 ? -9.654  -3.798  5.697   0.37 25.83  ? 88  GLN A CD    1 
ATOM   322 O OE1   A GLN A 1 41 ? -10.697 -2.881  5.894   0.63 21.16  ? 88  GLN A OE1   1 
ATOM   323 O OE1   B GLN A 1 41 ? -10.674 -3.230  6.077   0.37 22.32  ? 88  GLN A OE1   1 
ATOM   324 N NE2   A GLN A 1 41 ? -12.111 -1.177  5.527   0.63 18.44  ? 88  GLN A NE2   1 
ATOM   325 N NE2   B GLN A 1 41 ? -9.358  -5.052  6.034   0.37 15.05  ? 88  GLN A NE2   1 
ATOM   326 N N     . THR A 1 42 ? -9.337  -0.831  0.894   1.00 18.69  ? 89  THR A N     1 
ATOM   327 C CA    . THR A 1 42 ? -9.982  -0.893  -0.410  1.00 20.62  ? 89  THR A CA    1 
ATOM   328 C C     . THR A 1 42 ? -8.958  -0.795  -1.544  1.00 23.90  ? 89  THR A C     1 
ATOM   329 O O     . THR A 1 42 ? -9.278  -1.057  -2.700  1.00 24.00  ? 89  THR A O     1 
ATOM   330 C CB    . THR A 1 42 ? -11.025 0.219   -0.579  1.00 23.62  ? 89  THR A CB    1 
ATOM   331 O OG1   . THR A 1 42 ? -10.434 1.485   -0.266  1.00 28.36  ? 89  THR A OG1   1 
ATOM   332 C CG2   . THR A 1 42 ? -12.193 -0.017  0.357   1.00 26.20  ? 89  THR A CG2   1 
ATOM   333 N N     . ALA A 1 43 ? -7.729  -0.426  -1.206  1.00 19.79  ? 90  ALA A N     1 
ATOM   334 C CA    . ALA A 1 43 ? -6.692  -0.265  -2.225  1.00 20.23  ? 90  ALA A CA    1 
ATOM   335 C C     . ALA A 1 43 ? -5.955  -1.568  -2.474  1.00 26.04  ? 90  ALA A C     1 
ATOM   336 O O     . ALA A 1 43 ? -5.121  -1.647  -3.374  1.00 24.28  ? 90  ALA A O     1 
ATOM   337 C CB    . ALA A 1 43 ? -5.708  0.829   -1.824  1.00 21.64  ? 90  ALA A CB    1 
ATOM   338 N N     . ILE A 1 44 ? -6.259  -2.593  -1.676  1.00 19.26  ? 91  ILE A N     1 
ATOM   339 C CA    . ILE A 1 44 ? -5.589  -3.884  -1.793  1.00 15.41  ? 91  ILE A CA    1 
ATOM   340 C C     . ILE A 1 44 ? -6.339  -4.840  -2.702  1.00 24.90  ? 91  ILE A C     1 
ATOM   341 O O     . ILE A 1 44 ? -7.541  -5.041  -2.525  1.00 26.67  ? 91  ILE A O     1 
ATOM   342 C CB    . ILE A 1 44 ? -5.434  -4.541  -0.402  1.00 19.39  ? 91  ILE A CB    1 
ATOM   343 C CG1   . ILE A 1 44 ? -4.673  -3.597  0.537   1.00 18.01  ? 91  ILE A CG1   1 
ATOM   344 C CG2   . ILE A 1 44 ? -4.764  -5.908  -0.525  1.00 24.98  ? 91  ILE A CG2   1 
ATOM   345 C CD1   . ILE A 1 44 ? -4.815  -3.943  2.035   1.00 19.46  ? 91  ILE A CD1   1 
ATOM   346 N N     . LYS A 1 45 ? -5.646  -5.435  -3.669  1.00 19.44  ? 92  LYS A N     1 
ATOM   347 C CA    . LYS A 1 45 ? -6.300  -6.373  -4.571  1.00 24.65  ? 92  LYS A CA    1 
ATOM   348 C C     . LYS A 1 45 ? -6.601  -7.665  -3.828  1.00 33.84  ? 92  LYS A C     1 
ATOM   349 O O     . LYS A 1 45 ? -5.922  -7.994  -2.860  1.00 40.92  ? 92  LYS A O     1 
ATOM   350 C CB    . LYS A 1 45 ? -5.441  -6.653  -5.804  1.00 29.98  ? 92  LYS A CB    1 
ATOM   351 C CG    . LYS A 1 45 ? -5.233  -5.446  -6.697  1.00 35.86  ? 92  LYS A CG    1 
ATOM   352 C CD    . LYS A 1 45 ? -5.008  -5.847  -8.156  1.00 50.85  ? 92  LYS A CD    1 
ATOM   353 C CE    . LYS A 1 45 ? -4.352  -4.718  -8.954  1.00 52.32  ? 92  LYS A CE    1 
ATOM   354 N NZ    . LYS A 1 45 ? -3.658  -5.218  -10.185 1.00 47.37  ? 92  LYS A NZ    1 
ATOM   355 N N     . LYS A 1 46 ? -7.620  -8.391  -4.279  1.00 40.84  ? 93  LYS A N     1 
ATOM   356 C CA    . LYS A 1 46 ? -7.995  -9.646  -3.629  1.00 50.11  ? 93  LYS A CA    1 
ATOM   357 C C     . LYS A 1 46 ? -6.812  -10.609 -3.610  1.00 47.54  ? 93  LYS A C     1 
ATOM   358 O O     . LYS A 1 46 ? -6.567  -11.327 -4.578  1.00 54.33  ? 93  LYS A O     1 
ATOM   359 C CB    . LYS A 1 46 ? -9.184  -10.313 -4.328  1.00 60.51  ? 93  LYS A CB    1 
ATOM   360 C CG    . LYS A 1 46 ? -10.352 -9.396  -4.647  1.00 62.84  ? 93  LYS A CG    1 
ATOM   361 C CD    . LYS A 1 46 ? -11.503 -10.200 -5.240  1.00 71.68  ? 93  LYS A CD    1 
ATOM   362 C CE    . LYS A 1 46 ? -12.602 -9.312  -5.796  1.00 64.67  ? 93  LYS A CE    1 
ATOM   363 N NZ    . LYS A 1 46 ? -12.112 -8.449  -6.902  1.00 64.76  ? 93  LYS A NZ    1 
ATOM   364 N N     . LYS A 1 51 ? -11.575 -14.822 4.875   1.00 52.64  ? 98  LYS A N     1 
ATOM   365 C CA    . LYS A 1 51 ? -12.256 -13.786 5.653   1.00 48.58  ? 98  LYS A CA    1 
ATOM   366 C C     . LYS A 1 51 ? -11.752 -12.371 5.342   1.00 50.51  ? 98  LYS A C     1 
ATOM   367 O O     . LYS A 1 51 ? -12.460 -11.591 4.711   1.00 37.59  ? 98  LYS A O     1 
ATOM   368 C CB    . LYS A 1 51 ? -12.113 -14.060 7.150   1.00 50.39  ? 98  LYS A CB    1 
ATOM   369 C CG    . LYS A 1 51 ? -13.263 -14.844 7.761   1.00 50.90  ? 98  LYS A CG    1 
ATOM   370 C CD    . LYS A 1 51 ? -14.128 -13.915 8.600   1.00 50.82  ? 98  LYS A CD    1 
ATOM   371 C CE    . LYS A 1 51 ? -13.272 -13.073 9.545   1.00 50.65  ? 98  LYS A CE    1 
ATOM   372 N NZ    . LYS A 1 51 ? -14.083 -12.445 10.622  1.00 48.21  ? 98  LYS A NZ    1 
ATOM   373 N N     . TYR A 1 52 ? -10.539 -12.048 5.798   1.00 49.68  ? 99  TYR A N     1 
ATOM   374 C CA    . TYR A 1 52 ? -9.958  -10.714 5.612   1.00 30.14  ? 99  TYR A CA    1 
ATOM   375 C C     . TYR A 1 52 ? -9.446  -10.516 4.199   1.00 46.32  ? 99  TYR A C     1 
ATOM   376 O O     . TYR A 1 52 ? -8.251  -10.243 3.976   1.00 31.48  ? 99  TYR A O     1 
ATOM   377 C CB    . TYR A 1 52 ? -8.824  -10.461 6.604   1.00 40.09  ? 99  TYR A CB    1 
ATOM   378 C CG    . TYR A 1 52 ? -9.272  -10.395 8.043   1.00 48.50  ? 99  TYR A CG    1 
ATOM   379 C CD1   . TYR A 1 52 ? -8.816  -11.317 8.973   1.00 44.79  ? 99  TYR A CD1   1 
ATOM   380 C CD2   . TYR A 1 52 ? -10.151 -9.402  8.474   1.00 47.39  ? 99  TYR A CD2   1 
ATOM   381 C CE1   . TYR A 1 52 ? -9.224  -11.261 10.293  1.00 41.40  ? 99  TYR A CE1   1 
ATOM   382 C CE2   . TYR A 1 52 ? -10.564 -9.337  9.797   1.00 36.34  ? 99  TYR A CE2   1 
ATOM   383 C CZ    . TYR A 1 52 ? -10.092 -10.270 10.700  1.00 43.26  ? 99  TYR A CZ    1 
ATOM   384 O OH    . TYR A 1 52 ? -10.492 -10.219 12.014  1.00 39.47  ? 99  TYR A OH    1 
ATOM   385 N N     . LEU A 1 53 ? -10.353 -10.659 3.239   1.00 40.83  ? 100 LEU A N     1 
ATOM   386 C CA    . LEU A 1 53 ? -10.099 -10.180 1.891   1.00 43.02  ? 100 LEU A CA    1 
ATOM   387 C C     . LEU A 1 53 ? -9.559  -8.764  2.020   1.00 43.82  ? 100 LEU A C     1 
ATOM   388 O O     . LEU A 1 53 ? -9.876  -8.068  2.978   1.00 57.48  ? 100 LEU A O     1 
ATOM   389 C CB    . LEU A 1 53 ? -11.374 -10.221 1.046   1.00 47.00  ? 100 LEU A CB    1 
ATOM   390 C CG    . LEU A 1 53 ? -11.307 -10.903 -0.318  1.00 54.42  ? 100 LEU A CG    1 
ATOM   391 C CD1   . LEU A 1 53 ? -10.961 -12.379 -0.192  1.00 49.12  ? 100 LEU A CD1   1 
ATOM   392 C CD2   . LEU A 1 53 ? -12.642 -10.723 -1.015  1.00 52.34  ? 100 LEU A CD2   1 
ATOM   393 N N     . ARG A 1 54 ? -8.706  -8.355  1.098   1.00 58.37  ? 101 ARG A N     1 
ATOM   394 C CA    . ARG A 1 54 ? -8.126  -7.024  1.181   1.00 46.93  ? 101 ARG A CA    1 
ATOM   395 C C     . ARG A 1 54 ? -7.521  -6.767  2.566   1.00 37.93  ? 101 ARG A C     1 
ATOM   396 O O     . ARG A 1 54 ? -8.040  -6.011  3.385   1.00 31.20  ? 101 ARG A O     1 
ATOM   397 C CB    . ARG A 1 54 ? -9.178  -5.981  0.830   1.00 29.05  ? 101 ARG A CB    1 
ATOM   398 C CG    . ARG A 1 54 ? -9.842  -6.270  -0.506  1.00 30.22  ? 101 ARG A CG    1 
ATOM   399 C CD    . ARG A 1 54 ? -10.709 -5.130  -0.959  1.00 21.87  ? 101 ARG A CD    1 
ATOM   400 N NE    . ARG A 1 54 ? -11.590 -5.520  -2.053  1.00 34.60  ? 101 ARG A NE    1 
ATOM   401 C CZ    . ARG A 1 54 ? -11.244 -5.486  -3.333  1.00 53.65  ? 101 ARG A CZ    1 
ATOM   402 N NH1   . ARG A 1 54 ? -10.034 -5.065  -3.674  1.00 36.86  ? 101 ARG A NH1   1 
ATOM   403 N NH2   . ARG A 1 54 ? -12.109 -5.857  -4.271  1.00 48.47  ? 101 ARG A NH2   1 
ATOM   404 N N     . SER A 1 55 ? -6.431  -7.457  2.830   1.00 21.84  ? 102 SER A N     1 
ATOM   405 C CA    . SER A 1 55 ? -5.541  -7.092  3.908   1.00 19.64  ? 102 SER A CA    1 
ATOM   406 C C     . SER A 1 55 ? -4.137  -7.404  3.425   1.00 21.02  ? 102 SER A C     1 
ATOM   407 O O     . SER A 1 55 ? -3.971  -8.122  2.445   1.00 22.36  ? 102 SER A O     1 
ATOM   408 C CB    . SER A 1 55 ? -5.849  -7.866  5.190   1.00 25.28  ? 102 SER A CB    1 
ATOM   409 O OG    . SER A 1 55 ? -5.609  -9.252  5.006   1.00 28.16  ? 102 SER A OG    1 
ATOM   410 N N     . VAL A 1 56 ? -3.148  -6.832  4.095   1.00 18.22  ? 103 VAL A N     1 
ATOM   411 C CA    . VAL A 1 56 ? -1.759  -7.234  3.916   1.00 21.44  ? 103 VAL A CA    1 
ATOM   412 C C     . VAL A 1 56 ? -1.167  -7.544  5.285   1.00 21.39  ? 103 VAL A C     1 
ATOM   413 O O     . VAL A 1 56 ? -1.716  -7.137  6.323   1.00 18.95  ? 103 VAL A O     1 
ATOM   414 C CB    . VAL A 1 56 ? -0.928  -6.148  3.199   1.00 20.95  ? 103 VAL A CB    1 
ATOM   415 C CG1   . VAL A 1 56 ? -1.287  -6.100  1.722   1.00 18.00  ? 103 VAL A CG1   1 
ATOM   416 C CG2   . VAL A 1 56 ? -1.122  -4.790  3.859   1.00 20.21  ? 103 VAL A CG2   1 
ATOM   417 N N     . GLY A 1 57 ? -0.064  -8.287  5.311   1.00 17.45  ? 104 GLY A N     1 
ATOM   418 C CA    . GLY A 1 57 ? 0.506   -8.682  6.590   1.00 14.84  ? 104 GLY A CA    1 
ATOM   419 C C     . GLY A 1 57 ? 1.769   -7.901  6.908   1.00 19.92  ? 104 GLY A C     1 
ATOM   420 O O     . GLY A 1 57 ? 2.551   -7.602  6.006   1.00 15.18  ? 104 GLY A O     1 
ATOM   421 N N     . ASP A 1 58 ? 1.970   -7.570  8.179   1.00 17.71  ? 105 ASP A N     1 
ATOM   422 C CA    . ASP A 1 58 ? 3.167   -6.857  8.614   1.00 18.36  ? 105 ASP A CA    1 
ATOM   423 C C     . ASP A 1 58 ? 4.423   -7.592  8.164   1.00 18.85  ? 105 ASP A C     1 
ATOM   424 O O     . ASP A 1 58 ? 4.552   -8.786  8.402   1.00 17.42  ? 105 ASP A O     1 
ATOM   425 C CB    . ASP A 1 58 ? 3.204   -6.722  10.138  1.00 16.81  ? 105 ASP A CB    1 
ATOM   426 C CG    . ASP A 1 58 ? 2.024   -5.967  10.703  1.00 25.14  ? 105 ASP A CG    1 
ATOM   427 O OD1   . ASP A 1 58 ? 1.050   -5.674  9.976   1.00 18.66  ? 105 ASP A OD1   1 
ATOM   428 O OD2   . ASP A 1 58 ? 2.087   -5.684  11.910  1.00 21.27  ? 105 ASP A OD2   1 
ATOM   429 N N     . GLY A 1 59 ? 5.343   -6.880  7.511   1.00 17.74  ? 106 GLY A N     1 
ATOM   430 C CA    . GLY A 1 59 ? 6.615   -7.462  7.113   1.00 17.02  ? 106 GLY A CA    1 
ATOM   431 C C     . GLY A 1 59 ? 6.633   -7.981  5.688   1.00 20.77  ? 106 GLY A C     1 
ATOM   432 O O     . GLY A 1 59 ? 7.689   -8.260  5.120   1.00 19.02  ? 106 GLY A O     1 
ATOM   433 N N     . GLU A 1 60 ? 5.448   -8.104  5.105   1.00 18.75  ? 107 GLU A N     1 
ATOM   434 C CA    . GLU A 1 60 ? 5.284   -8.583  3.735   1.00 19.30  ? 107 GLU A CA    1 
ATOM   435 C C     . GLU A 1 60 ? 5.839   -7.580  2.706   1.00 18.76  ? 107 GLU A C     1 
ATOM   436 O O     . GLU A 1 60 ? 5.767   -6.372  2.916   1.00 15.86  ? 107 GLU A O     1 
ATOM   437 C CB    . GLU A 1 60 ? 3.784   -8.840  3.496   1.00 27.45  ? 107 GLU A CB    1 
ATOM   438 C CG    . GLU A 1 60 ? 3.436   -9.566  2.236   1.00 30.00  ? 107 GLU A CG    1 
ATOM   439 C CD    . GLU A 1 60 ? 1.943   -9.768  2.053   1.00 26.31  ? 107 GLU A CD    1 
ATOM   440 O OE1   . GLU A 1 60 ? 1.122   -9.270  2.874   1.00 27.66  ? 107 GLU A OE1   1 
ATOM   441 O OE2   . GLU A 1 60 ? 1.584   -10.457 1.085   1.00 33.15  ? 107 GLU A OE2   1 
ATOM   442 N N     . THR A 1 61 ? 6.392   -8.076  1.603   1.00 16.48  ? 108 THR A N     1 
ATOM   443 C CA    . THR A 1 61 ? 6.779   -7.206  0.481   1.00 13.70  ? 108 THR A CA    1 
ATOM   444 C C     . THR A 1 61 ? 5.642   -7.124  -0.524  1.00 17.21  ? 108 THR A C     1 
ATOM   445 O O     . THR A 1 61 ? 5.081   -8.146  -0.926  1.00 17.93  ? 108 THR A O     1 
ATOM   446 C CB    . THR A 1 61 ? 8.062   -7.725  -0.225  1.00 18.71  ? 108 THR A CB    1 
ATOM   447 O OG1   . THR A 1 61 ? 9.174   -7.594  0.669   1.00 20.73  ? 108 THR A OG1   1 
ATOM   448 C CG2   . THR A 1 61 ? 8.340   -6.914  -1.503  1.00 17.81  ? 108 THR A CG2   1 
ATOM   449 N N     . VAL A 1 62 ? 5.260   -5.904  -0.904  1.00 17.01  ? 109 VAL A N     1 
ATOM   450 C CA    . VAL A 1 62 ? 4.177   -5.735  -1.846  1.00 17.71  ? 109 VAL A CA    1 
ATOM   451 C C     . VAL A 1 62 ? 4.592   -4.803  -2.974  1.00 19.16  ? 109 VAL A C     1 
ATOM   452 O O     . VAL A 1 62 ? 5.571   -4.059  -2.854  1.00 17.90  ? 109 VAL A O     1 
ATOM   453 C CB    . VAL A 1 62 ? 2.909   -5.175  -1.163  1.00 17.93  ? 109 VAL A CB    1 
ATOM   454 C CG1   . VAL A 1 62 ? 2.373   -6.196  -0.142  1.00 21.63  ? 109 VAL A CG1   1 
ATOM   455 C CG2   . VAL A 1 62 ? 3.221   -3.855  -0.495  1.00 19.35  ? 109 VAL A CG2   1 
ATOM   456 N N     . GLU A 1 63 ? 3.846   -4.879  -4.069  1.00 17.34  ? 110 GLU A N     1 
ATOM   457 C CA    . GLU A 1 63 ? 4.021   -3.991  -5.213  1.00 19.27  ? 110 GLU A CA    1 
ATOM   458 C C     . GLU A 1 63 ? 2.758   -3.159  -5.379  1.00 18.45  ? 110 GLU A C     1 
ATOM   459 O O     . GLU A 1 63 ? 1.648   -3.663  -5.211  1.00 19.70  ? 110 GLU A O     1 
ATOM   460 C CB    . GLU A 1 63 ? 4.327   -4.800  -6.477  1.00 21.48  ? 110 GLU A CB    1 
ATOM   461 C CG    . GLU A 1 63 ? 4.681   -3.941  -7.680  1.00 19.40  ? 110 GLU A CG    1 
ATOM   462 C CD    . GLU A 1 63 ? 5.202   -4.764  -8.844  1.00 38.28  ? 110 GLU A CD    1 
ATOM   463 O OE1   . GLU A 1 63 ? 5.919   -5.760  -8.596  1.00 38.00  ? 110 GLU A OE1   1 
ATOM   464 O OE2   . GLU A 1 63 ? 4.902   -4.412  -10.002 1.00 40.34  ? 110 GLU A OE2   1 
ATOM   465 N N     . PHE A 1 64 ? 2.909   -1.881  -5.705  1.00 18.34  ? 111 PHE A N     1 
ATOM   466 C CA    . PHE A 1 64 ? 1.747   -1.004  -5.703  1.00 16.81  ? 111 PHE A CA    1 
ATOM   467 C C     . PHE A 1 64 ? 2.006   0.248   -6.514  1.00 18.66  ? 111 PHE A C     1 
ATOM   468 O O     . PHE A 1 64 ? 3.149   0.544   -6.867  1.00 19.05  ? 111 PHE A O     1 
ATOM   469 C CB    . PHE A 1 64 ? 1.367   -0.636  -4.260  1.00 16.69  ? 111 PHE A CB    1 
ATOM   470 C CG    . PHE A 1 64 ? 2.494   -0.008  -3.473  1.00 14.55  ? 111 PHE A CG    1 
ATOM   471 C CD1   . PHE A 1 64 ? 2.546   1.360   -3.289  1.00 23.91  ? 111 PHE A CD1   1 
ATOM   472 C CD2   . PHE A 1 64 ? 3.505   -0.785  -2.926  1.00 19.30  ? 111 PHE A CD2   1 
ATOM   473 C CE1   . PHE A 1 64 ? 3.582   1.947   -2.577  1.00 26.97  ? 111 PHE A CE1   1 
ATOM   474 C CE2   . PHE A 1 64 ? 4.543   -0.204  -2.216  1.00 17.27  ? 111 PHE A CE2   1 
ATOM   475 C CZ    . PHE A 1 64 ? 4.576   1.170   -2.043  1.00 20.30  ? 111 PHE A CZ    1 
ATOM   476 N N     . ASP A 1 65 ? 0.934   0.969   -6.819  1.00 17.37  ? 112 ASP A N     1 
ATOM   477 C CA    . ASP A 1 65 ? 1.063   2.291   -7.406  1.00 21.57  ? 112 ASP A CA    1 
ATOM   478 C C     . ASP A 1 65 ? 0.917   3.328   -6.300  1.00 21.42  ? 112 ASP A C     1 
ATOM   479 O O     . ASP A 1 65 ? 0.288   3.072   -5.281  1.00 22.62  ? 112 ASP A O     1 
ATOM   480 C CB    . ASP A 1 65 ? 0.021   2.512   -8.505  1.00 24.31  ? 112 ASP A CB    1 
ATOM   481 C CG    . ASP A 1 65 ? 0.058   1.436   -9.577  1.00 26.70  ? 112 ASP A CG    1 
ATOM   482 O OD1   . ASP A 1 65 ? 1.145   0.888   -9.856  1.00 26.51  ? 112 ASP A OD1   1 
ATOM   483 O OD2   . ASP A 1 65 ? -1.005  1.136   -10.154 1.00 28.77  ? 112 ASP A OD2   1 
ATOM   484 N N     . VAL A 1 66 ? 1.512   4.498   -6.494  1.00 18.34  ? 113 VAL A N     1 
ATOM   485 C CA    . VAL A 1 66 ? 1.319   5.594   -5.556  1.00 17.51  ? 113 VAL A CA    1 
ATOM   486 C C     . VAL A 1 66 ? 0.465   6.665   -6.227  1.00 19.07  ? 113 VAL A C     1 
ATOM   487 O O     . VAL A 1 66 ? 0.780   7.098   -7.327  1.00 22.80  ? 113 VAL A O     1 
ATOM   488 C CB    . VAL A 1 66 ? 2.658   6.202   -5.096  1.00 20.87  ? 113 VAL A CB    1 
ATOM   489 C CG1   . VAL A 1 66 ? 2.413   7.406   -4.193  1.00 22.88  ? 113 VAL A CG1   1 
ATOM   490 C CG2   . VAL A 1 66 ? 3.508   5.148   -4.385  1.00 19.80  ? 113 VAL A CG2   1 
ATOM   491 N N     . VAL A 1 67 ? -0.625  7.064   -5.576  1.00 17.96  ? 114 VAL A N     1 
ATOM   492 C CA    . VAL A 1 67 ? -1.473  8.135   -6.092  1.00 21.61  ? 114 VAL A CA    1 
ATOM   493 C C     . VAL A 1 67 ? -1.630  9.270   -5.076  1.00 25.79  ? 114 VAL A C     1 
ATOM   494 O O     . VAL A 1 67 ? -1.354  9.103   -3.888  1.00 25.33  ? 114 VAL A O     1 
ATOM   495 C CB    . VAL A 1 67 ? -2.865  7.613   -6.484  1.00 25.21  ? 114 VAL A CB    1 
ATOM   496 C CG1   . VAL A 1 67 ? -2.741  6.527   -7.535  1.00 26.45  ? 114 VAL A CG1   1 
ATOM   497 C CG2   . VAL A 1 67 ? -3.590  7.081   -5.263  1.00 30.99  ? 114 VAL A CG2   1 
ATOM   498 N N     . GLU A 1 68 ? -2.048  10.440  -5.558  1.00 34.35  ? 115 GLU A N     1 
ATOM   499 C CA    . GLU A 1 68 ? -2.269  11.591  -4.688  1.00 36.99  ? 115 GLU A CA    1 
ATOM   500 C C     . GLU A 1 68 ? -3.713  11.647  -4.196  1.00 54.58  ? 115 GLU A C     1 
ATOM   501 O O     . GLU A 1 68 ? -4.618  12.048  -4.931  1.00 55.72  ? 115 GLU A O     1 
ATOM   502 C CB    . GLU A 1 68 ? -1.926  12.894  -5.408  1.00 46.73  ? 115 GLU A CB    1 
ATOM   503 C CG    . GLU A 1 68 ? -1.867  14.112  -4.493  1.00 46.75  ? 115 GLU A CG    1 
ATOM   504 C CD    . GLU A 1 68 ? -0.704  14.072  -3.507  1.00 56.43  ? 115 GLU A CD    1 
ATOM   505 O OE1   . GLU A 1 68 ? 0.199   13.223  -3.663  1.00 54.58  ? 115 GLU A OE1   1 
ATOM   506 O OE2   . GLU A 1 68 ? -0.689  14.907  -2.574  1.00 66.00  ? 115 GLU A OE2   1 
ATOM   507 N N     . GLY A 1 69 ? -3.919  11.241  -2.949  1.00 59.85  ? 116 GLY A N     1 
ATOM   508 C CA    . GLY A 1 69 ? -5.241  11.254  -2.358  1.00 60.72  ? 116 GLY A CA    1 
ATOM   509 C C     . GLY A 1 69 ? -5.598  12.631  -1.850  1.00 70.50  ? 116 GLY A C     1 
ATOM   510 O O     . GLY A 1 69 ? -4.852  13.594  -2.065  1.00 62.10  ? 116 GLY A O     1 
ATOM   511 N N     . GLU A 1 70 ? -6.749  12.720  -1.189  1.00 72.61  ? 117 GLU A N     1 
ATOM   512 C CA    . GLU A 1 70 ? -7.201  13.959  -0.571  1.00 79.04  ? 117 GLU A CA    1 
ATOM   513 C C     . GLU A 1 70 ? -6.134  14.473  0.388   1.00 66.87  ? 117 GLU A C     1 
ATOM   514 O O     . GLU A 1 70 ? -5.829  15.667  0.439   1.00 68.75  ? 117 GLU A O     1 
ATOM   515 C CB    . GLU A 1 70 ? -8.523  13.735  0.181   1.00 89.96  ? 117 GLU A CB    1 
ATOM   516 C CG    . GLU A 1 70 ? -9.583  14.837  0.012   1.00 101.62 ? 117 GLU A CG    1 
ATOM   517 C CD    . GLU A 1 70 ? -10.309 14.793  -1.325  1.00 107.34 ? 117 GLU A CD    1 
ATOM   518 O OE1   . GLU A 1 70 ? -9.866  14.062  -2.238  1.00 107.41 ? 117 GLU A OE1   1 
ATOM   519 O OE2   . GLU A 1 70 ? -11.334 15.497  -1.458  1.00 102.05 ? 117 GLU A OE2   1 
ATOM   520 N N     . LYS A 1 71 ? -5.546  13.538  1.122   1.00 56.25  ? 118 LYS A N     1 
ATOM   521 C CA    . LYS A 1 71 ? -4.708  13.859  2.268   1.00 43.02  ? 118 LYS A CA    1 
ATOM   522 C C     . LYS A 1 71 ? -3.235  13.545  2.020   1.00 50.26  ? 118 LYS A C     1 
ATOM   523 O O     . LYS A 1 71 ? -2.439  13.462  2.955   1.00 47.56  ? 118 LYS A O     1 
ATOM   524 C CB    . LYS A 1 71 ? -5.226  13.097  3.492   1.00 53.10  ? 118 LYS A CB    1 
ATOM   525 C CG    . LYS A 1 71 ? -6.750  13.015  3.511   1.00 58.42  ? 118 LYS A CG    1 
ATOM   526 C CD    . LYS A 1 71 ? -7.292  12.352  4.766   1.00 56.10  ? 118 LYS A CD    1 
ATOM   527 C CE    . LYS A 1 71 ? -8.689  11.808  4.520   1.00 58.49  ? 118 LYS A CE    1 
ATOM   528 N NZ    . LYS A 1 71 ? -9.403  11.482  5.784   1.00 60.83  ? 118 LYS A NZ    1 
ATOM   529 N N     . GLY A 1 72 ? -2.872  13.378  0.755   1.00 48.34  ? 119 GLY A N     1 
ATOM   530 C CA    . GLY A 1 72 ? -1.488  13.115  0.410   1.00 57.97  ? 119 GLY A CA    1 
ATOM   531 C C     . GLY A 1 72 ? -1.308  11.838  -0.385  1.00 36.07  ? 119 GLY A C     1 
ATOM   532 O O     . GLY A 1 72 ? -2.215  11.402  -1.090  1.00 40.09  ? 119 GLY A O     1 
ATOM   533 N N     . ALA A 1 73 ? -0.127  11.242  -0.263  1.00 45.52  ? 120 ALA A N     1 
ATOM   534 C CA    . ALA A 1 73 ? 0.233   10.079  -1.064  1.00 38.12  ? 120 ALA A CA    1 
ATOM   535 C C     . ALA A 1 73 ? -0.358  8.810   -0.475  1.00 31.56  ? 120 ALA A C     1 
ATOM   536 O O     . ALA A 1 73 ? -0.249  8.561   0.728   1.00 36.99  ? 120 ALA A O     1 
ATOM   537 C CB    . ALA A 1 73 ? 1.739   9.955   -1.165  1.00 30.93  ? 120 ALA A CB    1 
ATOM   538 N N     . GLU A 1 74 ? -0.979  8.003   -1.324  1.00 22.00  ? 121 GLU A N     1 
ATOM   539 C CA    . GLU A 1 74 ? -1.504  6.730   -0.849  1.00 24.28  ? 121 GLU A CA    1 
ATOM   540 C C     . GLU A 1 74 ? -1.258  5.615   -1.846  1.00 27.46  ? 121 GLU A C     1 
ATOM   541 O O     . GLU A 1 74 ? -1.018  5.851   -3.025  1.00 21.42  ? 121 GLU A O     1 
ATOM   542 C CB    . GLU A 1 74 ? -2.991  6.851   -0.541  1.00 23.68  ? 121 GLU A CB    1 
ATOM   543 C CG    . GLU A 1 74 ? -3.863  7.097   -1.731  1.00 32.17  ? 121 GLU A CG    1 
ATOM   544 C CD    . GLU A 1 74 ? -5.248  7.587   -1.338  1.00 44.74  ? 121 GLU A CD    1 
ATOM   545 O OE1   . GLU A 1 74 ? -6.222  7.267   -2.051  1.00 47.46  ? 121 GLU A OE1   1 
ATOM   546 O OE2   . GLU A 1 74 ? -5.361  8.298   -0.318  1.00 51.72  ? 121 GLU A OE2   1 
ATOM   547 N N     . ALA A 1 75 ? -1.304  4.389   -1.352  1.00 23.42  ? 122 ALA A N     1 
ATOM   548 C CA    . ALA A 1 75 ? -1.083  3.227   -2.193  1.00 19.24  ? 122 ALA A CA    1 
ATOM   549 C C     . ALA A 1 75 ? -2.348  2.865   -2.966  1.00 22.08  ? 122 ALA A C     1 
ATOM   550 O O     . ALA A 1 75 ? -3.468  3.059   -2.491  1.00 23.75  ? 122 ALA A O     1 
ATOM   551 C CB    . ALA A 1 75 ? -0.623  2.041   -1.332  1.00 16.68  ? 122 ALA A CB    1 
ATOM   552 N N     . ALA A 1 76 ? -2.157  2.346   -4.168  1.00 17.70  ? 123 ALA A N     1 
ATOM   553 C CA    . ALA A 1 76 ? -3.251  1.856   -4.983  1.00 18.18  ? 123 ALA A CA    1 
ATOM   554 C C     . ALA A 1 76 ? -2.827  0.542   -5.607  1.00 18.63  ? 123 ALA A C     1 
ATOM   555 O O     . ALA A 1 76 ? -1.632  0.314   -5.813  1.00 22.54  ? 123 ALA A O     1 
ATOM   556 C CB    . ALA A 1 76 ? -3.622  2.866   -6.070  1.00 22.73  ? 123 ALA A CB    1 
ATOM   557 N N     . ASN A 1 77 ? -3.801  -0.311  -5.911  1.00 19.01  ? 124 ASN A N     1 
ATOM   558 C CA    . ASN A 1 77 ? -3.548  -1.572  -6.608  1.00 19.02  ? 124 ASN A CA    1 
ATOM   559 C C     . ASN A 1 77 ? -2.444  -2.378  -5.950  1.00 22.77  ? 124 ASN A C     1 
ATOM   560 O O     . ASN A 1 77 ? -1.488  -2.795  -6.594  1.00 20.90  ? 124 ASN A O     1 
ATOM   561 C CB    . ASN A 1 77 ? -3.206  -1.311  -8.076  1.00 25.10  ? 124 ASN A CB    1 
ATOM   562 C CG    . ASN A 1 77 ? -4.269  -0.490  -8.780  1.00 40.39  ? 124 ASN A CG    1 
ATOM   563 O OD1   . ASN A 1 77 ? -5.462  -0.798  -8.700  1.00 36.99  ? 124 ASN A OD1   1 
ATOM   564 N ND2   . ASN A 1 77 ? -3.841  0.565   -9.479  1.00 40.77  ? 124 ASN A ND2   1 
ATOM   565 N N     . VAL A 1 78 ? -2.590  -2.596  -4.650  1.00 18.01  ? 125 VAL A N     1 
ATOM   566 C CA    . VAL A 1 78 ? -1.576  -3.310  -3.884  1.00 18.34  ? 125 VAL A CA    1 
ATOM   567 C C     . VAL A 1 78 ? -1.673  -4.814  -4.125  1.00 22.35  ? 125 VAL A C     1 
ATOM   568 O O     . VAL A 1 78 ? -2.713  -5.421  -3.871  1.00 22.02  ? 125 VAL A O     1 
ATOM   569 C CB    . VAL A 1 78 ? -1.723  -3.022  -2.374  1.00 16.05  ? 125 VAL A CB    1 
ATOM   570 C CG1   . VAL A 1 78 ? -0.611  -3.725  -1.583  1.00 15.23  ? 125 VAL A CG1   1 
ATOM   571 C CG2   . VAL A 1 78 ? -1.720  -1.509  -2.119  1.00 18.12  ? 125 VAL A CG2   1 
ATOM   572 N N     . THR A 1 79 ? -0.586  -5.405  -4.622  1.00 19.06  ? 126 THR A N     1 
ATOM   573 C CA    A THR A 1 79 ? -0.516  -6.834  -4.927  0.62 21.79  ? 126 THR A CA    1 
ATOM   574 C CA    B THR A 1 79 ? -0.546  -6.843  -4.869  0.21 21.88  ? 126 THR A CA    1 
ATOM   575 C CA    C THR A 1 79 ? -0.545  -6.839  -4.879  0.17 21.94  ? 126 THR A CA    1 
ATOM   576 C C     . THR A 1 79 ? 0.793   -7.421  -4.428  1.00 20.17  ? 126 THR A C     1 
ATOM   577 O O     . THR A 1 79 ? 1.627   -6.710  -3.859  1.00 20.17  ? 126 THR A O     1 
ATOM   578 C CB    A THR A 1 79 ? -0.594  -7.115  -6.434  0.62 23.84  ? 126 THR A CB    1 
ATOM   579 C CB    B THR A 1 79 ? -0.777  -7.176  -6.356  0.21 23.63  ? 126 THR A CB    1 
ATOM   580 C CB    C THR A 1 79 ? -0.775  -7.148  -6.375  0.17 23.64  ? 126 THR A CB    1 
ATOM   581 O OG1   A THR A 1 79 ? 0.581   -6.595  -7.064  0.62 20.68  ? 126 THR A OG1   1 
ATOM   582 O OG1   B THR A 1 79 ? -1.360  -6.046  -7.020  0.21 22.44  ? 126 THR A OG1   1 
ATOM   583 O OG1   C THR A 1 79 ? -0.771  -8.562  -6.592  0.17 22.36  ? 126 THR A OG1   1 
ATOM   584 C CG2   A THR A 1 79 ? -1.804  -6.459  -7.049  0.62 20.95  ? 126 THR A CG2   1 
ATOM   585 C CG2   B THR A 1 79 ? -1.698  -8.380  -6.501  0.21 24.98  ? 126 THR A CG2   1 
ATOM   586 C CG2   C THR A 1 79 ? 0.307   -6.510  -7.222  0.17 21.45  ? 126 THR A CG2   1 
ATOM   587 N N     . GLY A 1 80 ? 0.988   -8.714  -4.673  1.00 19.76  ? 127 GLY A N     1 
ATOM   588 C CA    . GLY A 1 80 ? 2.261   -9.351  -4.376  1.00 18.67  ? 127 GLY A CA    1 
ATOM   589 C C     . GLY A 1 80 ? 3.232   -8.871  -5.442  1.00 22.62  ? 127 GLY A C     1 
ATOM   590 O O     . GLY A 1 80 ? 2.806   -8.341  -6.468  1.00 24.78  ? 127 GLY A O     1 
ATOM   591 N N     . PRO A 1 81 ? 4.537   -9.020  -5.196  1.00 23.86  ? 128 PRO A N     1 
ATOM   592 C CA    . PRO A 1 81 ? 5.548   -8.599  -6.175  1.00 25.14  ? 128 PRO A CA    1 
ATOM   593 C C     . PRO A 1 81 ? 5.351   -9.308  -7.508  1.00 29.30  ? 128 PRO A C     1 
ATOM   594 O O     . PRO A 1 81 ? 5.068   -10.506 -7.527  1.00 32.49  ? 128 PRO A O     1 
ATOM   595 C CB    . PRO A 1 81 ? 6.867   -9.018  -5.533  1.00 26.81  ? 128 PRO A CB    1 
ATOM   596 C CG    . PRO A 1 81 ? 6.576   -9.086  -4.078  1.00 30.02  ? 128 PRO A CG    1 
ATOM   597 C CD    . PRO A 1 81 ? 5.136   -9.493  -3.939  1.00 22.21  ? 128 PRO A CD    1 
ATOM   598 N N     . GLY A 1 82 ? 5.476   -8.570  -8.606  1.00 36.96  ? 129 GLY A N     1 
ATOM   599 C CA    . GLY A 1 82 ? 5.230   -9.126  -9.926  1.00 52.43  ? 129 GLY A CA    1 
ATOM   600 C C     . GLY A 1 82 ? 3.753   -9.200  -10.278 1.00 47.57  ? 129 GLY A C     1 
ATOM   601 O O     . GLY A 1 82 ? 2.888   -8.827  -9.480  1.00 47.02  ? 129 GLY A O     1 
ATOM   602 P P     . C   B 2 2  ? -12.139 5.299   9.495   1.00 98.69  ? 2   C   B P     1 
ATOM   603 O OP1   . C   B 2 2  ? -11.374 5.176   10.763  1.00 84.10  ? 2   C   B OP1   1 
ATOM   604 O OP2   . C   B 2 2  ? -12.839 6.574   9.179   1.00 69.87  ? 2   C   B OP2   1 
ATOM   605 O "O5'" . C   B 2 2  ? -11.159 4.945   8.286   1.00 50.81  ? 2   C   B "O5'" 1 
ATOM   606 C "C5'" . C   B 2 2  ? -9.771  4.713   8.513   1.00 47.66  ? 2   C   B "C5'" 1 
ATOM   607 C "C4'" . C   B 2 2  ? -8.908  5.629   7.678   1.00 34.08  ? 2   C   B "C4'" 1 
ATOM   608 O "O4'" . C   B 2 2  ? -9.060  5.286   6.275   1.00 34.99  ? 2   C   B "O4'" 1 
ATOM   609 C "C3'" . C   B 2 2  ? -9.248  7.111   7.787   1.00 50.01  ? 2   C   B "C3'" 1 
ATOM   610 O "O3'" . C   B 2 2  ? -8.057  7.870   7.626   1.00 43.91  ? 2   C   B "O3'" 1 
ATOM   611 C "C2'" . C   B 2 2  ? -10.148 7.343   6.581   1.00 45.84  ? 2   C   B "C2'" 1 
ATOM   612 O "O2'" . C   B 2 2  ? -10.178 8.679   6.133   1.00 48.10  ? 2   C   B "O2'" 1 
ATOM   613 C "C1'" . C   B 2 2  ? -9.518  6.414   5.550   1.00 37.16  ? 2   C   B "C1'" 1 
ATOM   614 N N1    . C   B 2 2  ? -10.455 5.938   4.521   1.00 42.00  ? 2   C   B N1    1 
ATOM   615 C C2    . C   B 2 2  ? -10.067 5.945   3.174   1.00 42.55  ? 2   C   B C2    1 
ATOM   616 O O2    . C   B 2 2  ? -8.935  6.359   2.876   1.00 41.69  ? 2   C   B O2    1 
ATOM   617 N N3    . C   B 2 2  ? -10.935 5.493   2.231   1.00 46.36  ? 2   C   B N3    1 
ATOM   618 C C4    . C   B 2 2  ? -12.146 5.050   2.597   1.00 46.64  ? 2   C   B C4    1 
ATOM   619 N N4    . C   B 2 2  ? -12.968 4.617   1.635   1.00 48.87  ? 2   C   B N4    1 
ATOM   620 C C5    . C   B 2 2  ? -12.567 5.037   3.961   1.00 45.72  ? 2   C   B C5    1 
ATOM   621 C C6    . C   B 2 2  ? -11.696 5.484   4.880   1.00 50.91  ? 2   C   B C6    1 
ATOM   622 P P     . U   B 2 3  ? -7.786  9.126   8.579   1.00 50.53  ? 3   U   B P     1 
ATOM   623 O OP1   . U   B 2 3  ? -8.482  8.878   9.867   1.00 50.67  ? 3   U   B OP1   1 
ATOM   624 O OP2   . U   B 2 3  ? -8.057  10.352  7.782   1.00 46.60  ? 3   U   B OP2   1 
ATOM   625 O "O5'" . U   B 2 3  ? -6.222  9.072   8.848   1.00 45.42  ? 3   U   B "O5'" 1 
ATOM   626 C "C5'" . U   B 2 3  ? -5.622  8.007   9.578   1.00 36.53  ? 3   U   B "C5'" 1 
ATOM   627 C "C4'" . U   B 2 3  ? -4.123  8.162   9.599   1.00 42.06  ? 3   U   B "C4'" 1 
ATOM   628 O "O4'" . U   B 2 3  ? -3.613  7.983   8.247   1.00 35.84  ? 3   U   B "O4'" 1 
ATOM   629 C "C3'" . U   B 2 3  ? -3.637  9.537   10.047  1.00 44.28  ? 3   U   B "C3'" 1 
ATOM   630 O "O3'" . U   B 2 3  ? -2.363  9.395   10.674  1.00 48.00  ? 3   U   B "O3'" 1 
ATOM   631 C "C2'" . U   B 2 3  ? -3.469  10.272  8.721   1.00 43.07  ? 3   U   B "C2'" 1 
ATOM   632 O "O2'" . U   B 2 3  ? -2.603  11.384  8.773   1.00 43.21  ? 3   U   B "O2'" 1 
ATOM   633 C "C1'" . U   B 2 3  ? -2.927  9.151   7.838   1.00 29.75  ? 3   U   B "C1'" 1 
ATOM   634 N N1    . U   B 2 3  ? -3.145  9.323   6.394   1.00 31.60  ? 3   U   B N1    1 
ATOM   635 C C2    . U   B 2 3  ? -2.028  9.580   5.628   1.00 35.18  ? 3   U   B C2    1 
ATOM   636 O O2    . U   B 2 3  ? -0.910  9.687   6.097   1.00 41.61  ? 3   U   B O2    1 
ATOM   637 N N3    . U   B 2 3  ? -2.265  9.714   4.292   1.00 34.63  ? 3   U   B N3    1 
ATOM   638 C C4    . U   B 2 3  ? -3.473  9.620   3.636   1.00 41.28  ? 3   U   B C4    1 
ATOM   639 O O4    . U   B 2 3  ? -3.498  9.769   2.410   1.00 40.23  ? 3   U   B O4    1 
ATOM   640 C C5    . U   B 2 3  ? -4.587  9.347   4.492   1.00 35.19  ? 3   U   B C5    1 
ATOM   641 C C6    . U   B 2 3  ? -4.387  9.211   5.811   1.00 34.24  ? 3   U   B C6    1 
ATOM   642 P P     . U   B 2 4  ? -2.171  9.809   12.214  1.00 54.92  ? 4   U   B P     1 
ATOM   643 O OP1   . U   B 2 4  ? -3.511  9.831   12.850  1.00 45.42  ? 4   U   B OP1   1 
ATOM   644 O OP2   . U   B 2 4  ? -1.297  11.008  12.256  1.00 59.51  ? 4   U   B OP2   1 
ATOM   645 O "O5'" . U   B 2 4  ? -1.325  8.618   12.841  1.00 44.24  ? 4   U   B "O5'" 1 
ATOM   646 C "C5'" . U   B 2 4  ? -1.892  7.327   13.029  1.00 45.53  ? 4   U   B "C5'" 1 
ATOM   647 C "C4'" . U   B 2 4  ? -0.817  6.294   13.255  1.00 37.09  ? 4   U   B "C4'" 1 
ATOM   648 O "O4'" . U   B 2 4  ? -0.097  6.073   12.008  1.00 34.96  ? 4   U   B "O4'" 1 
ATOM   649 C "C3'" . U   B 2 4  ? 0.237   6.677   14.294  1.00 38.78  ? 4   U   B "C3'" 1 
ATOM   650 O "O3'" . U   B 2 4  ? 0.634   5.514   15.019  1.00 50.94  ? 4   U   B "O3'" 1 
ATOM   651 C "C2'" . U   B 2 4  ? 1.396   7.181   13.431  1.00 43.35  ? 4   U   B "C2'" 1 
ATOM   652 O "O2'" . U   B 2 4  ? 2.669   7.113   14.035  1.00 38.39  ? 4   U   B "O2'" 1 
ATOM   653 C "C1'" . U   B 2 4  ? 1.291   6.261   12.220  1.00 34.84  ? 4   U   B "C1'" 1 
ATOM   654 N N1    . U   B 2 4  ? 1.888   6.812   10.992  1.00 30.81  ? 4   U   B N1    1 
ATOM   655 C C2    . U   B 2 4  ? 2.839   6.048   10.337  1.00 36.48  ? 4   U   B C2    1 
ATOM   656 O O2    . U   B 2 4  ? 3.198   4.944   10.724  1.00 35.00  ? 4   U   B O2    1 
ATOM   657 N N3    . U   B 2 4  ? 3.353   6.624   9.197   1.00 33.01  ? 4   U   B N3    1 
ATOM   658 C C4    . U   B 2 4  ? 3.029   7.857   8.663   1.00 38.28  ? 4   U   B C4    1 
ATOM   659 O O4    . U   B 2 4  ? 3.585   8.234   7.622   1.00 31.45  ? 4   U   B O4    1 
ATOM   660 C C5    . U   B 2 4  ? 2.039   8.581   9.402   1.00 38.64  ? 4   U   B C5    1 
ATOM   661 C C6    . U   B 2 4  ? 1.517   8.047   10.514  1.00 34.12  ? 4   U   B C6    1 
ATOM   662 P P     . C   B 2 5  ? 0.396   5.434   16.608  1.00 54.58  ? 5   C   B P     1 
ATOM   663 O OP1   . C   B 2 5  ? -0.002  6.784   17.090  1.00 55.74  ? 5   C   B OP1   1 
ATOM   664 O OP2   . C   B 2 5  ? 1.552   4.726   17.207  1.00 50.61  ? 5   C   B OP2   1 
ATOM   665 O "O5'" . C   B 2 5  ? -0.871  4.484   16.772  1.00 50.94  ? 5   C   B "O5'" 1 
ATOM   666 C "C5'" . C   B 2 5  ? -2.194  4.988   16.628  1.00 51.36  ? 5   C   B "C5'" 1 
ATOM   667 C "C4'" . C   B 2 5  ? -3.158  3.882   16.277  1.00 57.75  ? 5   C   B "C4'" 1 
ATOM   668 O "O4'" . C   B 2 5  ? -2.761  3.286   15.012  1.00 56.00  ? 5   C   B "O4'" 1 
ATOM   669 C "C3'" . C   B 2 5  ? -3.196  2.706   17.247  1.00 61.42  ? 5   C   B "C3'" 1 
ATOM   670 O "O3'" . C   B 2 5  ? -4.030  2.937   18.372  1.00 65.32  ? 5   C   B "O3'" 1 
ATOM   671 C "C2'" . C   B 2 5  ? -3.659  1.559   16.360  1.00 40.88  ? 5   C   B "C2'" 1 
ATOM   672 O "O2'" . C   B 2 5  ? -5.054  1.656   16.112  1.00 46.30  ? 5   C   B "O2'" 1 
ATOM   673 C "C1'" . C   B 2 5  ? -2.930  1.884   15.060  1.00 50.40  ? 5   C   B "C1'" 1 
ATOM   674 N N1    . C   B 2 5  ? -1.586  1.266   15.004  1.00 36.61  ? 5   C   B N1    1 
ATOM   675 C C2    . C   B 2 5  ? -1.425  -0.117  14.899  1.00 35.65  ? 5   C   B C2    1 
ATOM   676 O O2    . C   B 2 5  ? -2.408  -0.868  14.857  1.00 45.30  ? 5   C   B O2    1 
ATOM   677 N N3    . C   B 2 5  ? -0.175  -0.620  14.856  1.00 33.86  ? 5   C   B N3    1 
ATOM   678 C C4    . C   B 2 5  ? 0.880   0.194   14.900  1.00 33.88  ? 5   C   B C4    1 
ATOM   679 N N4    . C   B 2 5  ? 2.091   -0.354  14.851  1.00 37.52  ? 5   C   B N4    1 
ATOM   680 C C5    . C   B 2 5  ? 0.748   1.601   15.001  1.00 35.65  ? 5   C   B C5    1 
ATOM   681 C C6    . C   B 2 5  ? -0.491  2.083   15.045  1.00 35.68  ? 5   C   B C6    1 
HETATM 682 S S     . SO4 C 3 .  ? -9.743  -4.157  -7.587  0.00 52.28  ? 200 SO4 A S     1 
HETATM 683 O O1    . SO4 C 3 .  ? -10.433 -4.070  -8.872  0.00 54.71  ? 200 SO4 A O1    1 
HETATM 684 O O2    . SO4 C 3 .  ? -10.670 -4.602  -6.554  0.00 53.33  ? 200 SO4 A O2    1 
HETATM 685 O O3    . SO4 C 3 .  ? -9.230  -2.840  -7.226  0.00 49.65  ? 200 SO4 A O3    1 
HETATM 686 O O4    . SO4 C 3 .  ? -8.647  -5.117  -7.688  0.00 49.43  ? 200 SO4 A O4    1 
HETATM 687 O O     . HOH D 4 .  ? -0.751  -10.095 0.753   1.00 44.19  ? 301 HOH A O     1 
HETATM 688 O O     . HOH D 4 .  ? -10.658 -7.149  5.536   1.00 40.25  ? 302 HOH A O     1 
HETATM 689 O O     . HOH D 4 .  ? -11.631 -3.821  8.383   1.00 31.60  ? 303 HOH A O     1 
HETATM 690 O O     . HOH D 4 .  ? 11.183  -6.071  0.099   1.00 36.47  ? 304 HOH A O     1 
HETATM 691 O O     . HOH D 4 .  ? -11.874 -13.456 2.690   1.00 47.64  ? 305 HOH A O     1 
HETATM 692 O O     . HOH D 4 .  ? 3.293   -10.218 -0.899  1.00 24.46  ? 306 HOH A O     1 
HETATM 693 O O     . HOH D 4 .  ? 9.348   -8.874  3.117   1.00 19.52  ? 307 HOH A O     1 
HETATM 694 O O     . HOH D 4 .  ? 11.253  -0.405  2.989   1.00 30.52  ? 308 HOH A O     1 
HETATM 695 O O     . HOH D 4 .  ? 8.657   8.964   -1.322  1.00 26.51  ? 309 HOH A O     1 
HETATM 696 O O     . HOH D 4 .  ? -3.453  -8.314  8.089   1.00 25.64  ? 310 HOH A O     1 
HETATM 697 O O     . HOH D 4 .  ? 1.006   8.720   3.162   1.00 35.79  ? 311 HOH A O     1 
HETATM 698 O O     . HOH D 4 .  ? -16.008 -14.048 11.765  1.00 37.00  ? 312 HOH A O     1 
HETATM 699 O O     . HOH D 4 .  ? 17.667  -0.254  1.387   1.00 33.52  ? 313 HOH A O     1 
HETATM 700 O O     . HOH D 4 .  ? -2.160  -7.227  10.349  1.00 18.78  ? 314 HOH A O     1 
HETATM 701 O O     . HOH D 4 .  ? 11.828  12.790  4.350   1.00 50.16  ? 315 HOH A O     1 
HETATM 702 O O     . HOH D 4 .  ? 8.061   7.927   6.290   1.00 34.23  ? 316 HOH A O     1 
HETATM 703 O O     . HOH D 4 .  ? -4.857  3.606   -0.064  1.00 19.72  ? 317 HOH A O     1 
HETATM 704 O O     . HOH D 4 .  ? 7.235   8.619   -6.394  1.00 33.02  ? 318 HOH A O     1 
HETATM 705 O O     . HOH D 4 .  ? 0.508   -3.649  -8.503  1.00 39.04  ? 319 HOH A O     1 
HETATM 706 O O     . HOH D 4 .  ? -6.625  0.482   -5.933  1.00 28.02  ? 320 HOH A O     1 
HETATM 707 O O     . HOH D 4 .  ? 5.692   9.666   4.523   1.00 43.30  ? 321 HOH A O     1 
HETATM 708 O O     . HOH D 4 .  ? -0.004  -9.219  -9.811  1.00 51.41  ? 322 HOH A O     1 
HETATM 709 O O     . HOH D 4 .  ? 8.835   3.461   8.714   1.00 45.25  ? 323 HOH A O     1 
HETATM 710 O O     . HOH D 4 .  ? 13.025  -3.160  -3.363  1.00 41.12  ? 324 HOH A O     1 
HETATM 711 O O     . HOH D 4 .  ? -8.217  -13.844 6.195   1.00 43.12  ? 325 HOH A O     1 
HETATM 712 O O     . HOH D 4 .  ? -6.551  -1.370  17.071  1.00 34.82  ? 326 HOH A O     1 
HETATM 713 O O     . HOH D 4 .  ? 10.261  -7.205  6.237   1.00 33.19  ? 327 HOH A O     1 
HETATM 714 O O     . HOH D 4 .  ? 6.441   11.224  2.240   1.00 51.63  ? 328 HOH A O     1 
HETATM 715 O O     . HOH D 4 .  ? 10.504  0.534   -5.005  1.00 35.57  ? 329 HOH A O     1 
HETATM 716 O O     . HOH D 4 .  ? 5.080   9.133   0.958   1.00 37.76  ? 330 HOH A O     1 
HETATM 717 O O     . HOH D 4 .  ? -6.100  4.543   -3.537  1.00 36.33  ? 331 HOH A O     1 
HETATM 718 O O     . HOH D 4 .  ? -5.917  -9.362  0.108   1.00 46.13  ? 332 HOH A O     1 
HETATM 719 O O     . HOH D 4 .  ? 8.594   -1.342  7.238   1.00 35.46  ? 333 HOH A O     1 
HETATM 720 O O     . HOH D 4 .  ? -1.569  -10.902 2.539   1.00 42.04  ? 334 HOH A O     1 
HETATM 721 O O     . HOH D 4 .  ? -0.540  -9.168  -0.880  1.00 41.93  ? 335 HOH A O     1 
HETATM 722 O O     . HOH D 4 .  ? 5.627   8.788   -1.354  1.00 28.32  ? 336 HOH A O     1 
HETATM 723 O O     . HOH D 4 .  ? -2.897  -10.906 4.936   1.00 43.23  ? 337 HOH A O     1 
HETATM 724 O O     . HOH D 4 .  ? -3.301  9.901   -13.423 1.00 35.13  ? 338 HOH A O     1 
HETATM 725 O O     . HOH D 4 .  ? -13.466 -1.404  8.450   1.00 40.33  ? 339 HOH A O     1 
HETATM 726 O O     . HOH D 4 .  ? 8.451   -4.295  8.063   1.00 38.17  ? 340 HOH A O     1 
HETATM 727 O O     . HOH D 4 .  ? -4.384  -11.627 2.400   1.00 46.46  ? 341 HOH A O     1 
HETATM 728 O O     . HOH D 4 .  ? -4.798  -10.592 8.189   1.00 46.62  ? 342 HOH A O     1 
HETATM 729 O O     . HOH D 4 .  ? -2.645  -9.198  -1.711  1.00 52.89  ? 343 HOH A O     1 
HETATM 730 O O     . HOH D 4 .  ? -8.653  -15.894 7.256   1.00 53.98  ? 344 HOH A O     1 
HETATM 731 O O     . HOH D 4 .  ? 2.563   -12.145 -2.510  1.00 29.12  ? 345 HOH A O     1 
HETATM 732 O O     . HOH D 4 .  ? 12.712  -0.688  -5.204  1.00 43.53  ? 346 HOH A O     1 
HETATM 733 O O     . HOH D 4 .  ? 10.043  -7.652  -7.735  1.00 45.73  ? 347 HOH A O     1 
HETATM 734 O O     . HOH D 4 .  ? -11.608 -19.807 5.485   1.00 51.74  ? 348 HOH A O     1 
HETATM 735 O O     . HOH D 4 .  ? -6.046  -16.871 -5.052  1.00 57.35  ? 349 HOH A O     1 
HETATM 736 O O     . HOH E 4 .  ? 0.348   -2.761  14.652  1.00 31.20  ? 101 HOH B O     1 
HETATM 737 O O     . HOH E 4 .  ? -0.319  11.033  9.485   1.00 52.84  ? 102 HOH B O     1 
HETATM 738 O O     . HOH E 4 .  ? -9.788  4.461   12.564  1.00 48.93  ? 103 HOH B O     1 
HETATM 739 O O     . HOH E 4 .  ? -11.204 4.726   -0.151  1.00 52.48  ? 104 HOH B O     1 
HETATM 740 O O     . HOH E 4 .  ? 3.076   -2.687  14.606  0.50 31.28  ? 105 HOH B O     1 
HETATM 741 O O     . HOH E 4 .  ? -4.265  0.730   19.735  1.00 52.75  ? 106 HOH B O     1 
HETATM 742 O O     . HOH E 4 .  ? -11.310 2.444   7.146   1.00 38.68  ? 107 HOH B O     1 
HETATM 743 O O     . HOH E 4 .  ? -2.563  -0.273  19.116  1.00 57.69  ? 108 HOH B O     1 
# 
loop_
_pdbx_poly_seq_scheme.asym_id 
_pdbx_poly_seq_scheme.entity_id 
_pdbx_poly_seq_scheme.seq_id 
_pdbx_poly_seq_scheme.mon_id 
_pdbx_poly_seq_scheme.ndb_seq_num 
_pdbx_poly_seq_scheme.pdb_seq_num 
_pdbx_poly_seq_scheme.auth_seq_num 
_pdbx_poly_seq_scheme.pdb_mon_id 
_pdbx_poly_seq_scheme.auth_mon_id 
_pdbx_poly_seq_scheme.pdb_strand_id 
_pdbx_poly_seq_scheme.pdb_ins_code 
_pdbx_poly_seq_scheme.hetero 
A 1 1  GLY 1  48  ?   ?   ?   A . n 
A 1 2  SER 2  49  ?   ?   ?   A . n 
A 1 3  GLY 3  50  ?   ?   ?   A . n 
A 1 4  ASP 4  51  ?   ?   ?   A . n 
A 1 5  LYS 5  52  52  LYS LYS A . n 
A 1 6  LYS 6  53  53  LYS LYS A . n 
A 1 7  VAL 7  54  54  VAL VAL A . n 
A 1 8  ILE 8  55  55  ILE ILE A . n 
A 1 9  ALA 9  56  56  ALA ALA A . n 
A 1 10 THR 10 57  57  THR THR A . n 
A 1 11 LYS 11 58  58  LYS LYS A . n 
A 1 12 VAL 12 59  59  VAL VAL A . n 
A 1 13 LEU 13 60  60  LEU LEU A . n 
A 1 14 GLY 14 61  61  GLY GLY A . n 
A 1 15 THR 15 62  62  THR THR A . n 
A 1 16 VAL 16 63  63  VAL VAL A . n 
A 1 17 LYS 17 64  64  LYS LYS A . n 
A 1 18 TRP 18 65  65  TRP TRP A . n 
A 1 19 PHE 19 66  66  PHE PHE A . n 
A 1 20 ASN 20 67  67  ASN ASN A . n 
A 1 21 VAL 21 68  68  VAL VAL A . n 
A 1 22 ARG 22 69  69  ARG ARG A . n 
A 1 23 ASN 23 70  70  ASN ASN A . n 
A 1 24 GLY 24 71  71  GLY GLY A . n 
A 1 25 TYR 25 72  72  TYR TYR A . n 
A 1 26 GLY 26 73  73  GLY GLY A . n 
A 1 27 PHE 27 74  74  PHE PHE A . n 
A 1 28 ILE 28 75  75  ILE ILE A . n 
A 1 29 ASN 29 76  76  ASN ASN A . n 
A 1 30 ARG 30 77  77  ARG ARG A . n 
A 1 31 ASN 31 78  78  ASN ASN A . n 
A 1 32 ASP 32 79  79  ASP ASP A . n 
A 1 33 THR 33 80  80  THR THR A . n 
A 1 34 LYS 34 81  81  LYS LYS A . n 
A 1 35 GLU 35 82  82  GLU GLU A . n 
A 1 36 ASP 36 83  83  ASP ASP A . n 
A 1 37 VAL 37 84  84  VAL VAL A . n 
A 1 38 PHE 38 85  85  PHE PHE A . n 
A 1 39 VAL 39 86  86  VAL VAL A . n 
A 1 40 HIS 40 87  87  HIS HIS A . n 
A 1 41 GLN 41 88  88  GLN GLN A . n 
A 1 42 THR 42 89  89  THR THR A . n 
A 1 43 ALA 43 90  90  ALA ALA A . n 
A 1 44 ILE 44 91  91  ILE ILE A . n 
A 1 45 LYS 45 92  92  LYS LYS A . n 
A 1 46 LYS 46 93  93  LYS LYS A . n 
A 1 47 ASN 47 94  ?   ?   ?   A . n 
A 1 48 ASN 48 95  ?   ?   ?   A . n 
A 1 49 PRO 49 96  ?   ?   ?   A . n 
A 1 50 ARG 50 97  ?   ?   ?   A . n 
A 1 51 LYS 51 98  98  LYS LYS A . n 
A 1 52 TYR 52 99  99  TYR TYR A . n 
A 1 53 LEU 53 100 100 LEU LEU A . n 
A 1 54 ARG 54 101 101 ARG ARG A . n 
A 1 55 SER 55 102 102 SER SER A . n 
A 1 56 VAL 56 103 103 VAL VAL A . n 
A 1 57 GLY 57 104 104 GLY GLY A . n 
A 1 58 ASP 58 105 105 ASP ASP A . n 
A 1 59 GLY 59 106 106 GLY GLY A . n 
A 1 60 GLU 60 107 107 GLU GLU A . n 
A 1 61 THR 61 108 108 THR THR A . n 
A 1 62 VAL 62 109 109 VAL VAL A . n 
A 1 63 GLU 63 110 110 GLU GLU A . n 
A 1 64 PHE 64 111 111 PHE PHE A . n 
A 1 65 ASP 65 112 112 ASP ASP A . n 
A 1 66 VAL 66 113 113 VAL VAL A . n 
A 1 67 VAL 67 114 114 VAL VAL A . n 
A 1 68 GLU 68 115 115 GLU GLU A . n 
A 1 69 GLY 69 116 116 GLY GLY A . n 
A 1 70 GLU 70 117 117 GLU GLU A . n 
A 1 71 LYS 71 118 118 LYS LYS A . n 
A 1 72 GLY 72 119 119 GLY GLY A . n 
A 1 73 ALA 73 120 120 ALA ALA A . n 
A 1 74 GLU 74 121 121 GLU GLU A . n 
A 1 75 ALA 75 122 122 ALA ALA A . n 
A 1 76 ALA 76 123 123 ALA ALA A . n 
A 1 77 ASN 77 124 124 ASN ASN A . n 
A 1 78 VAL 78 125 125 VAL VAL A . n 
A 1 79 THR 79 126 126 THR THR A . n 
A 1 80 GLY 80 127 127 GLY GLY A . n 
A 1 81 PRO 81 128 128 PRO PRO A . n 
A 1 82 GLY 82 129 129 GLY GLY A . n 
A 1 83 GLY 83 130 ?   ?   ?   A . n 
B 2 1  U   1  1   ?   ?   ?   B . n 
B 2 2  C   2  2   2   C   C   B . n 
B 2 3  U   3  3   3   U   U   B . n 
B 2 4  U   4  4   4   U   U   B . n 
B 2 5  C   5  5   5   C   C   B . n 
B 2 6  U   6  6   ?   ?   ?   B . n 
# 
loop_
_pdbx_nonpoly_scheme.asym_id 
_pdbx_nonpoly_scheme.entity_id 
_pdbx_nonpoly_scheme.mon_id 
_pdbx_nonpoly_scheme.ndb_seq_num 
_pdbx_nonpoly_scheme.pdb_seq_num 
_pdbx_nonpoly_scheme.auth_seq_num 
_pdbx_nonpoly_scheme.pdb_mon_id 
_pdbx_nonpoly_scheme.auth_mon_id 
_pdbx_nonpoly_scheme.pdb_strand_id 
_pdbx_nonpoly_scheme.pdb_ins_code 
C 3 SO4 1  200 200 SO4 SO4 A . 
D 4 HOH 1  301 46  HOH HOH A . 
D 4 HOH 2  302 37  HOH HOH A . 
D 4 HOH 3  303 23  HOH HOH A . 
D 4 HOH 4  304 13  HOH HOH A . 
D 4 HOH 5  305 50  HOH HOH A . 
D 4 HOH 6  306 4   HOH HOH A . 
D 4 HOH 7  307 1   HOH HOH A . 
D 4 HOH 8  308 11  HOH HOH A . 
D 4 HOH 9  309 9   HOH HOH A . 
D 4 HOH 10 310 7   HOH HOH A . 
D 4 HOH 11 311 24  HOH HOH A . 
D 4 HOH 12 312 36  HOH HOH A . 
D 4 HOH 13 313 8   HOH HOH A . 
D 4 HOH 14 314 3   HOH HOH A . 
D 4 HOH 15 315 39  HOH HOH A . 
D 4 HOH 16 316 12  HOH HOH A . 
D 4 HOH 17 317 2   HOH HOH A . 
D 4 HOH 18 318 18  HOH HOH A . 
D 4 HOH 19 319 25  HOH HOH A . 
D 4 HOH 20 320 41  HOH HOH A . 
D 4 HOH 21 321 21  HOH HOH A . 
D 4 HOH 22 322 51  HOH HOH A . 
D 4 HOH 23 323 35  HOH HOH A . 
D 4 HOH 24 324 45  HOH HOH A . 
D 4 HOH 25 325 33  HOH HOH A . 
D 4 HOH 26 326 16  HOH HOH A . 
D 4 HOH 27 327 10  HOH HOH A . 
D 4 HOH 28 328 38  HOH HOH A . 
D 4 HOH 29 329 26  HOH HOH A . 
D 4 HOH 30 330 15  HOH HOH A . 
D 4 HOH 31 331 31  HOH HOH A . 
D 4 HOH 32 332 28  HOH HOH A . 
D 4 HOH 33 333 22  HOH HOH A . 
D 4 HOH 34 334 19  HOH HOH A . 
D 4 HOH 35 335 44  HOH HOH A . 
D 4 HOH 36 336 6   HOH HOH A . 
D 4 HOH 37 337 27  HOH HOH A . 
D 4 HOH 38 338 40  HOH HOH A . 
D 4 HOH 39 339 48  HOH HOH A . 
D 4 HOH 40 340 55  HOH HOH A . 
D 4 HOH 41 341 52  HOH HOH A . 
D 4 HOH 42 342 29  HOH HOH A . 
D 4 HOH 43 343 54  HOH HOH A . 
D 4 HOH 44 344 32  HOH HOH A . 
D 4 HOH 45 345 14  HOH HOH A . 
D 4 HOH 46 346 20  HOH HOH A . 
D 4 HOH 47 347 53  HOH HOH A . 
D 4 HOH 48 348 43  HOH HOH A . 
D 4 HOH 49 349 47  HOH HOH A . 
E 4 HOH 1  101 5   HOH HOH B . 
E 4 HOH 2  102 34  HOH HOH B . 
E 4 HOH 3  103 57  HOH HOH B . 
E 4 HOH 4  104 30  HOH HOH B . 
E 4 HOH 5  105 17  HOH HOH B . 
E 4 HOH 6  106 49  HOH HOH B . 
E 4 HOH 7  107 42  HOH HOH B . 
E 4 HOH 8  108 56  HOH HOH B . 
# 
_pdbx_struct_assembly.id                   1 
_pdbx_struct_assembly.details              author_and_software_defined_assembly 
_pdbx_struct_assembly.method_details       PISA 
_pdbx_struct_assembly.oligomeric_details   dimeric 
_pdbx_struct_assembly.oligomeric_count     2 
# 
_pdbx_struct_assembly_gen.assembly_id       1 
_pdbx_struct_assembly_gen.oper_expression   1 
_pdbx_struct_assembly_gen.asym_id_list      A,B,C,D,E 
# 
loop_
_pdbx_struct_assembly_prop.biol_id 
_pdbx_struct_assembly_prop.type 
_pdbx_struct_assembly_prop.value 
_pdbx_struct_assembly_prop.details 
1 'ABSA (A^2)' 1240 ? 
1 MORE         -16  ? 
1 'SSA (A^2)'  5220 ? 
# 
_pdbx_struct_oper_list.id                   1 
_pdbx_struct_oper_list.type                 'identity operation' 
_pdbx_struct_oper_list.name                 1_555 
_pdbx_struct_oper_list.symmetry_operation   x,y,z 
_pdbx_struct_oper_list.matrix[1][1]         1.0000000000 
_pdbx_struct_oper_list.matrix[1][2]         0.0000000000 
_pdbx_struct_oper_list.matrix[1][3]         0.0000000000 
_pdbx_struct_oper_list.vector[1]            0.0000000000 
_pdbx_struct_oper_list.matrix[2][1]         0.0000000000 
_pdbx_struct_oper_list.matrix[2][2]         1.0000000000 
_pdbx_struct_oper_list.matrix[2][3]         0.0000000000 
_pdbx_struct_oper_list.vector[2]            0.0000000000 
_pdbx_struct_oper_list.matrix[3][1]         0.0000000000 
_pdbx_struct_oper_list.matrix[3][2]         0.0000000000 
_pdbx_struct_oper_list.matrix[3][3]         1.0000000000 
_pdbx_struct_oper_list.vector[3]            0.0000000000 
# 
_pdbx_struct_special_symmetry.id              1 
_pdbx_struct_special_symmetry.PDB_model_num   1 
_pdbx_struct_special_symmetry.auth_asym_id    B 
_pdbx_struct_special_symmetry.auth_comp_id    HOH 
_pdbx_struct_special_symmetry.auth_seq_id     105 
_pdbx_struct_special_symmetry.PDB_ins_code    ? 
_pdbx_struct_special_symmetry.label_asym_id   E 
_pdbx_struct_special_symmetry.label_comp_id   HOH 
_pdbx_struct_special_symmetry.label_seq_id    . 
# 
loop_
_pdbx_audit_revision_history.ordinal 
_pdbx_audit_revision_history.data_content_type 
_pdbx_audit_revision_history.major_revision 
_pdbx_audit_revision_history.minor_revision 
_pdbx_audit_revision_history.revision_date 
1 'Structure model' 1 0 2018-12-05 
2 'Structure model' 1 1 2019-06-19 
3 'Structure model' 1 2 2019-07-24 
4 'Structure model' 1 3 2023-11-22 
# 
_pdbx_audit_revision_details.ordinal             1 
_pdbx_audit_revision_details.revision_ordinal    1 
_pdbx_audit_revision_details.data_content_type   'Structure model' 
_pdbx_audit_revision_details.provider            repository 
_pdbx_audit_revision_details.type                'Initial release' 
_pdbx_audit_revision_details.description         ? 
_pdbx_audit_revision_details.details             ? 
# 
loop_
_pdbx_audit_revision_group.ordinal 
_pdbx_audit_revision_group.revision_ordinal 
_pdbx_audit_revision_group.data_content_type 
_pdbx_audit_revision_group.group 
1 2 'Structure model' 'Data collection'        
2 2 'Structure model' 'Database references'    
3 3 'Structure model' 'Data collection'        
4 3 'Structure model' 'Database references'    
5 4 'Structure model' Advisory                 
6 4 'Structure model' 'Data collection'        
7 4 'Structure model' 'Database references'    
8 4 'Structure model' 'Refinement description' 
# 
loop_
_pdbx_audit_revision_category.ordinal 
_pdbx_audit_revision_category.revision_ordinal 
_pdbx_audit_revision_category.data_content_type 
_pdbx_audit_revision_category.category 
1 2 'Structure model' citation                        
2 2 'Structure model' citation_author                 
3 3 'Structure model' citation                        
4 3 'Structure model' citation_author                 
5 4 'Structure model' chem_comp_atom                  
6 4 'Structure model' chem_comp_bond                  
7 4 'Structure model' database_2                      
8 4 'Structure model' pdbx_initial_refinement_model   
9 4 'Structure model' pdbx_unobs_or_zero_occ_residues 
# 
loop_
_pdbx_audit_revision_item.ordinal 
_pdbx_audit_revision_item.revision_ordinal 
_pdbx_audit_revision_item.data_content_type 
_pdbx_audit_revision_item.item 
1  2 'Structure model' '_citation.country'                   
2  2 'Structure model' '_citation.journal_abbrev'            
3  2 'Structure model' '_citation.journal_id_ASTM'           
4  2 'Structure model' '_citation.journal_id_CSD'            
5  2 'Structure model' '_citation.journal_id_ISSN'           
6  2 'Structure model' '_citation.pdbx_database_id_DOI'      
7  2 'Structure model' '_citation.pdbx_database_id_PubMed'   
8  2 'Structure model' '_citation.title'                     
9  2 'Structure model' '_citation.year'                      
10 3 'Structure model' '_citation.journal_volume'            
11 3 'Structure model' '_citation.page_first'                
12 3 'Structure model' '_citation.page_last'                 
13 3 'Structure model' '_citation_author.identifier_ORCID'   
14 4 'Structure model' '_database_2.pdbx_DOI'                
15 4 'Structure model' '_database_2.pdbx_database_accession' 
# 
loop_
_software.citation_id 
_software.classification 
_software.compiler_name 
_software.compiler_version 
_software.contact_author 
_software.contact_author_email 
_software.date 
_software.description 
_software.dependencies 
_software.hardware 
_software.language 
_software.location 
_software.mods 
_software.name 
_software.os 
_software.os_version 
_software.type 
_software.version 
_software.pdbx_ordinal 
? refinement       ? ? ? ? ? ? ? ? ? ? ? PHENIX   ? ? ? 1.9_1692 1 
? 'data reduction' ? ? ? ? ? ? ? ? ? ? ? HKL-2000 ? ? ? .        2 
? 'data scaling'   ? ? ? ? ? ? ? ? ? ? ? HKL-2000 ? ? ? .        3 
? phasing          ? ? ? ? ? ? ? ? ? ? ? PHENIX   ? ? ? .        4 
# 
loop_
_pdbx_validate_close_contact.id 
_pdbx_validate_close_contact.PDB_model_num 
_pdbx_validate_close_contact.auth_atom_id_1 
_pdbx_validate_close_contact.auth_asym_id_1 
_pdbx_validate_close_contact.auth_comp_id_1 
_pdbx_validate_close_contact.auth_seq_id_1 
_pdbx_validate_close_contact.PDB_ins_code_1 
_pdbx_validate_close_contact.label_alt_id_1 
_pdbx_validate_close_contact.auth_atom_id_2 
_pdbx_validate_close_contact.auth_asym_id_2 
_pdbx_validate_close_contact.auth_comp_id_2 
_pdbx_validate_close_contact.auth_seq_id_2 
_pdbx_validate_close_contact.PDB_ins_code_2 
_pdbx_validate_close_contact.label_alt_id_2 
_pdbx_validate_close_contact.dist 
1 1 O A HOH 301 ? ? O A HOH 335 ? ? 1.89 
2 1 O B HOH 106 ? ? O B HOH 108 ? ? 2.07 
3 1 O A HOH 301 ? ? O A HOH 334 ? ? 2.12 
# 
_pdbx_validate_symm_contact.id                1 
_pdbx_validate_symm_contact.PDB_model_num     1 
_pdbx_validate_symm_contact.auth_atom_id_1    O 
_pdbx_validate_symm_contact.auth_asym_id_1    A 
_pdbx_validate_symm_contact.auth_comp_id_1    HOH 
_pdbx_validate_symm_contact.auth_seq_id_1     312 
_pdbx_validate_symm_contact.PDB_ins_code_1    ? 
_pdbx_validate_symm_contact.label_alt_id_1    ? 
_pdbx_validate_symm_contact.site_symmetry_1   1_555 
_pdbx_validate_symm_contact.auth_atom_id_2    O 
_pdbx_validate_symm_contact.auth_asym_id_2    A 
_pdbx_validate_symm_contact.auth_comp_id_2    HOH 
_pdbx_validate_symm_contact.auth_seq_id_2     329 
_pdbx_validate_symm_contact.PDB_ins_code_2    ? 
_pdbx_validate_symm_contact.label_alt_id_2    ? 
_pdbx_validate_symm_contact.site_symmetry_2   5_554 
_pdbx_validate_symm_contact.dist              2.06 
# 
loop_
_pdbx_unobs_or_zero_occ_residues.id 
_pdbx_unobs_or_zero_occ_residues.PDB_model_num 
_pdbx_unobs_or_zero_occ_residues.polymer_flag 
_pdbx_unobs_or_zero_occ_residues.occupancy_flag 
_pdbx_unobs_or_zero_occ_residues.auth_asym_id 
_pdbx_unobs_or_zero_occ_residues.auth_comp_id 
_pdbx_unobs_or_zero_occ_residues.auth_seq_id 
_pdbx_unobs_or_zero_occ_residues.PDB_ins_code 
_pdbx_unobs_or_zero_occ_residues.label_asym_id 
_pdbx_unobs_or_zero_occ_residues.label_comp_id 
_pdbx_unobs_or_zero_occ_residues.label_seq_id 
1  1 Y 1 A GLY 48  ? A GLY 1  
2  1 Y 1 A SER 49  ? A SER 2  
3  1 Y 1 A GLY 50  ? A GLY 3  
4  1 Y 1 A ASP 51  ? A ASP 4  
5  1 Y 1 A ASN 94  ? A ASN 47 
6  1 Y 1 A ASN 95  ? A ASN 48 
7  1 Y 1 A PRO 96  ? A PRO 49 
8  1 Y 1 A ARG 97  ? A ARG 50 
9  1 Y 1 A GLY 130 ? A GLY 83 
10 1 Y 1 B U   1   ? B U   1  
11 1 Y 1 B U   6   ? B U   6  
12 1 N 0 A SO4 200 ? C SO4 ?  
# 
loop_
_chem_comp_atom.comp_id 
_chem_comp_atom.atom_id 
_chem_comp_atom.type_symbol 
_chem_comp_atom.pdbx_aromatic_flag 
_chem_comp_atom.pdbx_stereo_config 
_chem_comp_atom.pdbx_ordinal 
ALA N      N N N 1   
ALA CA     C N S 2   
ALA C      C N N 3   
ALA O      O N N 4   
ALA CB     C N N 5   
ALA OXT    O N N 6   
ALA H      H N N 7   
ALA H2     H N N 8   
ALA HA     H N N 9   
ALA HB1    H N N 10  
ALA HB2    H N N 11  
ALA HB3    H N N 12  
ALA HXT    H N N 13  
ARG N      N N N 14  
ARG CA     C N S 15  
ARG C      C N N 16  
ARG O      O N N 17  
ARG CB     C N N 18  
ARG CG     C N N 19  
ARG CD     C N N 20  
ARG NE     N N N 21  
ARG CZ     C N N 22  
ARG NH1    N N N 23  
ARG NH2    N N N 24  
ARG OXT    O N N 25  
ARG H      H N N 26  
ARG H2     H N N 27  
ARG HA     H N N 28  
ARG HB2    H N N 29  
ARG HB3    H N N 30  
ARG HG2    H N N 31  
ARG HG3    H N N 32  
ARG HD2    H N N 33  
ARG HD3    H N N 34  
ARG HE     H N N 35  
ARG HH11   H N N 36  
ARG HH12   H N N 37  
ARG HH21   H N N 38  
ARG HH22   H N N 39  
ARG HXT    H N N 40  
ASN N      N N N 41  
ASN CA     C N S 42  
ASN C      C N N 43  
ASN O      O N N 44  
ASN CB     C N N 45  
ASN CG     C N N 46  
ASN OD1    O N N 47  
ASN ND2    N N N 48  
ASN OXT    O N N 49  
ASN H      H N N 50  
ASN H2     H N N 51  
ASN HA     H N N 52  
ASN HB2    H N N 53  
ASN HB3    H N N 54  
ASN HD21   H N N 55  
ASN HD22   H N N 56  
ASN HXT    H N N 57  
ASP N      N N N 58  
ASP CA     C N S 59  
ASP C      C N N 60  
ASP O      O N N 61  
ASP CB     C N N 62  
ASP CG     C N N 63  
ASP OD1    O N N 64  
ASP OD2    O N N 65  
ASP OXT    O N N 66  
ASP H      H N N 67  
ASP H2     H N N 68  
ASP HA     H N N 69  
ASP HB2    H N N 70  
ASP HB3    H N N 71  
ASP HD2    H N N 72  
ASP HXT    H N N 73  
C   OP3    O N N 74  
C   P      P N N 75  
C   OP1    O N N 76  
C   OP2    O N N 77  
C   "O5'"  O N N 78  
C   "C5'"  C N N 79  
C   "C4'"  C N R 80  
C   "O4'"  O N N 81  
C   "C3'"  C N S 82  
C   "O3'"  O N N 83  
C   "C2'"  C N R 84  
C   "O2'"  O N N 85  
C   "C1'"  C N R 86  
C   N1     N N N 87  
C   C2     C N N 88  
C   O2     O N N 89  
C   N3     N N N 90  
C   C4     C N N 91  
C   N4     N N N 92  
C   C5     C N N 93  
C   C6     C N N 94  
C   HOP3   H N N 95  
C   HOP2   H N N 96  
C   "H5'"  H N N 97  
C   "H5''" H N N 98  
C   "H4'"  H N N 99  
C   "H3'"  H N N 100 
C   "HO3'" H N N 101 
C   "H2'"  H N N 102 
C   "HO2'" H N N 103 
C   "H1'"  H N N 104 
C   H41    H N N 105 
C   H42    H N N 106 
C   H5     H N N 107 
C   H6     H N N 108 
GLN N      N N N 109 
GLN CA     C N S 110 
GLN C      C N N 111 
GLN O      O N N 112 
GLN CB     C N N 113 
GLN CG     C N N 114 
GLN CD     C N N 115 
GLN OE1    O N N 116 
GLN NE2    N N N 117 
GLN OXT    O N N 118 
GLN H      H N N 119 
GLN H2     H N N 120 
GLN HA     H N N 121 
GLN HB2    H N N 122 
GLN HB3    H N N 123 
GLN HG2    H N N 124 
GLN HG3    H N N 125 
GLN HE21   H N N 126 
GLN HE22   H N N 127 
GLN HXT    H N N 128 
GLU N      N N N 129 
GLU CA     C N S 130 
GLU C      C N N 131 
GLU O      O N N 132 
GLU CB     C N N 133 
GLU CG     C N N 134 
GLU CD     C N N 135 
GLU OE1    O N N 136 
GLU OE2    O N N 137 
GLU OXT    O N N 138 
GLU H      H N N 139 
GLU H2     H N N 140 
GLU HA     H N N 141 
GLU HB2    H N N 142 
GLU HB3    H N N 143 
GLU HG2    H N N 144 
GLU HG3    H N N 145 
GLU HE2    H N N 146 
GLU HXT    H N N 147 
GLY N      N N N 148 
GLY CA     C N N 149 
GLY C      C N N 150 
GLY O      O N N 151 
GLY OXT    O N N 152 
GLY H      H N N 153 
GLY H2     H N N 154 
GLY HA2    H N N 155 
GLY HA3    H N N 156 
GLY HXT    H N N 157 
HIS N      N N N 158 
HIS CA     C N S 159 
HIS C      C N N 160 
HIS O      O N N 161 
HIS CB     C N N 162 
HIS CG     C Y N 163 
HIS ND1    N Y N 164 
HIS CD2    C Y N 165 
HIS CE1    C Y N 166 
HIS NE2    N Y N 167 
HIS OXT    O N N 168 
HIS H      H N N 169 
HIS H2     H N N 170 
HIS HA     H N N 171 
HIS HB2    H N N 172 
HIS HB3    H N N 173 
HIS HD1    H N N 174 
HIS HD2    H N N 175 
HIS HE1    H N N 176 
HIS HE2    H N N 177 
HIS HXT    H N N 178 
HOH O      O N N 179 
HOH H1     H N N 180 
HOH H2     H N N 181 
ILE N      N N N 182 
ILE CA     C N S 183 
ILE C      C N N 184 
ILE O      O N N 185 
ILE CB     C N S 186 
ILE CG1    C N N 187 
ILE CG2    C N N 188 
ILE CD1    C N N 189 
ILE OXT    O N N 190 
ILE H      H N N 191 
ILE H2     H N N 192 
ILE HA     H N N 193 
ILE HB     H N N 194 
ILE HG12   H N N 195 
ILE HG13   H N N 196 
ILE HG21   H N N 197 
ILE HG22   H N N 198 
ILE HG23   H N N 199 
ILE HD11   H N N 200 
ILE HD12   H N N 201 
ILE HD13   H N N 202 
ILE HXT    H N N 203 
LEU N      N N N 204 
LEU CA     C N S 205 
LEU C      C N N 206 
LEU O      O N N 207 
LEU CB     C N N 208 
LEU CG     C N N 209 
LEU CD1    C N N 210 
LEU CD2    C N N 211 
LEU OXT    O N N 212 
LEU H      H N N 213 
LEU H2     H N N 214 
LEU HA     H N N 215 
LEU HB2    H N N 216 
LEU HB3    H N N 217 
LEU HG     H N N 218 
LEU HD11   H N N 219 
LEU HD12   H N N 220 
LEU HD13   H N N 221 
LEU HD21   H N N 222 
LEU HD22   H N N 223 
LEU HD23   H N N 224 
LEU HXT    H N N 225 
LYS N      N N N 226 
LYS CA     C N S 227 
LYS C      C N N 228 
LYS O      O N N 229 
LYS CB     C N N 230 
LYS CG     C N N 231 
LYS CD     C N N 232 
LYS CE     C N N 233 
LYS NZ     N N N 234 
LYS OXT    O N N 235 
LYS H      H N N 236 
LYS H2     H N N 237 
LYS HA     H N N 238 
LYS HB2    H N N 239 
LYS HB3    H N N 240 
LYS HG2    H N N 241 
LYS HG3    H N N 242 
LYS HD2    H N N 243 
LYS HD3    H N N 244 
LYS HE2    H N N 245 
LYS HE3    H N N 246 
LYS HZ1    H N N 247 
LYS HZ2    H N N 248 
LYS HZ3    H N N 249 
LYS HXT    H N N 250 
PHE N      N N N 251 
PHE CA     C N S 252 
PHE C      C N N 253 
PHE O      O N N 254 
PHE CB     C N N 255 
PHE CG     C Y N 256 
PHE CD1    C Y N 257 
PHE CD2    C Y N 258 
PHE CE1    C Y N 259 
PHE CE2    C Y N 260 
PHE CZ     C Y N 261 
PHE OXT    O N N 262 
PHE H      H N N 263 
PHE H2     H N N 264 
PHE HA     H N N 265 
PHE HB2    H N N 266 
PHE HB3    H N N 267 
PHE HD1    H N N 268 
PHE HD2    H N N 269 
PHE HE1    H N N 270 
PHE HE2    H N N 271 
PHE HZ     H N N 272 
PHE HXT    H N N 273 
PRO N      N N N 274 
PRO CA     C N S 275 
PRO C      C N N 276 
PRO O      O N N 277 
PRO CB     C N N 278 
PRO CG     C N N 279 
PRO CD     C N N 280 
PRO OXT    O N N 281 
PRO H      H N N 282 
PRO HA     H N N 283 
PRO HB2    H N N 284 
PRO HB3    H N N 285 
PRO HG2    H N N 286 
PRO HG3    H N N 287 
PRO HD2    H N N 288 
PRO HD3    H N N 289 
PRO HXT    H N N 290 
SER N      N N N 291 
SER CA     C N S 292 
SER C      C N N 293 
SER O      O N N 294 
SER CB     C N N 295 
SER OG     O N N 296 
SER OXT    O N N 297 
SER H      H N N 298 
SER H2     H N N 299 
SER HA     H N N 300 
SER HB2    H N N 301 
SER HB3    H N N 302 
SER HG     H N N 303 
SER HXT    H N N 304 
SO4 S      S N N 305 
SO4 O1     O N N 306 
SO4 O2     O N N 307 
SO4 O3     O N N 308 
SO4 O4     O N N 309 
THR N      N N N 310 
THR CA     C N S 311 
THR C      C N N 312 
THR O      O N N 313 
THR CB     C N R 314 
THR OG1    O N N 315 
THR CG2    C N N 316 
THR OXT    O N N 317 
THR H      H N N 318 
THR H2     H N N 319 
THR HA     H N N 320 
THR HB     H N N 321 
THR HG1    H N N 322 
THR HG21   H N N 323 
THR HG22   H N N 324 
THR HG23   H N N 325 
THR HXT    H N N 326 
TRP N      N N N 327 
TRP CA     C N S 328 
TRP C      C N N 329 
TRP O      O N N 330 
TRP CB     C N N 331 
TRP CG     C Y N 332 
TRP CD1    C Y N 333 
TRP CD2    C Y N 334 
TRP NE1    N Y N 335 
TRP CE2    C Y N 336 
TRP CE3    C Y N 337 
TRP CZ2    C Y N 338 
TRP CZ3    C Y N 339 
TRP CH2    C Y N 340 
TRP OXT    O N N 341 
TRP H      H N N 342 
TRP H2     H N N 343 
TRP HA     H N N 344 
TRP HB2    H N N 345 
TRP HB3    H N N 346 
TRP HD1    H N N 347 
TRP HE1    H N N 348 
TRP HE3    H N N 349 
TRP HZ2    H N N 350 
TRP HZ3    H N N 351 
TRP HH2    H N N 352 
TRP HXT    H N N 353 
TYR N      N N N 354 
TYR CA     C N S 355 
TYR C      C N N 356 
TYR O      O N N 357 
TYR CB     C N N 358 
TYR CG     C Y N 359 
TYR CD1    C Y N 360 
TYR CD2    C Y N 361 
TYR CE1    C Y N 362 
TYR CE2    C Y N 363 
TYR CZ     C Y N 364 
TYR OH     O N N 365 
TYR OXT    O N N 366 
TYR H      H N N 367 
TYR H2     H N N 368 
TYR HA     H N N 369 
TYR HB2    H N N 370 
TYR HB3    H N N 371 
TYR HD1    H N N 372 
TYR HD2    H N N 373 
TYR HE1    H N N 374 
TYR HE2    H N N 375 
TYR HH     H N N 376 
TYR HXT    H N N 377 
U   OP3    O N N 378 
U   P      P N N 379 
U   OP1    O N N 380 
U   OP2    O N N 381 
U   "O5'"  O N N 382 
U   "C5'"  C N N 383 
U   "C4'"  C N R 384 
U   "O4'"  O N N 385 
U   "C3'"  C N S 386 
U   "O3'"  O N N 387 
U   "C2'"  C N R 388 
U   "O2'"  O N N 389 
U   "C1'"  C N R 390 
U   N1     N N N 391 
U   C2     C N N 392 
U   O2     O N N 393 
U   N3     N N N 394 
U   C4     C N N 395 
U   O4     O N N 396 
U   C5     C N N 397 
U   C6     C N N 398 
U   HOP3   H N N 399 
U   HOP2   H N N 400 
U   "H5'"  H N N 401 
U   "H5''" H N N 402 
U   "H4'"  H N N 403 
U   "H3'"  H N N 404 
U   "HO3'" H N N 405 
U   "H2'"  H N N 406 
U   "HO2'" H N N 407 
U   "H1'"  H N N 408 
U   H3     H N N 409 
U   H5     H N N 410 
U   H6     H N N 411 
VAL N      N N N 412 
VAL CA     C N S 413 
VAL C      C N N 414 
VAL O      O N N 415 
VAL CB     C N N 416 
VAL CG1    C N N 417 
VAL CG2    C N N 418 
VAL OXT    O N N 419 
VAL H      H N N 420 
VAL H2     H N N 421 
VAL HA     H N N 422 
VAL HB     H N N 423 
VAL HG11   H N N 424 
VAL HG12   H N N 425 
VAL HG13   H N N 426 
VAL HG21   H N N 427 
VAL HG22   H N N 428 
VAL HG23   H N N 429 
VAL HXT    H N N 430 
# 
loop_
_chem_comp_bond.comp_id 
_chem_comp_bond.atom_id_1 
_chem_comp_bond.atom_id_2 
_chem_comp_bond.value_order 
_chem_comp_bond.pdbx_aromatic_flag 
_chem_comp_bond.pdbx_stereo_config 
_chem_comp_bond.pdbx_ordinal 
ALA N     CA     sing N N 1   
ALA N     H      sing N N 2   
ALA N     H2     sing N N 3   
ALA CA    C      sing N N 4   
ALA CA    CB     sing N N 5   
ALA CA    HA     sing N N 6   
ALA C     O      doub N N 7   
ALA C     OXT    sing N N 8   
ALA CB    HB1    sing N N 9   
ALA CB    HB2    sing N N 10  
ALA CB    HB3    sing N N 11  
ALA OXT   HXT    sing N N 12  
ARG N     CA     sing N N 13  
ARG N     H      sing N N 14  
ARG N     H2     sing N N 15  
ARG CA    C      sing N N 16  
ARG CA    CB     sing N N 17  
ARG CA    HA     sing N N 18  
ARG C     O      doub N N 19  
ARG C     OXT    sing N N 20  
ARG CB    CG     sing N N 21  
ARG CB    HB2    sing N N 22  
ARG CB    HB3    sing N N 23  
ARG CG    CD     sing N N 24  
ARG CG    HG2    sing N N 25  
ARG CG    HG3    sing N N 26  
ARG CD    NE     sing N N 27  
ARG CD    HD2    sing N N 28  
ARG CD    HD3    sing N N 29  
ARG NE    CZ     sing N N 30  
ARG NE    HE     sing N N 31  
ARG CZ    NH1    sing N N 32  
ARG CZ    NH2    doub N N 33  
ARG NH1   HH11   sing N N 34  
ARG NH1   HH12   sing N N 35  
ARG NH2   HH21   sing N N 36  
ARG NH2   HH22   sing N N 37  
ARG OXT   HXT    sing N N 38  
ASN N     CA     sing N N 39  
ASN N     H      sing N N 40  
ASN N     H2     sing N N 41  
ASN CA    C      sing N N 42  
ASN CA    CB     sing N N 43  
ASN CA    HA     sing N N 44  
ASN C     O      doub N N 45  
ASN C     OXT    sing N N 46  
ASN CB    CG     sing N N 47  
ASN CB    HB2    sing N N 48  
ASN CB    HB3    sing N N 49  
ASN CG    OD1    doub N N 50  
ASN CG    ND2    sing N N 51  
ASN ND2   HD21   sing N N 52  
ASN ND2   HD22   sing N N 53  
ASN OXT   HXT    sing N N 54  
ASP N     CA     sing N N 55  
ASP N     H      sing N N 56  
ASP N     H2     sing N N 57  
ASP CA    C      sing N N 58  
ASP CA    CB     sing N N 59  
ASP CA    HA     sing N N 60  
ASP C     O      doub N N 61  
ASP C     OXT    sing N N 62  
ASP CB    CG     sing N N 63  
ASP CB    HB2    sing N N 64  
ASP CB    HB3    sing N N 65  
ASP CG    OD1    doub N N 66  
ASP CG    OD2    sing N N 67  
ASP OD2   HD2    sing N N 68  
ASP OXT   HXT    sing N N 69  
C   OP3   P      sing N N 70  
C   OP3   HOP3   sing N N 71  
C   P     OP1    doub N N 72  
C   P     OP2    sing N N 73  
C   P     "O5'"  sing N N 74  
C   OP2   HOP2   sing N N 75  
C   "O5'" "C5'"  sing N N 76  
C   "C5'" "C4'"  sing N N 77  
C   "C5'" "H5'"  sing N N 78  
C   "C5'" "H5''" sing N N 79  
C   "C4'" "O4'"  sing N N 80  
C   "C4'" "C3'"  sing N N 81  
C   "C4'" "H4'"  sing N N 82  
C   "O4'" "C1'"  sing N N 83  
C   "C3'" "O3'"  sing N N 84  
C   "C3'" "C2'"  sing N N 85  
C   "C3'" "H3'"  sing N N 86  
C   "O3'" "HO3'" sing N N 87  
C   "C2'" "O2'"  sing N N 88  
C   "C2'" "C1'"  sing N N 89  
C   "C2'" "H2'"  sing N N 90  
C   "O2'" "HO2'" sing N N 91  
C   "C1'" N1     sing N N 92  
C   "C1'" "H1'"  sing N N 93  
C   N1    C2     sing N N 94  
C   N1    C6     sing N N 95  
C   C2    O2     doub N N 96  
C   C2    N3     sing N N 97  
C   N3    C4     doub N N 98  
C   C4    N4     sing N N 99  
C   C4    C5     sing N N 100 
C   N4    H41    sing N N 101 
C   N4    H42    sing N N 102 
C   C5    C6     doub N N 103 
C   C5    H5     sing N N 104 
C   C6    H6     sing N N 105 
GLN N     CA     sing N N 106 
GLN N     H      sing N N 107 
GLN N     H2     sing N N 108 
GLN CA    C      sing N N 109 
GLN CA    CB     sing N N 110 
GLN CA    HA     sing N N 111 
GLN C     O      doub N N 112 
GLN C     OXT    sing N N 113 
GLN CB    CG     sing N N 114 
GLN CB    HB2    sing N N 115 
GLN CB    HB3    sing N N 116 
GLN CG    CD     sing N N 117 
GLN CG    HG2    sing N N 118 
GLN CG    HG3    sing N N 119 
GLN CD    OE1    doub N N 120 
GLN CD    NE2    sing N N 121 
GLN NE2   HE21   sing N N 122 
GLN NE2   HE22   sing N N 123 
GLN OXT   HXT    sing N N 124 
GLU N     CA     sing N N 125 
GLU N     H      sing N N 126 
GLU N     H2     sing N N 127 
GLU CA    C      sing N N 128 
GLU CA    CB     sing N N 129 
GLU CA    HA     sing N N 130 
GLU C     O      doub N N 131 
GLU C     OXT    sing N N 132 
GLU CB    CG     sing N N 133 
GLU CB    HB2    sing N N 134 
GLU CB    HB3    sing N N 135 
GLU CG    CD     sing N N 136 
GLU CG    HG2    sing N N 137 
GLU CG    HG3    sing N N 138 
GLU CD    OE1    doub N N 139 
GLU CD    OE2    sing N N 140 
GLU OE2   HE2    sing N N 141 
GLU OXT   HXT    sing N N 142 
GLY N     CA     sing N N 143 
GLY N     H      sing N N 144 
GLY N     H2     sing N N 145 
GLY CA    C      sing N N 146 
GLY CA    HA2    sing N N 147 
GLY CA    HA3    sing N N 148 
GLY C     O      doub N N 149 
GLY C     OXT    sing N N 150 
GLY OXT   HXT    sing N N 151 
HIS N     CA     sing N N 152 
HIS N     H      sing N N 153 
HIS N     H2     sing N N 154 
HIS CA    C      sing N N 155 
HIS CA    CB     sing N N 156 
HIS CA    HA     sing N N 157 
HIS C     O      doub N N 158 
HIS C     OXT    sing N N 159 
HIS CB    CG     sing N N 160 
HIS CB    HB2    sing N N 161 
HIS CB    HB3    sing N N 162 
HIS CG    ND1    sing Y N 163 
HIS CG    CD2    doub Y N 164 
HIS ND1   CE1    doub Y N 165 
HIS ND1   HD1    sing N N 166 
HIS CD2   NE2    sing Y N 167 
HIS CD2   HD2    sing N N 168 
HIS CE1   NE2    sing Y N 169 
HIS CE1   HE1    sing N N 170 
HIS NE2   HE2    sing N N 171 
HIS OXT   HXT    sing N N 172 
HOH O     H1     sing N N 173 
HOH O     H2     sing N N 174 
ILE N     CA     sing N N 175 
ILE N     H      sing N N 176 
ILE N     H2     sing N N 177 
ILE CA    C      sing N N 178 
ILE CA    CB     sing N N 179 
ILE CA    HA     sing N N 180 
ILE C     O      doub N N 181 
ILE C     OXT    sing N N 182 
ILE CB    CG1    sing N N 183 
ILE CB    CG2    sing N N 184 
ILE CB    HB     sing N N 185 
ILE CG1   CD1    sing N N 186 
ILE CG1   HG12   sing N N 187 
ILE CG1   HG13   sing N N 188 
ILE CG2   HG21   sing N N 189 
ILE CG2   HG22   sing N N 190 
ILE CG2   HG23   sing N N 191 
ILE CD1   HD11   sing N N 192 
ILE CD1   HD12   sing N N 193 
ILE CD1   HD13   sing N N 194 
ILE OXT   HXT    sing N N 195 
LEU N     CA     sing N N 196 
LEU N     H      sing N N 197 
LEU N     H2     sing N N 198 
LEU CA    C      sing N N 199 
LEU CA    CB     sing N N 200 
LEU CA    HA     sing N N 201 
LEU C     O      doub N N 202 
LEU C     OXT    sing N N 203 
LEU CB    CG     sing N N 204 
LEU CB    HB2    sing N N 205 
LEU CB    HB3    sing N N 206 
LEU CG    CD1    sing N N 207 
LEU CG    CD2    sing N N 208 
LEU CG    HG     sing N N 209 
LEU CD1   HD11   sing N N 210 
LEU CD1   HD12   sing N N 211 
LEU CD1   HD13   sing N N 212 
LEU CD2   HD21   sing N N 213 
LEU CD2   HD22   sing N N 214 
LEU CD2   HD23   sing N N 215 
LEU OXT   HXT    sing N N 216 
LYS N     CA     sing N N 217 
LYS N     H      sing N N 218 
LYS N     H2     sing N N 219 
LYS CA    C      sing N N 220 
LYS CA    CB     sing N N 221 
LYS CA    HA     sing N N 222 
LYS C     O      doub N N 223 
LYS C     OXT    sing N N 224 
LYS CB    CG     sing N N 225 
LYS CB    HB2    sing N N 226 
LYS CB    HB3    sing N N 227 
LYS CG    CD     sing N N 228 
LYS CG    HG2    sing N N 229 
LYS CG    HG3    sing N N 230 
LYS CD    CE     sing N N 231 
LYS CD    HD2    sing N N 232 
LYS CD    HD3    sing N N 233 
LYS CE    NZ     sing N N 234 
LYS CE    HE2    sing N N 235 
LYS CE    HE3    sing N N 236 
LYS NZ    HZ1    sing N N 237 
LYS NZ    HZ2    sing N N 238 
LYS NZ    HZ3    sing N N 239 
LYS OXT   HXT    sing N N 240 
PHE N     CA     sing N N 241 
PHE N     H      sing N N 242 
PHE N     H2     sing N N 243 
PHE CA    C      sing N N 244 
PHE CA    CB     sing N N 245 
PHE CA    HA     sing N N 246 
PHE C     O      doub N N 247 
PHE C     OXT    sing N N 248 
PHE CB    CG     sing N N 249 
PHE CB    HB2    sing N N 250 
PHE CB    HB3    sing N N 251 
PHE CG    CD1    doub Y N 252 
PHE CG    CD2    sing Y N 253 
PHE CD1   CE1    sing Y N 254 
PHE CD1   HD1    sing N N 255 
PHE CD2   CE2    doub Y N 256 
PHE CD2   HD2    sing N N 257 
PHE CE1   CZ     doub Y N 258 
PHE CE1   HE1    sing N N 259 
PHE CE2   CZ     sing Y N 260 
PHE CE2   HE2    sing N N 261 
PHE CZ    HZ     sing N N 262 
PHE OXT   HXT    sing N N 263 
PRO N     CA     sing N N 264 
PRO N     CD     sing N N 265 
PRO N     H      sing N N 266 
PRO CA    C      sing N N 267 
PRO CA    CB     sing N N 268 
PRO CA    HA     sing N N 269 
PRO C     O      doub N N 270 
PRO C     OXT    sing N N 271 
PRO CB    CG     sing N N 272 
PRO CB    HB2    sing N N 273 
PRO CB    HB3    sing N N 274 
PRO CG    CD     sing N N 275 
PRO CG    HG2    sing N N 276 
PRO CG    HG3    sing N N 277 
PRO CD    HD2    sing N N 278 
PRO CD    HD3    sing N N 279 
PRO OXT   HXT    sing N N 280 
SER N     CA     sing N N 281 
SER N     H      sing N N 282 
SER N     H2     sing N N 283 
SER CA    C      sing N N 284 
SER CA    CB     sing N N 285 
SER CA    HA     sing N N 286 
SER C     O      doub N N 287 
SER C     OXT    sing N N 288 
SER CB    OG     sing N N 289 
SER CB    HB2    sing N N 290 
SER CB    HB3    sing N N 291 
SER OG    HG     sing N N 292 
SER OXT   HXT    sing N N 293 
SO4 S     O1     doub N N 294 
SO4 S     O2     doub N N 295 
SO4 S     O3     sing N N 296 
SO4 S     O4     sing N N 297 
THR N     CA     sing N N 298 
THR N     H      sing N N 299 
THR N     H2     sing N N 300 
THR CA    C      sing N N 301 
THR CA    CB     sing N N 302 
THR CA    HA     sing N N 303 
THR C     O      doub N N 304 
THR C     OXT    sing N N 305 
THR CB    OG1    sing N N 306 
THR CB    CG2    sing N N 307 
THR CB    HB     sing N N 308 
THR OG1   HG1    sing N N 309 
THR CG2   HG21   sing N N 310 
THR CG2   HG22   sing N N 311 
THR CG2   HG23   sing N N 312 
THR OXT   HXT    sing N N 313 
TRP N     CA     sing N N 314 
TRP N     H      sing N N 315 
TRP N     H2     sing N N 316 
TRP CA    C      sing N N 317 
TRP CA    CB     sing N N 318 
TRP CA    HA     sing N N 319 
TRP C     O      doub N N 320 
TRP C     OXT    sing N N 321 
TRP CB    CG     sing N N 322 
TRP CB    HB2    sing N N 323 
TRP CB    HB3    sing N N 324 
TRP CG    CD1    doub Y N 325 
TRP CG    CD2    sing Y N 326 
TRP CD1   NE1    sing Y N 327 
TRP CD1   HD1    sing N N 328 
TRP CD2   CE2    doub Y N 329 
TRP CD2   CE3    sing Y N 330 
TRP NE1   CE2    sing Y N 331 
TRP NE1   HE1    sing N N 332 
TRP CE2   CZ2    sing Y N 333 
TRP CE3   CZ3    doub Y N 334 
TRP CE3   HE3    sing N N 335 
TRP CZ2   CH2    doub Y N 336 
TRP CZ2   HZ2    sing N N 337 
TRP CZ3   CH2    sing Y N 338 
TRP CZ3   HZ3    sing N N 339 
TRP CH2   HH2    sing N N 340 
TRP OXT   HXT    sing N N 341 
TYR N     CA     sing N N 342 
TYR N     H      sing N N 343 
TYR N     H2     sing N N 344 
TYR CA    C      sing N N 345 
TYR CA    CB     sing N N 346 
TYR CA    HA     sing N N 347 
TYR C     O      doub N N 348 
TYR C     OXT    sing N N 349 
TYR CB    CG     sing N N 350 
TYR CB    HB2    sing N N 351 
TYR CB    HB3    sing N N 352 
TYR CG    CD1    doub Y N 353 
TYR CG    CD2    sing Y N 354 
TYR CD1   CE1    sing Y N 355 
TYR CD1   HD1    sing N N 356 
TYR CD2   CE2    doub Y N 357 
TYR CD2   HD2    sing N N 358 
TYR CE1   CZ     doub Y N 359 
TYR CE1   HE1    sing N N 360 
TYR CE2   CZ     sing Y N 361 
TYR CE2   HE2    sing N N 362 
TYR CZ    OH     sing N N 363 
TYR OH    HH     sing N N 364 
TYR OXT   HXT    sing N N 365 
U   OP3   P      sing N N 366 
U   OP3   HOP3   sing N N 367 
U   P     OP1    doub N N 368 
U   P     OP2    sing N N 369 
U   P     "O5'"  sing N N 370 
U   OP2   HOP2   sing N N 371 
U   "O5'" "C5'"  sing N N 372 
U   "C5'" "C4'"  sing N N 373 
U   "C5'" "H5'"  sing N N 374 
U   "C5'" "H5''" sing N N 375 
U   "C4'" "O4'"  sing N N 376 
U   "C4'" "C3'"  sing N N 377 
U   "C4'" "H4'"  sing N N 378 
U   "O4'" "C1'"  sing N N 379 
U   "C3'" "O3'"  sing N N 380 
U   "C3'" "C2'"  sing N N 381 
U   "C3'" "H3'"  sing N N 382 
U   "O3'" "HO3'" sing N N 383 
U   "C2'" "O2'"  sing N N 384 
U   "C2'" "C1'"  sing N N 385 
U   "C2'" "H2'"  sing N N 386 
U   "O2'" "HO2'" sing N N 387 
U   "C1'" N1     sing N N 388 
U   "C1'" "H1'"  sing N N 389 
U   N1    C2     sing N N 390 
U   N1    C6     sing N N 391 
U   C2    O2     doub N N 392 
U   C2    N3     sing N N 393 
U   N3    C4     sing N N 394 
U   N3    H3     sing N N 395 
U   C4    O4     doub N N 396 
U   C4    C5     sing N N 397 
U   C5    C6     doub N N 398 
U   C5    H5     sing N N 399 
U   C6    H6     sing N N 400 
VAL N     CA     sing N N 401 
VAL N     H      sing N N 402 
VAL N     H2     sing N N 403 
VAL CA    C      sing N N 404 
VAL CA    CB     sing N N 405 
VAL CA    HA     sing N N 406 
VAL C     O      doub N N 407 
VAL C     OXT    sing N N 408 
VAL CB    CG1    sing N N 409 
VAL CB    CG2    sing N N 410 
VAL CB    HB     sing N N 411 
VAL CG1   HG11   sing N N 412 
VAL CG1   HG12   sing N N 413 
VAL CG1   HG13   sing N N 414 
VAL CG2   HG21   sing N N 415 
VAL CG2   HG22   sing N N 416 
VAL CG2   HG23   sing N N 417 
VAL OXT   HXT    sing N N 418 
# 
loop_
_pdbx_audit_support.funding_organization 
_pdbx_audit_support.country 
_pdbx_audit_support.grant_number 
_pdbx_audit_support.ordinal 
'National Natural Science Foundation of China'                           China 91640102    1 
'Strategic Priority Research Program of the Chinese Academy of Sciences' China XDB08010202 2 
# 
loop_
_pdbx_entity_nonpoly.entity_id 
_pdbx_entity_nonpoly.name 
_pdbx_entity_nonpoly.comp_id 
3 'SULFATE ION' SO4 
4 water         HOH 
# 
_pdbx_initial_refinement_model.id               1 
_pdbx_initial_refinement_model.entity_id_list   ? 
_pdbx_initial_refinement_model.type             'experimental model' 
_pdbx_initial_refinement_model.source_name      PDB 
_pdbx_initial_refinement_model.accession_code   3PF5 
_pdbx_initial_refinement_model.details          ? 
# 
_pdbx_struct_assembly_auth_evidence.id                     1 
_pdbx_struct_assembly_auth_evidence.assembly_id            1 
_pdbx_struct_assembly_auth_evidence.experimental_support   immunoprecipitation 
_pdbx_struct_assembly_auth_evidence.details                'YB-1 can form homodimer  in vivo' 
# 
